data_8KE7
#
_entry.id   8KE7
#
_cell.length_a   100.719
_cell.length_b   113.708
_cell.length_c   209.267
_cell.angle_alpha   90.000
_cell.angle_beta   90.000
_cell.angle_gamma   90.000
#
_symmetry.space_group_name_H-M   'P 21 21 21'
#
loop_
_entity.id
_entity.type
_entity.pdbx_description
1 polymer 'DNA topoisomerase 2-beta'
2 non-polymer 'ACETATE ION'
3 water water
#
_entity_poly.entity_id   1
_entity_poly.type   'polypeptide(L)'
_entity_poly.pdbx_seq_one_letter_code
;MASWSHPQFEKGADDDDKVPDPTSVDSVKYSKIKGIPKLDDANDAGGKHSLECTLILTEGDSAKSLAVSGLGVIGRDRYG
VFPLRGKILNVREASHKQIMENAEINNIIKIVGLQYKKSYDDAESLKTLRYGKIMIMTDQDQDGSHIKGLLINFIHHNWP
SLLKHGFLEEFITPIVKASKNKQELSFYSIPEFDEWKKHIENQKAWKIKYYKGLGTSTAKEAKEYFADMERHRILFRYAG
PEDDAAITLAFSKKKIDDRKEWLTNFMEDRRQRRLHGLPEQFLYGTATKHLTYNDFINKELILFSNSDNERSIPSLVDGF
KPGQRKVLFTCFKRNDKREVKVAQLAGSVAEMSAYHHGEQALMMTIVNLAQNFVGSNNINLLQPIGQFGTRLHGGKDAAS
PRYIFTMLSTLARLLFPAVDDNLLKFLYDDNQRVEPEWYIPIIPMVLINGAEGIGTGWACKLPNYDAREIVNNVRRMLDG
LDPHPMLPNYKNFKGTIQELGQNQYAVSGEIFVVDRNTVEITELPVRTWTQVYKEQVLEPMLNGTDKTPALISDYKEYHT
DTTVKFVVKMTEEKLAQAEAAGLHKVFKLQTTLTCNSMVLFDHMGCLKKYETVQDILKEFFDLRLSYYGLRKEWLVGMLG
AESTKLNNQARFILEKIQGKITIENRSKKDLIQMLVQRGYESDPVKAWKEAQEKAAEEDETQNQHDDSSSDSGTPSGPDF
NYILNMSLWSLTKEKVEELIKQRDAKGREVNDLKRKSPSDLWKEDLAAFVEELDKVESQEREDGAPGFSSISAHHHHHHH
HHH
;
_entity_poly.pdbx_strand_id   A,B
#
# COMPACT_ATOMS: atom_id res chain seq x y z
N SER A 31 10.81 -28.16 -39.40
CA SER A 31 9.61 -28.97 -39.27
C SER A 31 9.24 -29.17 -37.81
N LYS A 32 10.23 -29.54 -36.99
CA LYS A 32 10.06 -29.65 -35.54
C LYS A 32 11.03 -28.70 -34.86
N ILE A 33 10.50 -27.81 -34.03
CA ILE A 33 11.35 -26.87 -33.31
C ILE A 33 11.93 -27.57 -32.09
N LYS A 34 13.25 -27.56 -31.98
CA LYS A 34 13.96 -28.20 -30.87
C LYS A 34 14.68 -27.15 -30.03
N GLY A 35 14.63 -27.32 -28.72
CA GLY A 35 15.43 -26.51 -27.82
C GLY A 35 14.78 -25.23 -27.38
N ILE A 36 13.51 -25.02 -27.70
CA ILE A 36 12.77 -23.86 -27.19
C ILE A 36 11.66 -24.39 -26.28
N PRO A 37 11.88 -24.40 -24.97
CA PRO A 37 10.92 -25.07 -24.08
C PRO A 37 9.67 -24.23 -23.85
N LYS A 38 9.80 -22.92 -23.95
CA LYS A 38 8.68 -22.02 -23.70
C LYS A 38 7.72 -21.94 -24.88
N LEU A 39 8.01 -22.60 -26.01
CA LEU A 39 7.18 -22.51 -27.20
C LEU A 39 6.07 -23.56 -27.20
N ASP A 40 4.84 -23.11 -27.48
CA ASP A 40 3.74 -24.00 -27.84
C ASP A 40 3.63 -23.97 -29.36
N ASP A 41 4.52 -24.71 -30.01
CA ASP A 41 4.61 -24.67 -31.46
C ASP A 41 3.31 -25.19 -32.08
N ALA A 42 2.81 -24.45 -33.08
CA ALA A 42 1.60 -24.89 -33.77
C ALA A 42 1.87 -26.21 -34.47
N ASN A 43 0.88 -27.11 -34.42
CA ASN A 43 1.08 -28.45 -34.96
C ASN A 43 1.36 -28.42 -36.46
N ASP A 44 0.60 -27.61 -37.20
CA ASP A 44 0.77 -27.53 -38.64
C ASP A 44 1.90 -26.60 -39.05
N ALA A 45 2.62 -26.02 -38.09
CA ALA A 45 3.68 -25.07 -38.41
C ALA A 45 4.87 -25.79 -39.03
N GLY A 46 5.53 -25.11 -39.97
CA GLY A 46 6.65 -25.71 -40.66
C GLY A 46 6.28 -26.68 -41.74
N GLY A 47 5.01 -26.80 -42.09
CA GLY A 47 4.57 -27.76 -43.09
C GLY A 47 3.87 -27.16 -44.28
N LYS A 48 2.96 -27.92 -44.89
CA LYS A 48 2.25 -27.43 -46.07
C LYS A 48 1.47 -26.15 -45.81
N HIS A 49 0.99 -25.97 -44.57
CA HIS A 49 0.10 -24.86 -44.23
C HIS A 49 0.79 -23.77 -43.43
N SER A 50 2.12 -23.67 -43.52
CA SER A 50 2.84 -22.65 -42.78
C SER A 50 2.21 -21.26 -42.93
N LEU A 51 1.76 -20.93 -44.15
CA LEU A 51 1.18 -19.61 -44.36
C LEU A 51 -0.09 -19.39 -43.56
N GLU A 52 -0.87 -20.44 -43.32
CA GLU A 52 -2.13 -20.28 -42.60
C GLU A 52 -1.95 -20.37 -41.09
N CYS A 53 -0.72 -20.51 -40.61
CA CYS A 53 -0.42 -20.62 -39.20
C CYS A 53 0.03 -19.27 -38.65
N THR A 54 -0.33 -19.00 -37.40
CA THR A 54 -0.05 -17.72 -36.76
C THR A 54 0.74 -17.93 -35.48
N LEU A 55 1.83 -17.18 -35.34
CA LEU A 55 2.60 -17.18 -34.09
C LEU A 55 2.12 -16.01 -33.24
N ILE A 56 1.62 -16.33 -32.04
CA ILE A 56 1.13 -15.32 -31.11
C ILE A 56 2.25 -15.02 -30.12
N LEU A 57 2.80 -13.81 -30.21
CA LEU A 57 3.75 -13.33 -29.22
C LEU A 57 2.99 -12.61 -28.12
N THR A 58 3.22 -13.02 -26.87
CA THR A 58 2.47 -12.48 -25.75
C THR A 58 3.40 -11.72 -24.81
N GLU A 59 2.80 -10.77 -24.10
CA GLU A 59 3.49 -9.99 -23.07
C GLU A 59 3.56 -10.88 -21.84
N GLY A 60 4.60 -11.71 -21.78
CA GLY A 60 4.87 -12.53 -20.62
C GLY A 60 4.05 -13.82 -20.56
N ASP A 61 4.23 -14.53 -19.44
CA ASP A 61 3.61 -15.84 -19.25
C ASP A 61 2.12 -15.73 -18.93
N SER A 62 1.74 -14.69 -18.17
CA SER A 62 0.33 -14.53 -17.81
C SER A 62 -0.53 -14.39 -19.05
N ALA A 63 -0.09 -13.59 -20.01
CA ALA A 63 -0.80 -13.47 -21.28
C ALA A 63 -0.81 -14.78 -22.04
N LYS A 64 0.30 -15.51 -22.04
CA LYS A 64 0.33 -16.80 -22.73
C LYS A 64 -0.72 -17.74 -22.16
N SER A 65 -0.79 -17.84 -20.84
CA SER A 65 -1.79 -18.70 -20.22
C SER A 65 -3.19 -18.27 -20.65
N LEU A 66 -3.43 -16.96 -20.72
CA LEU A 66 -4.69 -16.48 -21.27
C LEU A 66 -4.92 -17.04 -22.67
N ALA A 67 -3.91 -16.93 -23.53
CA ALA A 67 -4.03 -17.45 -24.89
C ALA A 67 -4.21 -18.96 -24.89
N VAL A 68 -3.45 -19.67 -24.05
CA VAL A 68 -3.57 -21.13 -24.00
C VAL A 68 -5.01 -21.51 -23.67
N SER A 69 -5.62 -20.82 -22.70
CA SER A 69 -7.01 -21.10 -22.37
C SER A 69 -7.91 -20.96 -23.59
N GLY A 70 -7.70 -19.90 -24.37
CA GLY A 70 -8.59 -19.62 -25.49
C GLY A 70 -8.41 -20.56 -26.67
N LEU A 71 -7.17 -20.96 -26.95
CA LEU A 71 -6.96 -21.87 -28.07
C LEU A 71 -7.57 -23.24 -27.79
N GLY A 72 -7.65 -23.63 -26.52
CA GLY A 72 -8.16 -24.94 -26.20
C GLY A 72 -7.30 -26.01 -26.85
N VAL A 73 -7.94 -27.08 -27.30
CA VAL A 73 -7.19 -28.12 -27.99
C VAL A 73 -7.25 -27.91 -29.50
N ILE A 74 -8.42 -27.55 -30.04
CA ILE A 74 -8.56 -27.44 -31.48
C ILE A 74 -7.77 -26.28 -32.07
N GLY A 75 -7.30 -25.35 -31.24
CA GLY A 75 -6.56 -24.22 -31.75
C GLY A 75 -5.07 -24.42 -31.91
N ARG A 76 -4.53 -25.54 -31.43
CA ARG A 76 -3.09 -25.75 -31.49
C ARG A 76 -2.60 -26.15 -32.88
N ASP A 77 -3.51 -26.39 -33.82
CA ASP A 77 -3.09 -26.77 -35.17
C ASP A 77 -2.47 -25.59 -35.91
N ARG A 78 -3.14 -24.43 -35.90
CA ARG A 78 -2.76 -23.30 -36.72
C ARG A 78 -2.29 -22.09 -35.94
N TYR A 79 -2.19 -22.19 -34.62
CA TYR A 79 -1.74 -21.09 -33.79
C TYR A 79 -0.66 -21.60 -32.85
N GLY A 80 0.43 -20.85 -32.75
CA GLY A 80 1.46 -21.12 -31.77
C GLY A 80 1.59 -19.94 -30.82
N VAL A 81 2.04 -20.22 -29.61
CA VAL A 81 2.15 -19.22 -28.56
C VAL A 81 3.58 -19.23 -28.02
N PHE A 82 4.15 -18.04 -27.87
CA PHE A 82 5.48 -17.89 -27.31
C PHE A 82 5.54 -16.67 -26.41
N PRO A 83 5.98 -16.81 -25.17
CA PRO A 83 5.98 -15.67 -24.25
C PRO A 83 7.27 -14.87 -24.32
N LEU A 84 7.14 -13.55 -24.44
CA LEU A 84 8.29 -12.65 -24.48
C LEU A 84 8.67 -12.23 -23.06
N ARG A 85 9.95 -12.42 -22.73
CA ARG A 85 10.49 -11.91 -21.48
C ARG A 85 10.83 -10.43 -21.67
N GLY A 86 10.04 -9.55 -21.04
CA GLY A 86 10.34 -8.14 -21.10
C GLY A 86 10.16 -7.55 -22.49
N LYS A 87 11.11 -6.72 -22.89
CA LYS A 87 11.02 -5.95 -24.12
C LYS A 87 12.15 -6.32 -25.07
N ILE A 88 11.82 -6.35 -26.36
CA ILE A 88 12.80 -6.68 -27.38
C ILE A 88 13.85 -5.57 -27.48
N LEU A 89 15.06 -5.97 -27.89
CA LEU A 89 16.16 -5.02 -28.01
C LEU A 89 15.90 -4.03 -29.13
N ASN A 90 16.29 -2.78 -28.92
CA ASN A 90 16.17 -1.77 -29.98
C ASN A 90 17.32 -1.98 -30.96
N VAL A 91 17.11 -2.91 -31.89
CA VAL A 91 18.14 -3.29 -32.85
C VAL A 91 18.60 -2.12 -33.71
N ARG A 92 17.86 -1.01 -33.72
CA ARG A 92 18.26 0.13 -34.53
C ARG A 92 19.39 0.94 -33.90
N GLU A 93 19.70 0.71 -32.62
CA GLU A 93 20.76 1.42 -31.91
C GLU A 93 21.56 0.43 -31.07
N ALA A 94 21.99 -0.69 -31.66
CA ALA A 94 22.68 -1.72 -30.92
C ALA A 94 23.89 -2.22 -31.69
N SER A 95 24.82 -2.83 -30.96
CA SER A 95 26.02 -3.39 -31.56
C SER A 95 25.67 -4.70 -32.29
N HIS A 96 26.55 -5.09 -33.22
CA HIS A 96 26.36 -6.36 -33.89
C HIS A 96 26.42 -7.51 -32.89
N LYS A 97 27.33 -7.41 -31.91
CA LYS A 97 27.46 -8.46 -30.90
C LYS A 97 26.20 -8.57 -30.05
N GLN A 98 25.61 -7.43 -29.67
CA GLN A 98 24.40 -7.47 -28.85
C GLN A 98 23.25 -8.15 -29.60
N ILE A 99 23.10 -7.85 -30.89
CA ILE A 99 21.98 -8.39 -31.65
C ILE A 99 22.18 -9.86 -31.94
N MET A 100 23.42 -10.28 -32.24
CA MET A 100 23.66 -11.68 -32.53
C MET A 100 23.66 -12.54 -31.26
N GLU A 101 23.81 -11.93 -30.08
CA GLU A 101 23.81 -12.66 -28.83
C GLU A 101 22.42 -12.73 -28.18
N ASN A 102 21.64 -11.66 -28.27
CA ASN A 102 20.33 -11.59 -27.64
C ASN A 102 19.55 -12.89 -27.84
N ALA A 103 19.12 -13.49 -26.73
CA ALA A 103 18.48 -14.80 -26.80
C ALA A 103 17.05 -14.70 -27.30
N GLU A 104 16.29 -13.70 -26.83
CA GLU A 104 14.92 -13.55 -27.27
C GLU A 104 14.84 -13.38 -28.79
N ILE A 105 15.66 -12.50 -29.35
CA ILE A 105 15.60 -12.25 -30.79
C ILE A 105 15.92 -13.52 -31.57
N ASN A 106 17.02 -14.19 -31.21
CA ASN A 106 17.38 -15.41 -31.93
C ASN A 106 16.28 -16.46 -31.79
N ASN A 107 15.64 -16.52 -30.62
CA ASN A 107 14.52 -17.44 -30.44
C ASN A 107 13.37 -17.12 -31.38
N ILE A 108 12.99 -15.83 -31.48
CA ILE A 108 11.94 -15.44 -32.42
C ILE A 108 12.34 -15.88 -33.83
N ILE A 109 13.59 -15.61 -34.21
CA ILE A 109 14.06 -15.95 -35.54
C ILE A 109 13.90 -17.44 -35.81
N LYS A 110 14.36 -18.27 -34.86
CA LYS A 110 14.27 -19.71 -35.05
C LYS A 110 12.82 -20.18 -35.12
N ILE A 111 11.96 -19.65 -34.25
CA ILE A 111 10.57 -20.08 -34.21
C ILE A 111 9.89 -19.80 -35.55
N VAL A 112 10.15 -18.64 -36.13
CA VAL A 112 9.43 -18.23 -37.32
C VAL A 112 10.07 -18.76 -38.60
N GLY A 113 11.37 -19.03 -38.58
CA GLY A 113 12.09 -19.40 -39.79
C GLY A 113 12.77 -18.25 -40.49
N LEU A 114 12.85 -17.08 -39.85
CA LEU A 114 13.46 -15.91 -40.48
C LEU A 114 14.95 -16.13 -40.69
N GLN A 115 15.49 -15.45 -41.69
CA GLN A 115 16.91 -15.50 -41.99
C GLN A 115 17.39 -14.09 -42.35
N TYR A 116 18.50 -13.68 -41.74
CA TYR A 116 19.04 -12.35 -41.98
C TYR A 116 19.45 -12.16 -43.44
N LYS A 117 20.10 -13.18 -44.03
CA LYS A 117 20.63 -13.02 -45.38
C LYS A 117 19.52 -12.76 -46.39
N LYS A 118 18.30 -13.21 -46.09
CA LYS A 118 17.17 -13.00 -46.99
C LYS A 118 16.58 -11.60 -46.80
N SER A 119 15.71 -11.22 -47.73
CA SER A 119 15.00 -9.94 -47.67
C SER A 119 13.49 -10.07 -47.81
N TYR A 120 12.98 -11.18 -48.33
CA TYR A 120 11.54 -11.42 -48.42
C TYR A 120 10.84 -10.36 -49.27
N ASP A 121 11.57 -9.78 -50.23
CA ASP A 121 10.97 -8.81 -51.14
C ASP A 121 9.83 -9.43 -51.93
N ASP A 122 10.03 -10.66 -52.41
CA ASP A 122 9.02 -11.37 -53.17
C ASP A 122 8.03 -12.07 -52.25
N ALA A 123 6.74 -11.90 -52.51
CA ALA A 123 5.72 -12.51 -51.67
C ALA A 123 5.85 -14.04 -51.65
N GLU A 124 6.32 -14.63 -52.75
CA GLU A 124 6.47 -16.08 -52.81
C GLU A 124 7.47 -16.61 -51.79
N SER A 125 8.36 -15.76 -51.27
CA SER A 125 9.35 -16.23 -50.30
C SER A 125 8.73 -16.55 -48.95
N LEU A 126 7.51 -16.07 -48.68
CA LEU A 126 6.85 -16.37 -47.41
C LEU A 126 6.57 -17.85 -47.24
N LYS A 127 6.75 -18.66 -48.28
CA LYS A 127 6.66 -20.09 -48.11
C LYS A 127 7.85 -20.66 -47.35
N THR A 128 8.96 -19.93 -47.28
CA THR A 128 10.13 -20.43 -46.55
C THR A 128 9.99 -20.26 -45.05
N LEU A 129 8.96 -19.55 -44.60
CA LEU A 129 8.77 -19.24 -43.19
C LEU A 129 7.86 -20.27 -42.55
N ARG A 130 8.14 -20.57 -41.28
CA ARG A 130 7.34 -21.53 -40.54
C ARG A 130 5.97 -20.99 -40.17
N TYR A 131 5.79 -19.68 -40.13
CA TYR A 131 4.50 -19.06 -39.91
C TYR A 131 4.33 -17.93 -40.92
N GLY A 132 3.09 -17.72 -41.36
CA GLY A 132 2.79 -16.64 -42.27
C GLY A 132 2.42 -15.34 -41.61
N LYS A 133 2.15 -15.36 -40.30
CA LYS A 133 1.72 -14.16 -39.60
C LYS A 133 2.20 -14.23 -38.16
N ILE A 134 2.51 -13.07 -37.61
CA ILE A 134 2.83 -12.92 -36.20
C ILE A 134 1.77 -12.02 -35.58
N MET A 135 1.02 -12.57 -34.61
CA MET A 135 0.04 -11.80 -33.86
C MET A 135 0.64 -11.45 -32.51
N ILE A 136 0.82 -10.16 -32.25
CA ILE A 136 1.41 -9.69 -31.01
C ILE A 136 0.31 -9.41 -29.99
N MET A 137 0.43 -9.99 -28.81
CA MET A 137 -0.65 -9.95 -27.83
C MET A 137 -0.15 -9.27 -26.54
N THR A 138 -0.57 -8.03 -26.32
CA THR A 138 -0.10 -7.25 -25.18
C THR A 138 -1.28 -6.53 -24.53
N ASP A 139 -1.00 -5.93 -23.37
CA ASP A 139 -1.99 -5.07 -22.74
C ASP A 139 -2.24 -3.86 -23.60
N GLN A 140 -3.47 -3.34 -23.53
CA GLN A 140 -3.79 -2.06 -24.16
C GLN A 140 -3.41 -0.92 -23.22
N ASP A 141 -2.09 -0.76 -23.05
CA ASP A 141 -1.54 0.28 -22.19
C ASP A 141 -0.18 0.69 -22.75
N GLN A 142 0.47 1.65 -22.08
CA GLN A 142 1.71 2.22 -22.61
C GLN A 142 2.80 1.17 -22.73
N ASP A 143 3.00 0.35 -21.70
CA ASP A 143 4.07 -0.65 -21.75
C ASP A 143 3.81 -1.68 -22.85
N GLY A 144 2.56 -2.06 -23.04
CA GLY A 144 2.23 -2.94 -24.14
C GLY A 144 2.47 -2.28 -25.49
N SER A 145 2.05 -1.02 -25.61
CA SER A 145 2.38 -0.26 -26.81
C SER A 145 3.87 -0.30 -27.09
N HIS A 146 4.68 -0.09 -26.05
CA HIS A 146 6.13 -0.09 -26.23
C HIS A 146 6.62 -1.45 -26.72
N ILE A 147 6.09 -2.53 -26.13
CA ILE A 147 6.50 -3.87 -26.58
C ILE A 147 6.11 -4.08 -28.04
N LYS A 148 4.87 -3.72 -28.39
CA LYS A 148 4.45 -3.81 -29.78
C LYS A 148 5.35 -2.99 -30.70
N GLY A 149 5.71 -1.78 -30.28
CA GLY A 149 6.57 -0.95 -31.11
C GLY A 149 7.94 -1.57 -31.32
N LEU A 150 8.54 -2.09 -30.25
CA LEU A 150 9.87 -2.68 -30.37
C LEU A 150 9.83 -3.91 -31.28
N LEU A 151 8.70 -4.62 -31.31
CA LEU A 151 8.53 -5.75 -32.23
C LEU A 151 8.55 -5.25 -33.66
N ILE A 152 7.76 -4.22 -33.95
CA ILE A 152 7.70 -3.65 -35.28
C ILE A 152 9.05 -3.07 -35.69
N ASN A 153 9.68 -2.34 -34.78
CA ASN A 153 11.03 -1.83 -35.04
C ASN A 153 11.97 -2.94 -35.43
N PHE A 154 11.91 -4.08 -34.73
CA PHE A 154 12.75 -5.22 -35.05
C PHE A 154 12.48 -5.74 -36.46
N ILE A 155 11.20 -5.96 -36.80
CA ILE A 155 10.87 -6.52 -38.11
C ILE A 155 11.16 -5.51 -39.22
N HIS A 156 10.81 -4.24 -39.00
CA HIS A 156 11.03 -3.25 -40.05
C HIS A 156 12.51 -3.07 -40.34
N HIS A 157 13.34 -3.13 -39.30
CA HIS A 157 14.77 -2.87 -39.45
C HIS A 157 15.45 -3.93 -40.31
N ASN A 158 15.04 -5.19 -40.17
CA ASN A 158 15.71 -6.30 -40.83
C ASN A 158 15.03 -6.73 -42.12
N TRP A 159 13.70 -6.75 -42.13
CA TRP A 159 12.92 -7.22 -43.27
C TRP A 159 11.80 -6.24 -43.56
N PRO A 160 12.13 -5.05 -44.07
CA PRO A 160 11.06 -4.08 -44.39
C PRO A 160 10.00 -4.68 -45.29
N SER A 161 10.40 -5.57 -46.21
CA SER A 161 9.46 -6.16 -47.14
C SER A 161 8.35 -6.92 -46.42
N LEU A 162 8.65 -7.47 -45.24
CA LEU A 162 7.65 -8.22 -44.50
C LEU A 162 6.50 -7.32 -44.08
N LEU A 163 6.81 -6.09 -43.65
CA LEU A 163 5.75 -5.16 -43.25
C LEU A 163 4.77 -4.95 -44.39
N LYS A 164 5.25 -4.93 -45.63
CA LYS A 164 4.40 -4.63 -46.77
C LYS A 164 3.46 -5.77 -47.13
N HIS A 165 3.81 -7.01 -46.75
CA HIS A 165 3.00 -8.16 -47.10
C HIS A 165 1.93 -8.45 -46.06
N GLY A 166 1.82 -7.64 -45.01
CA GLY A 166 0.88 -7.91 -43.95
C GLY A 166 1.34 -8.94 -42.94
N PHE A 167 2.63 -8.96 -42.62
CA PHE A 167 3.16 -10.00 -41.74
C PHE A 167 2.67 -9.84 -40.30
N LEU A 168 2.30 -8.63 -39.90
CA LEU A 168 2.08 -8.32 -38.49
C LEU A 168 0.62 -7.96 -38.21
N GLU A 169 0.11 -8.46 -37.08
CA GLU A 169 -1.21 -8.13 -36.59
C GLU A 169 -1.20 -8.22 -35.07
N GLU A 170 -2.28 -7.75 -34.45
CA GLU A 170 -2.37 -7.70 -33.00
C GLU A 170 -3.73 -8.20 -32.52
N PHE A 171 -3.72 -8.79 -31.33
CA PHE A 171 -4.93 -9.29 -30.67
C PHE A 171 -5.42 -8.23 -29.68
N ILE A 172 -6.68 -7.83 -29.81
CA ILE A 172 -7.23 -6.76 -29.00
C ILE A 172 -8.53 -7.25 -28.38
N THR A 173 -8.60 -7.19 -27.06
CA THR A 173 -9.84 -7.53 -26.38
C THR A 173 -10.76 -6.32 -26.41
N PRO A 174 -12.05 -6.53 -26.15
CA PRO A 174 -12.90 -5.36 -25.94
C PRO A 174 -12.32 -4.52 -24.81
N ILE A 175 -12.60 -3.22 -24.84
CA ILE A 175 -12.02 -2.30 -23.85
C ILE A 175 -12.95 -2.10 -22.67
N VAL A 176 -14.23 -2.39 -22.82
CA VAL A 176 -15.21 -2.12 -21.79
C VAL A 176 -16.40 -3.05 -21.95
N LYS A 177 -16.90 -3.53 -20.82
CA LYS A 177 -18.10 -4.34 -20.74
C LYS A 177 -19.02 -3.71 -19.71
N ALA A 178 -20.32 -3.77 -19.98
CA ALA A 178 -21.33 -3.24 -19.08
C ALA A 178 -22.57 -4.11 -19.17
N SER A 179 -23.37 -4.08 -18.11
CA SER A 179 -24.52 -4.95 -17.99
C SER A 179 -25.81 -4.15 -17.93
N LYS A 180 -26.81 -4.62 -18.67
CA LYS A 180 -28.13 -4.02 -18.68
C LYS A 180 -29.15 -5.15 -18.68
N ASN A 181 -29.96 -5.22 -17.63
CA ASN A 181 -30.98 -6.26 -17.49
C ASN A 181 -30.35 -7.66 -17.48
N LYS A 182 -29.28 -7.81 -16.72
CA LYS A 182 -28.61 -9.09 -16.44
C LYS A 182 -27.87 -9.65 -17.65
N GLN A 183 -27.89 -8.98 -18.80
CA GLN A 183 -27.14 -9.38 -19.97
C GLN A 183 -25.93 -8.46 -20.16
N GLU A 184 -24.75 -9.07 -20.30
CA GLU A 184 -23.49 -8.34 -20.40
C GLU A 184 -23.14 -8.07 -21.86
N LEU A 185 -22.98 -6.79 -22.20
CA LEU A 185 -22.57 -6.33 -23.53
C LEU A 185 -21.12 -5.89 -23.54
N SER A 186 -20.45 -6.08 -24.67
CA SER A 186 -19.06 -5.71 -24.85
C SER A 186 -18.91 -4.59 -25.87
N PHE A 187 -17.91 -3.73 -25.64
CA PHE A 187 -17.64 -2.57 -26.49
C PHE A 187 -16.16 -2.54 -26.85
N TYR A 188 -15.88 -2.23 -28.11
CA TYR A 188 -14.51 -2.33 -28.61
C TYR A 188 -13.84 -0.97 -28.77
N SER A 189 -14.52 0.11 -28.43
CA SER A 189 -13.94 1.45 -28.38
C SER A 189 -14.68 2.25 -27.33
N ILE A 190 -14.00 3.25 -26.75
CA ILE A 190 -14.68 4.17 -25.85
C ILE A 190 -15.79 4.93 -26.55
N PRO A 191 -15.58 5.53 -27.73
CA PRO A 191 -16.71 6.20 -28.41
C PRO A 191 -17.94 5.31 -28.54
N GLU A 192 -17.77 4.06 -28.97
CA GLU A 192 -18.92 3.17 -29.11
C GLU A 192 -19.65 3.00 -27.79
N PHE A 193 -18.91 2.85 -26.70
CA PHE A 193 -19.52 2.78 -25.38
C PHE A 193 -20.27 4.06 -25.04
N ASP A 194 -19.65 5.22 -25.30
CA ASP A 194 -20.28 6.49 -24.97
C ASP A 194 -21.58 6.69 -25.73
N GLU A 195 -21.65 6.21 -26.98
CA GLU A 195 -22.90 6.29 -27.74
C GLU A 195 -23.98 5.44 -27.09
N TRP A 196 -23.69 4.17 -26.84
CA TRP A 196 -24.69 3.25 -26.27
C TRP A 196 -25.18 3.78 -24.93
N LYS A 197 -24.32 4.49 -24.21
CA LYS A 197 -24.63 5.05 -22.90
C LYS A 197 -25.46 6.34 -23.00
N LYS A 198 -25.60 6.90 -24.21
CA LYS A 198 -26.43 8.08 -24.42
C LYS A 198 -27.91 7.71 -24.53
N HIS A 199 -28.22 6.57 -25.14
CA HIS A 199 -29.60 6.10 -25.23
C HIS A 199 -30.20 5.88 -23.84
N ILE A 200 -31.44 6.34 -23.67
CA ILE A 200 -32.08 6.33 -22.34
C ILE A 200 -32.34 4.91 -21.86
N GLU A 201 -32.85 4.04 -22.75
CA GLU A 201 -33.17 2.65 -22.42
C GLU A 201 -32.03 1.95 -21.71
N ASN A 202 -30.84 2.49 -21.88
CA ASN A 202 -29.52 1.94 -21.67
C ASN A 202 -28.67 2.90 -20.85
N GLN A 203 -29.28 3.45 -19.80
CA GLN A 203 -28.68 4.35 -18.84
C GLN A 203 -28.52 3.73 -17.46
N LYS A 204 -29.10 2.55 -17.23
CA LYS A 204 -28.91 1.79 -16.01
C LYS A 204 -27.70 0.89 -16.07
N ALA A 205 -26.68 1.26 -16.85
CA ALA A 205 -25.48 0.46 -16.96
C ALA A 205 -24.94 0.13 -15.58
N TRP A 206 -24.81 -1.17 -15.30
CA TRP A 206 -24.33 -1.66 -14.02
C TRP A 206 -23.20 -2.63 -14.27
N LYS A 207 -22.34 -2.79 -13.25
CA LYS A 207 -21.19 -3.70 -13.35
C LYS A 207 -20.33 -3.34 -14.55
N ILE A 208 -19.93 -2.06 -14.62
CA ILE A 208 -19.04 -1.57 -15.67
C ILE A 208 -17.60 -1.94 -15.31
N LYS A 209 -16.90 -2.59 -16.25
CA LYS A 209 -15.50 -2.91 -16.05
C LYS A 209 -14.71 -2.60 -17.32
N TYR A 210 -13.48 -2.12 -17.14
CA TYR A 210 -12.60 -1.86 -18.26
C TYR A 210 -11.60 -3.00 -18.42
N TYR A 211 -11.37 -3.38 -19.67
CA TYR A 211 -10.59 -4.57 -20.02
C TYR A 211 -9.33 -4.19 -20.79
N LYS A 212 -8.69 -3.09 -20.42
CA LYS A 212 -7.44 -2.71 -21.06
C LYS A 212 -6.37 -3.77 -20.83
N GLY A 213 -6.23 -4.24 -19.59
CA GLY A 213 -5.25 -5.27 -19.29
C GLY A 213 -5.77 -6.65 -19.66
N LEU A 214 -4.86 -7.48 -20.20
CA LEU A 214 -5.22 -8.84 -20.55
C LEU A 214 -5.65 -9.63 -19.32
N GLY A 215 -4.87 -9.52 -18.24
CA GLY A 215 -5.13 -10.29 -17.03
C GLY A 215 -6.46 -9.99 -16.37
N THR A 216 -7.15 -8.92 -16.79
CA THR A 216 -8.48 -8.66 -16.26
C THR A 216 -9.48 -9.71 -16.74
N SER A 217 -9.24 -10.29 -17.92
CA SER A 217 -10.13 -11.29 -18.47
C SER A 217 -9.87 -12.67 -17.87
N THR A 218 -10.94 -13.42 -17.62
CA THR A 218 -10.83 -14.79 -17.14
C THR A 218 -10.56 -15.75 -18.30
N ALA A 219 -10.13 -16.96 -17.94
CA ALA A 219 -10.02 -18.01 -18.95
C ALA A 219 -11.32 -18.19 -19.70
N LYS A 220 -12.45 -18.07 -18.99
CA LYS A 220 -13.75 -18.17 -19.65
C LYS A 220 -13.89 -17.08 -20.71
N GLU A 221 -13.55 -15.83 -20.37
CA GLU A 221 -13.63 -14.76 -21.35
C GLU A 221 -12.63 -14.98 -22.48
N ALA A 222 -11.43 -15.45 -22.15
CA ALA A 222 -10.44 -15.72 -23.20
C ALA A 222 -10.97 -16.73 -24.20
N LYS A 223 -11.74 -17.72 -23.74
CA LYS A 223 -12.33 -18.68 -24.66
C LYS A 223 -13.36 -18.00 -25.57
N GLU A 224 -14.11 -17.04 -25.03
CA GLU A 224 -15.08 -16.32 -25.86
C GLU A 224 -14.40 -15.49 -26.94
N TYR A 225 -13.29 -14.81 -26.61
CA TYR A 225 -12.57 -14.05 -27.63
C TYR A 225 -12.05 -14.98 -28.72
N PHE A 226 -11.33 -16.03 -28.32
CA PHE A 226 -10.67 -16.90 -29.29
C PHE A 226 -11.67 -17.72 -30.10
N ALA A 227 -12.90 -17.85 -29.63
CA ALA A 227 -13.93 -18.45 -30.45
C ALA A 227 -14.23 -17.58 -31.66
N ASP A 228 -14.41 -16.29 -31.43
CA ASP A 228 -14.60 -15.29 -32.50
C ASP A 228 -13.27 -14.58 -32.79
N MET A 229 -12.25 -15.31 -33.25
CA MET A 229 -10.92 -14.68 -33.34
C MET A 229 -10.95 -13.41 -34.17
N GLU A 230 -11.77 -13.38 -35.23
CA GLU A 230 -11.65 -12.29 -36.19
C GLU A 230 -12.05 -10.96 -35.59
N ARG A 231 -12.96 -10.94 -34.64
CA ARG A 231 -13.37 -9.69 -34.02
C ARG A 231 -12.33 -9.10 -33.08
N HIS A 232 -11.25 -9.84 -32.82
CA HIS A 232 -10.18 -9.37 -31.96
C HIS A 232 -8.87 -9.30 -32.72
N ARG A 233 -8.94 -9.46 -34.04
CA ARG A 233 -7.79 -9.41 -34.93
C ARG A 233 -7.72 -8.03 -35.56
N ILE A 234 -6.57 -7.38 -35.45
CA ILE A 234 -6.32 -6.09 -36.07
C ILE A 234 -5.05 -6.18 -36.90
N LEU A 235 -5.10 -5.68 -38.12
CA LEU A 235 -4.06 -5.88 -39.12
C LEU A 235 -3.23 -4.60 -39.25
N PHE A 236 -1.90 -4.74 -39.13
CA PHE A 236 -0.97 -3.63 -39.31
C PHE A 236 -0.65 -3.49 -40.80
N ARG A 237 -1.08 -2.40 -41.42
CA ARG A 237 -0.85 -2.23 -42.85
C ARG A 237 0.22 -1.18 -43.08
N TYR A 238 1.20 -1.53 -43.91
CA TYR A 238 2.19 -0.57 -44.38
C TYR A 238 1.51 0.43 -45.28
N ALA A 239 1.62 1.71 -44.96
CA ALA A 239 0.87 2.76 -45.62
C ALA A 239 1.72 3.62 -46.54
N GLY A 240 3.03 3.41 -46.59
CA GLY A 240 3.89 4.13 -47.50
C GLY A 240 5.17 4.57 -46.83
N PRO A 241 5.90 5.48 -47.47
CA PRO A 241 7.12 6.02 -46.83
C PRO A 241 6.80 6.73 -45.54
N GLU A 242 5.57 7.24 -45.41
CA GLU A 242 5.16 7.92 -44.19
C GLU A 242 5.33 7.03 -42.97
N ASP A 243 5.17 5.71 -43.15
CA ASP A 243 5.34 4.78 -42.05
C ASP A 243 6.81 4.60 -41.67
N ASP A 244 7.70 4.57 -42.66
CA ASP A 244 9.12 4.41 -42.38
C ASP A 244 9.63 5.57 -41.54
N ALA A 245 9.22 6.79 -41.87
CA ALA A 245 9.62 7.93 -41.07
C ALA A 245 9.16 7.78 -39.63
N ALA A 246 7.93 7.32 -39.43
CA ALA A 246 7.40 7.17 -38.08
C ALA A 246 8.19 6.14 -37.26
N ILE A 247 8.41 4.95 -37.84
CA ILE A 247 9.12 3.92 -37.09
C ILE A 247 10.54 4.36 -36.76
N THR A 248 11.24 4.97 -37.73
CA THR A 248 12.60 5.42 -37.45
C THR A 248 12.60 6.60 -36.48
N LEU A 249 11.58 7.47 -36.56
CA LEU A 249 11.50 8.57 -35.61
C LEU A 249 11.38 8.07 -34.19
N ALA A 250 10.57 7.03 -33.97
CA ALA A 250 10.29 6.58 -32.62
C ALA A 250 11.47 5.88 -31.97
N PHE A 251 12.36 5.27 -32.77
CA PHE A 251 13.37 4.38 -32.24
C PHE A 251 14.80 4.76 -32.61
N SER A 252 15.01 5.69 -33.54
CA SER A 252 16.35 5.97 -34.04
C SER A 252 17.19 6.71 -33.01
N LYS A 253 18.46 6.32 -32.93
CA LYS A 253 19.42 6.99 -32.05
C LYS A 253 19.66 8.43 -32.49
N LYS A 254 19.81 8.66 -33.78
CA LYS A 254 20.09 10.00 -34.31
C LYS A 254 18.83 10.77 -34.64
N LYS A 255 17.88 10.80 -33.70
CA LYS A 255 16.68 11.61 -33.87
C LYS A 255 16.24 12.26 -32.57
N ILE A 256 17.20 12.65 -31.73
CA ILE A 256 16.87 13.18 -30.40
C ILE A 256 16.04 14.44 -30.54
N ASP A 257 16.49 15.38 -31.37
CA ASP A 257 15.80 16.66 -31.48
C ASP A 257 14.44 16.52 -32.17
N ASP A 258 14.35 15.66 -33.18
CA ASP A 258 13.08 15.46 -33.88
C ASP A 258 12.01 14.88 -32.96
N ARG A 259 12.40 13.99 -32.03
CA ARG A 259 11.43 13.47 -31.09
C ARG A 259 10.80 14.59 -30.26
N LYS A 260 11.61 15.61 -29.92
CA LYS A 260 11.07 16.75 -29.18
C LYS A 260 10.02 17.51 -29.98
N GLU A 261 10.26 17.71 -31.28
CA GLU A 261 9.24 18.35 -32.12
C GLU A 261 7.97 17.53 -32.08
N TRP A 262 8.12 16.22 -32.25
CA TRP A 262 7.01 15.29 -32.33
C TRP A 262 6.18 15.31 -31.05
N LEU A 263 6.86 15.29 -29.89
CA LEU A 263 6.14 15.40 -28.62
C LEU A 263 5.52 16.79 -28.47
N THR A 264 6.24 17.83 -28.89
CA THR A 264 5.70 19.18 -28.79
C THR A 264 4.43 19.34 -29.62
N ASN A 265 4.43 18.83 -30.84
CA ASN A 265 3.24 18.96 -31.69
C ASN A 265 2.09 18.12 -31.15
N PHE A 266 2.40 16.96 -30.57
CA PHE A 266 1.35 16.14 -29.97
C PHE A 266 0.65 16.91 -28.85
N MET A 267 1.40 17.71 -28.10
CA MET A 267 0.82 18.43 -26.97
C MET A 267 0.02 19.64 -27.43
N GLU A 268 0.46 20.32 -28.48
CA GLU A 268 -0.36 21.39 -29.05
C GLU A 268 -1.65 20.83 -29.65
N ASP A 269 -1.56 19.68 -30.33
CA ASP A 269 -2.74 19.06 -30.89
C ASP A 269 -3.73 18.66 -29.80
N ARG A 270 -3.22 18.12 -28.69
CA ARG A 270 -4.10 17.82 -27.56
C ARG A 270 -4.69 19.08 -26.96
N ARG A 271 -3.87 20.13 -26.80
CA ARG A 271 -4.38 21.41 -26.32
C ARG A 271 -5.51 21.92 -27.22
N GLN A 272 -5.26 21.99 -28.52
CA GLN A 272 -6.27 22.52 -29.44
C GLN A 272 -7.54 21.66 -29.44
N ARG A 273 -7.38 20.34 -29.53
CA ARG A 273 -8.55 19.47 -29.51
C ARG A 273 -9.38 19.70 -28.26
N ARG A 274 -8.72 19.79 -27.11
CA ARG A 274 -9.43 19.99 -25.85
C ARG A 274 -10.09 21.37 -25.80
N LEU A 275 -9.42 22.39 -26.33
CA LEU A 275 -10.01 23.73 -26.33
C LEU A 275 -11.27 23.78 -27.20
N HIS A 276 -11.25 23.07 -28.33
CA HIS A 276 -12.38 23.04 -29.26
C HIS A 276 -13.41 21.97 -28.94
N GLY A 277 -13.26 21.25 -27.83
CA GLY A 277 -14.24 20.24 -27.43
C GLY A 277 -14.21 18.93 -28.16
N LEU A 278 -13.15 18.63 -28.90
CA LEU A 278 -13.07 17.40 -29.68
C LEU A 278 -12.69 16.23 -28.77
N PRO A 279 -12.84 14.99 -29.25
CA PRO A 279 -12.47 13.83 -28.43
C PRO A 279 -10.96 13.70 -28.33
N GLU A 280 -10.48 12.69 -27.61
CA GLU A 280 -9.04 12.46 -27.57
C GLU A 280 -8.65 11.62 -28.77
N GLN A 281 -7.40 11.77 -29.20
CA GLN A 281 -6.95 11.14 -30.44
C GLN A 281 -7.10 9.63 -30.37
N PHE A 282 -6.60 9.02 -29.30
CA PHE A 282 -6.50 7.57 -29.18
C PHE A 282 -6.95 7.18 -27.78
N LEU A 283 -7.73 6.10 -27.69
CA LEU A 283 -8.27 5.68 -26.40
C LEU A 283 -8.08 4.18 -26.16
N TYR A 284 -7.18 3.55 -26.91
CA TYR A 284 -6.79 2.16 -26.69
C TYR A 284 -7.88 1.16 -27.11
N GLY A 285 -8.74 1.54 -28.06
CA GLY A 285 -9.62 0.58 -28.66
C GLY A 285 -9.46 0.51 -30.17
N THR A 286 -9.89 -0.59 -30.77
CA THR A 286 -9.94 -0.64 -32.23
C THR A 286 -11.01 0.31 -32.74
N ALA A 287 -10.64 1.13 -33.73
CA ALA A 287 -11.62 1.93 -34.47
C ALA A 287 -11.93 1.33 -35.83
N THR A 288 -10.99 0.56 -36.38
CA THR A 288 -11.09 0.01 -37.72
C THR A 288 -10.37 -1.34 -37.74
N LYS A 289 -10.67 -2.14 -38.76
CA LYS A 289 -10.01 -3.44 -38.88
C LYS A 289 -8.56 -3.34 -39.36
N HIS A 290 -8.17 -2.20 -39.92
CA HIS A 290 -6.80 -1.99 -40.39
C HIS A 290 -6.19 -0.83 -39.62
N LEU A 291 -4.92 -1.00 -39.24
CA LEU A 291 -4.18 0.04 -38.54
C LEU A 291 -2.83 0.24 -39.22
N THR A 292 -2.53 1.49 -39.58
CA THR A 292 -1.27 1.80 -40.24
C THR A 292 -0.17 1.93 -39.19
N TYR A 293 1.06 1.60 -39.61
CA TYR A 293 2.22 1.87 -38.76
C TYR A 293 2.30 3.35 -38.44
N ASN A 294 1.86 4.19 -39.38
CA ASN A 294 1.82 5.63 -39.16
C ASN A 294 0.97 5.99 -37.95
N ASP A 295 -0.28 5.53 -37.92
CA ASP A 295 -1.18 5.90 -36.83
C ASP A 295 -0.82 5.21 -35.52
N PHE A 296 -0.20 4.04 -35.60
CA PHE A 296 0.27 3.40 -34.39
C PHE A 296 1.34 4.24 -33.70
N ILE A 297 2.35 4.67 -34.46
CA ILE A 297 3.45 5.41 -33.86
C ILE A 297 3.00 6.77 -33.36
N ASN A 298 2.18 7.49 -34.12
CA ASN A 298 1.90 8.88 -33.78
C ASN A 298 0.66 9.04 -32.92
N LYS A 299 -0.08 7.97 -32.66
CA LYS A 299 -1.29 8.07 -31.86
C LYS A 299 -1.29 7.13 -30.66
N GLU A 300 -0.61 5.98 -30.74
CA GLU A 300 -0.55 5.04 -29.64
C GLU A 300 0.82 5.05 -28.97
N LEU A 301 1.90 4.78 -29.71
CA LEU A 301 3.22 4.71 -29.10
C LEU A 301 3.63 6.05 -28.50
N ILE A 302 3.18 7.15 -29.10
CA ILE A 302 3.54 8.47 -28.60
C ILE A 302 3.11 8.64 -27.14
N LEU A 303 2.03 7.96 -26.73
CA LEU A 303 1.55 8.12 -25.36
C LEU A 303 2.59 7.61 -24.35
N PHE A 304 3.23 6.48 -24.65
CA PHE A 304 4.36 6.03 -23.83
C PHE A 304 5.54 6.98 -23.97
N SER A 305 5.86 7.39 -25.20
CA SER A 305 7.02 8.22 -25.45
C SER A 305 6.97 9.53 -24.67
N ASN A 306 5.75 9.99 -24.33
CA ASN A 306 5.58 11.22 -23.57
C ASN A 306 5.36 10.97 -22.08
N SER A 307 5.23 9.71 -21.67
CA SER A 307 4.86 9.40 -20.30
C SER A 307 5.93 9.84 -19.31
N ASP A 308 7.21 9.80 -19.70
CA ASP A 308 8.26 10.27 -18.82
C ASP A 308 8.11 11.76 -18.52
N ASN A 309 7.74 12.54 -19.53
CA ASN A 309 7.45 13.96 -19.32
C ASN A 309 6.32 14.15 -18.32
N GLU A 310 5.21 13.44 -18.52
CA GLU A 310 4.00 13.72 -17.76
C GLU A 310 4.12 13.41 -16.28
N ARG A 311 5.02 12.50 -15.88
CA ARG A 311 5.18 12.20 -14.46
C ARG A 311 6.34 12.95 -13.81
N SER A 312 7.34 13.39 -14.57
CA SER A 312 8.52 14.01 -14.01
C SER A 312 8.44 15.52 -13.90
N ILE A 313 7.42 16.14 -14.48
CA ILE A 313 7.43 17.60 -14.60
C ILE A 313 6.12 18.22 -14.14
N PRO A 314 6.18 19.21 -13.23
CA PRO A 314 4.98 19.65 -12.52
C PRO A 314 4.08 20.53 -13.38
N SER A 315 2.83 20.65 -12.92
CA SER A 315 1.91 21.62 -13.50
C SER A 315 2.18 23.01 -12.94
N LEU A 316 2.13 24.00 -13.84
CA LEU A 316 2.18 25.40 -13.40
C LEU A 316 1.02 25.75 -12.48
N VAL A 317 -0.12 25.07 -12.63
CA VAL A 317 -1.33 25.48 -11.91
C VAL A 317 -1.16 25.27 -10.41
N ASP A 318 -0.66 24.09 -10.00
CA ASP A 318 -0.56 23.78 -8.58
C ASP A 318 0.83 23.34 -8.12
N GLY A 319 1.80 23.22 -9.03
CA GLY A 319 3.15 22.86 -8.64
C GLY A 319 3.38 21.40 -8.33
N PHE A 320 2.41 20.53 -8.61
CA PHE A 320 2.49 19.11 -8.28
C PHE A 320 2.83 18.28 -9.50
N LYS A 321 3.51 17.16 -9.27
CA LYS A 321 3.45 16.05 -10.20
C LYS A 321 2.30 15.14 -9.82
N PRO A 322 1.82 14.30 -10.74
CA PRO A 322 0.60 13.51 -10.45
C PRO A 322 0.70 12.64 -9.20
N GLY A 323 1.88 12.10 -8.90
CA GLY A 323 2.03 11.35 -7.67
C GLY A 323 1.73 12.19 -6.43
N GLN A 324 2.26 13.42 -6.40
CA GLN A 324 1.96 14.32 -5.29
C GLN A 324 0.48 14.66 -5.27
N ARG A 325 -0.11 14.97 -6.42
CA ARG A 325 -1.53 15.26 -6.47
C ARG A 325 -2.33 14.11 -5.87
N LYS A 326 -1.93 12.88 -6.18
CA LYS A 326 -2.62 11.72 -5.62
C LYS A 326 -2.49 11.69 -4.09
N VAL A 327 -1.30 11.98 -3.56
CA VAL A 327 -1.12 11.98 -2.11
C VAL A 327 -1.98 13.07 -1.46
N LEU A 328 -1.89 14.30 -1.96
CA LEU A 328 -2.68 15.37 -1.38
C LEU A 328 -4.17 15.08 -1.53
N PHE A 329 -4.56 14.55 -2.69
CA PHE A 329 -5.95 14.16 -2.90
C PHE A 329 -6.40 13.14 -1.85
N THR A 330 -5.56 12.14 -1.58
CA THR A 330 -5.90 11.18 -0.52
C THR A 330 -6.08 11.87 0.82
N CYS A 331 -5.16 12.80 1.17
CA CYS A 331 -5.27 13.48 2.46
C CYS A 331 -6.54 14.29 2.56
N PHE A 332 -6.91 14.99 1.48
CA PHE A 332 -8.11 15.82 1.53
C PHE A 332 -9.37 14.96 1.72
N LYS A 333 -9.42 13.80 1.08
CA LYS A 333 -10.60 12.94 1.22
C LYS A 333 -10.65 12.26 2.58
N ARG A 334 -9.51 11.81 3.10
CA ARG A 334 -9.49 11.27 4.46
C ARG A 334 -9.91 12.34 5.46
N ASN A 335 -9.29 13.52 5.37
CA ASN A 335 -9.55 14.64 6.27
C ASN A 335 -9.27 14.26 7.72
N ASP A 336 -8.04 13.81 7.96
CA ASP A 336 -7.67 13.28 9.26
C ASP A 336 -7.55 14.42 10.26
N LYS A 337 -8.45 14.47 11.24
CA LYS A 337 -8.31 15.41 12.35
C LYS A 337 -7.21 14.98 13.31
N ARG A 338 -6.82 13.72 13.29
CA ARG A 338 -5.75 13.17 14.12
C ARG A 338 -4.61 12.67 13.25
N GLU A 339 -3.41 12.68 13.82
CA GLU A 339 -2.22 12.22 13.13
C GLU A 339 -2.36 10.77 12.69
N VAL A 340 -1.60 10.39 11.67
CA VAL A 340 -1.64 9.05 11.11
C VAL A 340 -0.23 8.61 10.77
N LYS A 341 0.01 7.30 10.91
CA LYS A 341 1.30 6.74 10.50
C LYS A 341 1.45 6.87 9.00
N VAL A 342 2.67 7.18 8.55
CA VAL A 342 2.93 7.25 7.11
C VAL A 342 2.61 5.92 6.45
N ALA A 343 3.01 4.81 7.06
CA ALA A 343 2.72 3.50 6.49
C ALA A 343 1.22 3.32 6.27
N GLN A 344 0.40 3.86 7.17
CA GLN A 344 -1.04 3.74 7.01
C GLN A 344 -1.58 4.67 5.93
N LEU A 345 -1.08 5.92 5.87
CA LEU A 345 -1.52 6.82 4.82
C LEU A 345 -1.09 6.33 3.44
N ALA A 346 0.12 5.76 3.35
CA ALA A 346 0.56 5.20 2.09
C ALA A 346 -0.42 4.14 1.59
N GLY A 347 -0.92 3.31 2.51
CA GLY A 347 -1.96 2.37 2.13
C GLY A 347 -3.21 3.06 1.64
N SER A 348 -3.62 4.12 2.32
CA SER A 348 -4.81 4.87 1.91
C SER A 348 -4.63 5.48 0.52
N VAL A 349 -3.42 5.97 0.22
CA VAL A 349 -3.18 6.55 -1.10
C VAL A 349 -3.30 5.47 -2.18
N ALA A 350 -2.69 4.31 -1.93
CA ALA A 350 -2.77 3.22 -2.90
C ALA A 350 -4.22 2.79 -3.13
N GLU A 351 -5.03 2.78 -2.07
CA GLU A 351 -6.43 2.37 -2.26
C GLU A 351 -7.22 3.41 -3.03
N MET A 352 -7.07 4.68 -2.67
CA MET A 352 -8.02 5.70 -3.11
C MET A 352 -7.63 6.39 -4.42
N SER A 353 -6.34 6.50 -4.72
CA SER A 353 -5.90 7.29 -5.86
C SER A 353 -5.31 6.46 -6.98
N ALA A 354 -5.24 5.13 -6.80
CA ALA A 354 -4.71 4.24 -7.83
C ALA A 354 -3.24 4.52 -8.11
N TYR A 355 -2.51 4.95 -7.08
CA TYR A 355 -1.08 5.21 -7.23
C TYR A 355 -0.38 3.94 -7.68
N HIS A 356 0.41 4.04 -8.75
CA HIS A 356 0.94 2.87 -9.43
C HIS A 356 2.46 2.81 -9.43
N HIS A 357 3.14 3.70 -8.71
CA HIS A 357 4.59 3.79 -8.78
C HIS A 357 5.31 2.91 -7.75
N GLY A 358 4.57 2.14 -6.96
CA GLY A 358 5.19 1.23 -6.01
C GLY A 358 5.40 1.87 -4.65
N GLU A 359 5.50 1.00 -3.64
CA GLU A 359 5.46 1.46 -2.25
C GLU A 359 6.63 2.39 -1.93
N GLN A 360 7.83 2.08 -2.45
CA GLN A 360 8.99 2.89 -2.09
C GLN A 360 8.85 4.31 -2.63
N ALA A 361 8.37 4.47 -3.86
CA ALA A 361 8.13 5.81 -4.40
C ALA A 361 7.11 6.56 -3.55
N LEU A 362 6.02 5.89 -3.17
CA LEU A 362 4.94 6.57 -2.45
C LEU A 362 5.42 7.11 -1.10
N MET A 363 6.20 6.33 -0.36
N MET A 363 6.21 6.33 -0.37
CA MET A 363 6.70 6.79 0.93
CA MET A 363 6.68 6.81 0.94
C MET A 363 7.54 8.04 0.77
C MET A 363 7.54 8.05 0.78
N MET A 364 8.46 8.04 -0.19
CA MET A 364 9.29 9.21 -0.42
C MET A 364 8.45 10.41 -0.81
N THR A 365 7.42 10.18 -1.63
CA THR A 365 6.54 11.27 -2.02
C THR A 365 5.88 11.90 -0.78
N ILE A 366 5.41 11.06 0.15
CA ILE A 366 4.79 11.60 1.36
C ILE A 366 5.82 12.31 2.23
N VAL A 367 6.98 11.68 2.46
CA VAL A 367 7.96 12.28 3.35
C VAL A 367 8.40 13.63 2.80
N ASN A 368 8.63 13.71 1.49
CA ASN A 368 9.13 14.95 0.90
C ASN A 368 8.07 16.05 0.94
N LEU A 369 6.79 15.68 0.91
CA LEU A 369 5.74 16.68 1.03
C LEU A 369 5.65 17.25 2.45
N ALA A 370 6.33 16.64 3.42
CA ALA A 370 6.26 17.05 4.81
C ALA A 370 7.57 17.64 5.32
N GLN A 371 8.66 17.50 4.57
CA GLN A 371 9.95 18.00 5.03
C GLN A 371 9.91 19.52 5.18
N ASN A 372 10.62 20.03 6.19
CA ASN A 372 10.57 21.45 6.48
C ASN A 372 11.92 22.02 6.88
N PHE A 373 13.01 21.41 6.42
CA PHE A 373 14.34 21.91 6.73
C PHE A 373 14.82 22.87 5.64
N VAL A 374 15.93 23.57 5.95
CA VAL A 374 16.47 24.57 5.04
C VAL A 374 16.87 23.91 3.72
N GLY A 375 16.25 24.34 2.63
CA GLY A 375 16.49 23.81 1.31
C GLY A 375 15.34 22.99 0.76
N SER A 376 14.37 22.65 1.60
CA SER A 376 13.18 21.92 1.28
C SER A 376 12.01 22.90 1.13
N ASN A 377 10.79 22.41 1.24
CA ASN A 377 9.61 23.25 1.07
C ASN A 377 9.66 24.45 2.00
N ASN A 378 9.27 25.61 1.46
CA ASN A 378 9.02 26.79 2.28
C ASN A 378 7.67 26.73 2.96
N ILE A 379 6.75 25.92 2.43
CA ILE A 379 5.49 25.61 3.09
C ILE A 379 5.20 24.12 2.89
N ASN A 380 5.49 23.32 3.90
CA ASN A 380 5.17 21.89 3.86
C ASN A 380 3.67 21.71 4.06
N LEU A 381 3.01 21.11 3.07
CA LEU A 381 1.58 20.87 3.19
C LEU A 381 1.26 19.72 4.13
N LEU A 382 2.25 18.92 4.50
CA LEU A 382 2.08 17.85 5.47
C LEU A 382 3.00 18.07 6.66
N GLN A 383 2.53 17.67 7.82
CA GLN A 383 3.27 17.90 9.06
C GLN A 383 4.30 16.80 9.27
N PRO A 384 5.56 17.13 9.53
CA PRO A 384 6.59 16.09 9.82
C PRO A 384 6.58 15.71 11.30
N ILE A 385 5.59 14.90 11.68
CA ILE A 385 5.40 14.52 13.09
C ILE A 385 6.27 13.29 13.32
N GLY A 386 7.54 13.54 13.57
CA GLY A 386 8.54 12.50 13.76
C GLY A 386 9.79 12.86 13.01
N GLN A 387 10.70 11.89 12.91
CA GLN A 387 11.95 12.05 12.18
C GLN A 387 11.67 11.92 10.69
N PHE A 388 11.42 13.05 10.04
CA PHE A 388 11.19 13.06 8.60
C PHE A 388 12.43 13.43 7.81
N GLY A 389 13.59 13.52 8.44
CA GLY A 389 14.79 13.95 7.79
C GLY A 389 15.21 15.34 8.22
N THR A 390 16.51 15.60 8.18
CA THR A 390 17.07 16.87 8.59
C THR A 390 17.98 17.40 7.49
N ARG A 391 18.48 18.62 7.69
CA ARG A 391 19.45 19.19 6.75
C ARG A 391 20.82 18.52 6.87
N LEU A 392 21.04 17.69 7.88
CA LEU A 392 22.32 17.00 8.01
C LEU A 392 22.59 16.10 6.81
N HIS A 393 21.53 15.54 6.22
CA HIS A 393 21.68 14.55 5.16
C HIS A 393 20.77 14.82 3.97
N GLY A 394 20.14 15.99 3.88
CA GLY A 394 19.32 16.29 2.73
C GLY A 394 18.02 15.52 2.69
N GLY A 395 17.51 15.12 3.86
CA GLY A 395 16.27 14.38 3.94
C GLY A 395 16.40 12.88 3.84
N LYS A 396 17.59 12.35 3.56
CA LYS A 396 17.75 10.91 3.48
C LYS A 396 17.78 10.24 4.84
N ASP A 397 17.88 10.99 5.94
CA ASP A 397 17.93 10.41 7.28
C ASP A 397 16.58 10.35 7.97
N ALA A 398 15.49 10.22 7.21
CA ALA A 398 14.18 10.01 7.79
C ALA A 398 14.06 8.59 8.34
N ALA A 399 13.19 8.42 9.33
CA ALA A 399 12.98 7.14 9.99
C ALA A 399 11.95 6.33 9.19
N SER A 400 11.50 5.19 9.75
CA SER A 400 10.68 4.25 9.01
C SER A 400 9.23 4.73 8.90
N PRO A 401 8.57 4.43 7.77
CA PRO A 401 7.15 4.79 7.62
C PRO A 401 6.24 4.20 8.67
N ARG A 402 6.66 3.14 9.36
CA ARG A 402 5.83 2.57 10.41
C ARG A 402 6.00 3.28 11.74
N TYR A 403 6.89 4.28 11.82
CA TYR A 403 7.13 5.00 13.06
C TYR A 403 6.95 6.51 12.98
N ILE A 404 6.78 7.09 11.80
CA ILE A 404 6.64 8.54 11.64
C ILE A 404 5.20 8.85 11.25
N PHE A 405 4.66 9.95 11.79
CA PHE A 405 3.26 10.32 11.63
C PHE A 405 3.15 11.63 10.86
N THR A 406 2.07 11.79 10.09
CA THR A 406 1.87 13.02 9.35
C THR A 406 0.39 13.39 9.34
N MET A 407 0.12 14.54 8.76
CA MET A 407 -1.22 15.11 8.82
C MET A 407 -1.20 16.37 7.99
N LEU A 408 -2.38 16.84 7.59
CA LEU A 408 -2.42 18.06 6.79
C LEU A 408 -1.94 19.23 7.62
N SER A 409 -1.04 20.03 7.05
CA SER A 409 -0.74 21.31 7.66
C SER A 409 -2.03 22.12 7.76
N THR A 410 -2.12 22.97 8.78
CA THR A 410 -3.30 23.83 8.86
C THR A 410 -3.38 24.81 7.70
N LEU A 411 -2.30 24.99 6.95
CA LEU A 411 -2.32 25.81 5.74
C LEU A 411 -2.82 25.07 4.51
N ALA A 412 -2.97 23.75 4.58
CA ALA A 412 -3.25 22.98 3.37
C ALA A 412 -4.58 23.41 2.73
N ARG A 413 -5.64 23.48 3.52
CA ARG A 413 -6.93 23.87 2.99
C ARG A 413 -7.07 25.37 2.81
N LEU A 414 -6.22 26.18 3.47
CA LEU A 414 -6.25 27.61 3.21
C LEU A 414 -5.64 27.94 1.84
N LEU A 415 -4.66 27.15 1.41
CA LEU A 415 -4.06 27.32 0.10
C LEU A 415 -4.88 26.65 -1.00
N PHE A 416 -5.54 25.54 -0.66
CA PHE A 416 -6.36 24.78 -1.59
C PHE A 416 -7.75 24.69 -0.97
N PRO A 417 -8.55 25.75 -1.06
CA PRO A 417 -9.84 25.76 -0.35
C PRO A 417 -10.75 24.65 -0.83
N ALA A 418 -11.47 24.04 0.13
CA ALA A 418 -12.32 22.90 -0.18
C ALA A 418 -13.40 23.27 -1.20
N VAL A 419 -13.99 24.46 -1.08
CA VAL A 419 -15.10 24.83 -1.94
C VAL A 419 -14.70 24.75 -3.41
N ASP A 420 -13.44 25.11 -3.71
CA ASP A 420 -12.98 25.08 -5.09
C ASP A 420 -12.95 23.67 -5.67
N ASP A 421 -12.99 22.63 -4.84
CA ASP A 421 -13.01 21.27 -5.36
C ASP A 421 -14.15 21.07 -6.34
N ASN A 422 -15.29 21.72 -6.11
CA ASN A 422 -16.44 21.60 -7.01
C ASN A 422 -16.16 22.12 -8.40
N LEU A 423 -15.01 22.76 -8.64
CA LEU A 423 -14.72 23.36 -9.93
C LEU A 423 -13.67 22.59 -10.74
N LEU A 424 -13.09 21.53 -10.17
CA LEU A 424 -11.98 20.83 -10.79
C LEU A 424 -12.47 19.68 -11.68
N LYS A 425 -11.57 19.19 -12.53
CA LYS A 425 -11.83 18.06 -13.41
C LYS A 425 -11.18 16.82 -12.80
N PHE A 426 -11.98 15.97 -12.18
CA PHE A 426 -11.45 14.77 -11.56
C PHE A 426 -11.29 13.66 -12.59
N LEU A 427 -10.13 13.02 -12.58
CA LEU A 427 -9.77 11.99 -13.54
C LEU A 427 -10.27 10.62 -13.05
N TYR A 428 -10.03 9.59 -13.85
CA TYR A 428 -10.50 8.24 -13.54
C TYR A 428 -9.40 7.21 -13.80
N ASP A 429 -9.29 6.23 -12.90
CA ASP A 429 -8.52 5.02 -13.17
C ASP A 429 -9.56 3.89 -13.33
N ASP A 430 -9.99 3.72 -14.58
CA ASP A 430 -10.98 2.83 -15.17
C ASP A 430 -12.42 3.05 -14.74
N ASN A 431 -12.67 3.11 -13.45
CA ASN A 431 -14.02 3.35 -12.96
C ASN A 431 -13.98 3.91 -11.56
N GLN A 432 -12.78 4.09 -11.01
CA GLN A 432 -12.56 4.73 -9.73
C GLN A 432 -12.21 6.17 -10.02
N ARG A 433 -12.89 7.08 -9.34
CA ARG A 433 -12.57 8.49 -9.49
C ARG A 433 -11.42 8.81 -8.56
N VAL A 434 -10.45 9.54 -9.08
CA VAL A 434 -9.15 9.73 -8.45
C VAL A 434 -8.84 11.22 -8.43
N GLU A 435 -7.59 11.58 -8.15
CA GLU A 435 -7.21 12.99 -8.09
C GLU A 435 -7.60 13.77 -9.34
N PRO A 436 -7.68 15.09 -9.25
CA PRO A 436 -8.02 15.91 -10.42
C PRO A 436 -6.79 16.14 -11.29
N GLU A 437 -7.03 16.66 -12.50
CA GLU A 437 -5.91 16.98 -13.39
C GLU A 437 -5.03 18.08 -12.81
N TRP A 438 -5.62 19.00 -12.03
CA TRP A 438 -4.85 19.82 -11.12
C TRP A 438 -5.77 20.47 -10.10
N TYR A 439 -5.19 20.82 -8.95
CA TYR A 439 -5.82 21.74 -8.02
C TYR A 439 -5.52 23.17 -8.43
N ILE A 440 -6.25 24.11 -7.83
CA ILE A 440 -6.12 25.52 -8.18
C ILE A 440 -5.91 26.34 -6.91
N PRO A 441 -4.69 26.39 -6.38
CA PRO A 441 -4.47 27.06 -5.10
C PRO A 441 -4.62 28.58 -5.21
N ILE A 442 -4.78 29.21 -4.04
CA ILE A 442 -4.99 30.65 -4.00
C ILE A 442 -3.73 31.44 -4.34
N ILE A 443 -2.57 30.80 -4.36
CA ILE A 443 -1.33 31.43 -4.83
C ILE A 443 -0.51 30.40 -5.58
N PRO A 444 0.46 30.86 -6.39
CA PRO A 444 1.20 29.91 -7.23
C PRO A 444 2.15 29.04 -6.41
N MET A 445 1.71 27.81 -6.12
CA MET A 445 2.47 26.93 -5.24
C MET A 445 3.73 26.42 -5.90
N VAL A 446 3.74 26.33 -7.24
CA VAL A 446 4.95 25.97 -7.96
C VAL A 446 6.10 26.90 -7.63
N LEU A 447 5.80 28.13 -7.20
CA LEU A 447 6.82 29.12 -6.87
C LEU A 447 7.28 29.05 -5.42
N ILE A 448 6.50 28.43 -4.53
CA ILE A 448 6.82 28.46 -3.11
C ILE A 448 7.79 27.34 -2.73
N ASN A 449 7.49 26.12 -3.14
CA ASN A 449 8.37 24.98 -2.87
C ASN A 449 9.20 24.59 -4.06
N GLY A 450 9.22 25.42 -5.11
CA GLY A 450 10.09 25.13 -6.23
C GLY A 450 9.50 24.02 -7.06
N ALA A 451 10.34 23.50 -7.94
CA ALA A 451 9.93 22.43 -8.84
C ALA A 451 11.17 21.86 -9.51
N GLU A 452 11.29 20.54 -9.51
CA GLU A 452 12.43 19.87 -10.11
C GLU A 452 11.94 18.62 -10.81
N GLY A 453 12.53 18.33 -11.96
CA GLY A 453 12.19 17.14 -12.71
C GLY A 453 12.95 17.03 -14.01
N ILE A 454 13.43 15.84 -14.32
CA ILE A 454 14.08 15.55 -15.59
C ILE A 454 13.06 14.86 -16.49
N GLY A 455 12.81 15.43 -17.65
CA GLY A 455 11.85 14.90 -18.59
C GLY A 455 12.48 14.14 -19.73
N THR A 456 11.78 14.11 -20.85
CA THR A 456 12.23 13.40 -22.04
C THR A 456 12.58 14.49 -23.04
N GLY A 457 13.83 14.95 -22.99
CA GLY A 457 14.21 16.09 -23.80
C GLY A 457 13.89 17.42 -23.17
N TRP A 458 13.34 17.43 -21.96
CA TRP A 458 13.08 18.63 -21.18
C TRP A 458 13.55 18.37 -19.76
N ALA A 459 13.87 19.45 -19.05
CA ALA A 459 14.21 19.35 -17.64
C ALA A 459 13.67 20.58 -16.92
N CYS A 460 13.37 20.41 -15.64
CA CYS A 460 12.80 21.48 -14.83
C CYS A 460 13.68 21.73 -13.60
N LYS A 461 14.06 22.98 -13.42
CA LYS A 461 14.75 23.45 -12.22
C LYS A 461 14.16 24.79 -11.82
N LEU A 462 13.73 24.93 -10.56
CA LEU A 462 13.12 26.19 -10.13
C LEU A 462 13.30 26.45 -8.63
N PRO A 463 13.88 27.60 -8.25
CA PRO A 463 14.17 27.86 -6.82
C PRO A 463 12.89 28.20 -6.05
N ASN A 464 12.98 28.29 -4.73
CA ASN A 464 11.75 28.60 -4.00
C ASN A 464 11.66 30.11 -3.82
N TYR A 465 10.43 30.62 -3.80
CA TYR A 465 10.20 32.05 -3.60
C TYR A 465 9.36 32.27 -2.34
N ASP A 466 9.46 33.48 -1.78
CA ASP A 466 8.89 33.76 -0.47
C ASP A 466 7.38 33.88 -0.53
N ALA A 467 6.71 33.19 0.40
CA ALA A 467 5.25 33.13 0.39
C ALA A 467 4.63 34.51 0.54
N ARG A 468 5.08 35.27 1.54
CA ARG A 468 4.47 36.58 1.80
C ARG A 468 4.69 37.55 0.66
N GLU A 469 5.86 37.49 0.02
CA GLU A 469 6.11 38.35 -1.13
C GLU A 469 5.15 38.03 -2.26
N ILE A 470 4.92 36.74 -2.50
CA ILE A 470 4.02 36.34 -3.58
C ILE A 470 2.58 36.75 -3.27
N VAL A 471 2.18 36.65 -2.00
CA VAL A 471 0.86 37.12 -1.62
C VAL A 471 0.71 38.60 -1.92
N ASN A 472 1.76 39.38 -1.61
N ASN A 472 1.74 39.37 -1.57
CA ASN A 472 1.69 40.81 -1.84
CA ASN A 472 1.73 40.80 -1.83
C ASN A 472 1.78 41.18 -3.31
C ASN A 472 1.65 41.08 -3.34
N ASN A 473 2.44 40.35 -4.13
CA ASN A 473 2.43 40.58 -5.57
C ASN A 473 1.05 40.27 -6.15
N VAL A 474 0.41 39.21 -5.67
CA VAL A 474 -0.96 38.92 -6.10
C VAL A 474 -1.89 40.07 -5.76
N ARG A 475 -1.75 40.61 -4.54
CA ARG A 475 -2.60 41.72 -4.13
C ARG A 475 -2.46 42.92 -5.06
N ARG A 476 -1.24 43.20 -5.52
CA ARG A 476 -1.06 44.33 -6.43
C ARG A 476 -1.76 44.09 -7.76
N MET A 477 -1.58 42.90 -8.32
CA MET A 477 -2.25 42.57 -9.58
C MET A 477 -3.76 42.70 -9.45
N LEU A 478 -4.31 42.41 -8.27
CA LEU A 478 -5.74 42.61 -8.07
C LEU A 478 -6.10 44.08 -8.11
N ASP A 479 -5.16 44.96 -7.74
CA ASP A 479 -5.36 46.40 -7.79
C ASP A 479 -4.91 47.01 -9.11
N GLY A 480 -4.63 46.19 -10.13
CA GLY A 480 -4.18 46.72 -11.40
C GLY A 480 -2.78 47.27 -11.42
N LEU A 481 -1.99 47.02 -10.38
CA LEU A 481 -0.64 47.55 -10.28
C LEU A 481 0.38 46.64 -10.96
N ASP A 482 1.64 47.09 -10.92
CA ASP A 482 2.83 46.43 -11.46
C ASP A 482 3.45 45.55 -10.38
N PRO A 483 3.68 44.27 -10.66
CA PRO A 483 4.28 43.39 -9.66
C PRO A 483 5.76 43.69 -9.42
N HIS A 484 6.19 43.49 -8.18
CA HIS A 484 7.59 43.63 -7.85
C HIS A 484 8.41 42.47 -8.41
N PRO A 485 9.67 42.72 -8.76
CA PRO A 485 10.56 41.60 -9.11
C PRO A 485 10.78 40.73 -7.87
N MET A 486 10.98 39.45 -8.10
CA MET A 486 11.05 38.48 -7.02
C MET A 486 12.39 37.74 -7.06
N LEU A 487 13.11 37.82 -5.98
CA LEU A 487 14.31 37.00 -6.00
C LEU A 487 14.05 35.69 -5.26
N PRO A 488 14.76 34.62 -5.60
CA PRO A 488 14.58 33.35 -4.87
C PRO A 488 14.88 33.55 -3.40
N ASN A 489 14.13 32.83 -2.57
CA ASN A 489 14.23 33.00 -1.12
C ASN A 489 13.87 31.70 -0.43
N TYR A 490 14.75 31.24 0.46
CA TYR A 490 14.59 29.96 1.14
C TYR A 490 14.36 30.21 2.63
N LYS A 491 13.24 29.69 3.14
CA LYS A 491 12.88 29.93 4.53
C LYS A 491 13.98 29.45 5.47
N ASN A 492 14.30 30.28 6.46
CA ASN A 492 15.29 30.05 7.50
C ASN A 492 16.72 30.01 6.97
N PHE A 493 16.93 30.28 5.68
CA PHE A 493 18.29 30.37 5.15
C PHE A 493 18.90 31.71 5.53
N LYS A 494 20.11 31.68 6.07
CA LYS A 494 20.73 32.86 6.66
C LYS A 494 21.76 33.53 5.76
N GLY A 495 22.00 33.01 4.56
CA GLY A 495 22.98 33.56 3.66
C GLY A 495 22.40 34.56 2.69
N THR A 496 23.21 34.91 1.69
CA THR A 496 22.84 35.90 0.69
C THR A 496 22.45 35.20 -0.61
N ILE A 497 21.41 35.71 -1.26
CA ILE A 497 21.05 35.31 -2.61
C ILE A 497 20.89 36.59 -3.42
N GLN A 498 21.85 36.86 -4.30
CA GLN A 498 21.84 38.09 -5.08
C GLN A 498 21.86 37.77 -6.57
N GLU A 499 21.26 38.65 -7.35
CA GLU A 499 21.23 38.47 -8.80
C GLU A 499 22.63 38.54 -9.37
N LEU A 500 22.96 37.57 -10.22
CA LEU A 500 24.24 37.53 -10.92
C LEU A 500 24.08 37.89 -12.38
N GLY A 501 22.88 38.29 -12.78
CA GLY A 501 22.54 38.66 -14.15
C GLY A 501 22.12 37.46 -14.99
N GLN A 502 21.22 37.71 -15.92
CA GLN A 502 20.84 36.72 -16.93
C GLN A 502 20.08 35.55 -16.32
N ASN A 503 19.09 35.85 -15.50
CA ASN A 503 18.29 34.80 -14.84
C ASN A 503 19.17 33.83 -14.07
N GLN A 504 20.28 34.35 -13.55
CA GLN A 504 21.24 33.61 -12.75
C GLN A 504 21.32 34.25 -11.37
N TYR A 505 21.46 33.42 -10.34
CA TYR A 505 21.48 33.91 -8.97
C TYR A 505 22.68 33.32 -8.25
N ALA A 506 23.24 34.10 -7.32
CA ALA A 506 24.45 33.71 -6.60
C ALA A 506 24.08 33.41 -5.15
N VAL A 507 24.24 32.15 -4.75
CA VAL A 507 23.95 31.71 -3.39
C VAL A 507 25.28 31.55 -2.67
N SER A 508 25.45 32.24 -1.57
CA SER A 508 26.67 32.16 -0.78
C SER A 508 26.32 31.80 0.66
N GLY A 509 27.11 30.92 1.24
CA GLY A 509 26.99 30.67 2.66
C GLY A 509 27.58 31.83 3.44
N GLU A 510 27.77 31.60 4.73
CA GLU A 510 28.24 32.66 5.61
C GLU A 510 29.48 32.20 6.36
N ILE A 511 30.51 33.04 6.35
CA ILE A 511 31.77 32.71 7.01
C ILE A 511 32.38 34.00 7.54
N PHE A 512 32.96 33.91 8.74
CA PHE A 512 33.58 35.02 9.44
C PHE A 512 34.85 34.52 10.12
N VAL A 513 35.90 35.32 10.07
CA VAL A 513 37.15 35.04 10.76
C VAL A 513 37.05 35.59 12.17
N VAL A 514 37.40 34.78 13.17
CA VAL A 514 37.28 35.19 14.55
C VAL A 514 38.64 35.48 15.19
N ASP A 515 39.72 34.83 14.77
CA ASP A 515 41.05 35.24 15.22
C ASP A 515 42.02 34.91 14.09
N ARG A 516 43.32 34.99 14.39
CA ARG A 516 44.39 34.86 13.40
C ARG A 516 44.67 33.45 12.90
N ASN A 517 44.14 32.38 13.51
CA ASN A 517 44.44 31.01 13.04
C ASN A 517 43.19 30.19 12.80
N THR A 518 42.03 30.75 13.12
CA THR A 518 40.72 30.13 13.23
C THR A 518 39.60 30.96 12.58
N VAL A 519 38.86 30.33 11.66
CA VAL A 519 37.65 30.90 11.07
C VAL A 519 36.50 29.93 11.29
N GLU A 520 35.27 30.48 11.30
CA GLU A 520 34.07 29.69 11.57
C GLU A 520 33.05 29.82 10.46
N ILE A 521 32.43 28.70 10.10
CA ILE A 521 31.41 28.61 9.07
C ILE A 521 30.07 28.42 9.77
N THR A 522 29.18 29.41 9.65
CA THR A 522 27.90 29.40 10.34
C THR A 522 26.70 29.19 9.43
N GLU A 523 26.91 29.10 8.11
CA GLU A 523 25.81 28.84 7.19
C GLU A 523 26.38 28.21 5.93
N LEU A 524 25.64 27.27 5.36
CA LEU A 524 26.03 26.67 4.09
C LEU A 524 25.05 27.11 3.01
N PRO A 525 25.47 27.13 1.75
CA PRO A 525 24.51 27.47 0.68
C PRO A 525 23.37 26.45 0.66
N VAL A 526 22.18 26.95 0.34
CA VAL A 526 21.00 26.08 0.30
C VAL A 526 21.32 24.87 -0.57
N ARG A 527 20.78 23.73 -0.17
CA ARG A 527 20.99 22.46 -0.85
C ARG A 527 22.35 21.85 -0.56
N THR A 528 23.19 22.49 0.23
CA THR A 528 24.44 21.92 0.70
C THR A 528 24.19 21.33 2.09
N TRP A 529 24.32 20.02 2.21
CA TRP A 529 23.97 19.30 3.43
C TRP A 529 25.18 19.17 4.35
N THR A 530 24.92 19.20 5.66
CA THR A 530 26.01 19.31 6.62
C THR A 530 26.97 18.13 6.51
N GLN A 531 26.43 16.91 6.41
CA GLN A 531 27.31 15.75 6.31
C GLN A 531 28.04 15.72 4.96
N VAL A 532 27.36 16.10 3.88
CA VAL A 532 28.00 16.10 2.56
C VAL A 532 29.14 17.10 2.52
N TYR A 533 28.93 18.30 3.08
CA TYR A 533 29.97 19.32 3.08
C TYR A 533 31.22 18.84 3.82
N LYS A 534 31.03 18.20 4.98
CA LYS A 534 32.17 17.70 5.75
C LYS A 534 33.00 16.71 4.94
N GLU A 535 32.35 15.70 4.36
CA GLU A 535 33.09 14.65 3.66
C GLU A 535 33.77 15.16 2.40
N GLN A 536 33.10 16.03 1.64
CA GLN A 536 33.57 16.35 0.29
C GLN A 536 34.40 17.63 0.22
N VAL A 537 34.27 18.53 1.20
CA VAL A 537 35.02 19.79 1.20
C VAL A 537 36.07 19.81 2.31
N LEU A 538 35.63 19.72 3.58
CA LEU A 538 36.56 19.87 4.70
C LEU A 538 37.50 18.68 4.81
N GLU A 539 36.97 17.47 4.76
CA GLU A 539 37.78 16.29 5.05
C GLU A 539 38.99 16.17 4.13
N PRO A 540 38.86 16.26 2.80
CA PRO A 540 40.07 16.32 1.96
C PRO A 540 40.96 17.51 2.28
N MET A 541 40.38 18.62 2.74
CA MET A 541 41.17 19.77 3.12
C MET A 541 42.11 19.46 4.29
N LEU A 542 41.88 18.38 5.01
CA LEU A 542 42.78 17.95 6.07
C LEU A 542 43.82 16.97 5.59
N ASN A 543 43.72 16.52 4.34
CA ASN A 543 44.61 15.51 3.77
C ASN A 543 46.05 15.64 4.24
N PRO A 549 46.60 20.26 -2.56
CA PRO A 549 47.36 20.46 -1.32
C PRO A 549 46.49 20.40 -0.07
N ALA A 550 47.03 20.86 1.06
CA ALA A 550 46.33 20.82 2.34
C ALA A 550 46.29 22.21 2.96
N LEU A 551 45.10 22.60 3.42
CA LEU A 551 44.88 23.94 3.96
C LEU A 551 44.78 24.00 5.48
N ILE A 552 44.08 23.04 6.10
CA ILE A 552 43.72 23.08 7.52
C ILE A 552 44.46 22.00 8.29
N SER A 553 44.61 22.25 9.59
CA SER A 553 45.24 21.31 10.51
C SER A 553 44.27 20.61 11.44
N ASP A 554 43.03 21.08 11.55
CA ASP A 554 42.01 20.47 12.40
C ASP A 554 40.73 21.28 12.28
N TYR A 555 39.61 20.68 12.70
CA TYR A 555 38.35 21.41 12.78
C TYR A 555 37.43 20.70 13.75
N LYS A 556 36.58 21.50 14.42
CA LYS A 556 35.59 20.99 15.37
C LYS A 556 34.19 21.29 14.85
N GLU A 557 33.23 20.49 15.34
CA GLU A 557 31.85 20.55 14.89
C GLU A 557 30.94 20.99 16.03
N TYR A 558 30.00 21.88 15.73
CA TYR A 558 29.10 22.45 16.71
C TYR A 558 27.69 22.55 16.15
N HIS A 559 27.31 21.62 15.27
CA HIS A 559 26.00 21.70 14.62
C HIS A 559 24.87 21.26 15.56
N THR A 560 23.67 21.72 15.24
CA THR A 560 22.45 21.10 15.69
C THR A 560 21.79 20.44 14.47
N ASP A 561 20.58 19.91 14.67
CA ASP A 561 19.88 19.34 13.52
C ASP A 561 19.47 20.38 12.51
N THR A 562 19.47 21.67 12.88
CA THR A 562 18.93 22.72 12.03
C THR A 562 19.89 23.89 11.77
N THR A 563 21.10 23.86 12.31
CA THR A 563 22.04 24.96 12.13
C THR A 563 23.44 24.40 11.94
N VAL A 564 24.31 25.22 11.34
CA VAL A 564 25.67 24.83 11.03
C VAL A 564 26.64 25.69 11.81
N LYS A 565 27.72 25.08 12.28
CA LYS A 565 28.84 25.82 12.86
C LYS A 565 30.09 24.95 12.74
N PHE A 566 31.03 25.34 11.90
CA PHE A 566 32.34 24.72 11.83
C PHE A 566 33.39 25.69 12.38
N VAL A 567 34.26 25.18 13.26
CA VAL A 567 35.47 25.88 13.68
C VAL A 567 36.67 25.13 13.10
N VAL A 568 37.40 25.80 12.21
CA VAL A 568 38.55 25.24 11.51
C VAL A 568 39.79 26.01 11.94
N LYS A 569 40.86 25.29 12.23
CA LYS A 569 42.12 25.87 12.66
C LYS A 569 43.15 25.75 11.55
N MET A 570 43.92 26.81 11.34
CA MET A 570 44.87 26.88 10.25
C MET A 570 46.13 27.62 10.71
N THR A 571 47.22 27.38 10.00
CA THR A 571 48.41 28.20 10.19
C THR A 571 48.11 29.64 9.81
N GLU A 572 48.82 30.58 10.46
CA GLU A 572 48.58 31.99 10.19
C GLU A 572 48.72 32.30 8.71
N GLU A 573 49.67 31.63 8.04
CA GLU A 573 49.89 31.88 6.62
C GLU A 573 48.72 31.39 5.77
N LYS A 574 48.16 30.24 6.11
CA LYS A 574 47.06 29.68 5.31
C LYS A 574 45.85 30.60 5.29
N LEU A 575 45.53 31.23 6.42
CA LEU A 575 44.45 32.20 6.44
C LEU A 575 44.70 33.32 5.45
N ALA A 576 45.93 33.82 5.43
CA ALA A 576 46.25 35.00 4.64
C ALA A 576 45.99 34.77 3.15
N GLN A 577 46.44 33.65 2.62
CA GLN A 577 46.12 33.33 1.22
C GLN A 577 44.61 33.31 1.01
N ALA A 578 43.90 32.54 1.83
CA ALA A 578 42.46 32.36 1.65
C ALA A 578 41.69 33.66 1.82
N GLU A 579 42.05 34.47 2.82
CA GLU A 579 41.34 35.72 3.04
C GLU A 579 41.37 36.60 1.81
N ALA A 580 42.48 36.57 1.06
CA ALA A 580 42.64 37.37 -0.15
C ALA A 580 42.21 36.65 -1.41
N ALA A 581 42.25 35.31 -1.41
CA ALA A 581 41.75 34.52 -2.52
C ALA A 581 40.24 34.40 -2.50
N GLY A 582 39.60 34.80 -1.40
CA GLY A 582 38.17 34.67 -1.23
C GLY A 582 37.79 33.57 -0.26
N LEU A 583 37.41 33.96 0.95
CA LEU A 583 37.09 32.96 1.97
C LEU A 583 35.94 32.08 1.52
N HIS A 584 34.88 32.70 0.96
CA HIS A 584 33.75 31.93 0.46
C HIS A 584 34.17 31.02 -0.69
N LYS A 585 35.02 31.53 -1.58
CA LYS A 585 35.47 30.74 -2.72
C LYS A 585 36.30 29.55 -2.28
N VAL A 586 37.27 29.78 -1.38
CA VAL A 586 38.22 28.73 -1.02
C VAL A 586 37.50 27.54 -0.39
N PHE A 587 36.51 27.81 0.47
CA PHE A 587 35.84 26.76 1.24
C PHE A 587 34.57 26.24 0.56
N LYS A 588 34.40 26.52 -0.74
CA LYS A 588 33.28 25.97 -1.51
C LYS A 588 31.94 26.31 -0.86
N LEU A 589 31.78 27.59 -0.49
CA LEU A 589 30.51 28.08 0.03
C LEU A 589 29.73 28.88 -0.99
N GLN A 590 30.02 28.67 -2.27
CA GLN A 590 29.34 29.38 -3.36
C GLN A 590 28.72 28.36 -4.30
N THR A 591 27.42 28.52 -4.55
CA THR A 591 26.73 27.78 -5.59
C THR A 591 25.75 28.73 -6.26
N THR A 592 25.41 28.42 -7.51
CA THR A 592 24.59 29.30 -8.33
C THR A 592 23.27 28.62 -8.67
N LEU A 593 22.20 29.41 -8.61
CA LEU A 593 20.86 28.97 -9.00
C LEU A 593 20.50 29.56 -10.35
N THR A 594 19.75 28.80 -11.14
CA THR A 594 19.41 29.17 -12.50
C THR A 594 17.89 29.23 -12.69
N CYS A 595 17.46 30.17 -13.54
CA CYS A 595 16.07 30.24 -14.00
C CYS A 595 15.95 30.06 -15.51
N ASN A 596 16.93 29.44 -16.14
CA ASN A 596 16.94 29.28 -17.59
C ASN A 596 16.32 27.96 -18.04
N SER A 597 15.80 27.16 -17.11
CA SER A 597 15.15 25.89 -17.42
C SER A 597 13.85 25.77 -16.63
N MET A 598 13.03 26.82 -16.67
CA MET A 598 11.73 26.83 -16.01
C MET A 598 10.69 26.26 -16.99
N VAL A 599 10.61 24.93 -17.03
CA VAL A 599 9.68 24.20 -17.88
C VAL A 599 8.54 23.66 -17.03
N LEU A 600 7.31 23.84 -17.49
CA LEU A 600 6.14 23.38 -16.75
C LEU A 600 5.00 23.11 -17.71
N PHE A 601 4.03 22.34 -17.23
CA PHE A 601 2.80 22.13 -17.98
C PHE A 601 1.87 23.31 -17.75
N ASP A 602 1.40 23.92 -18.82
CA ASP A 602 0.38 24.94 -18.66
C ASP A 602 -0.95 24.27 -18.28
N HIS A 603 -1.93 25.09 -17.91
CA HIS A 603 -3.17 24.52 -17.40
C HIS A 603 -3.86 23.61 -18.41
N MET A 604 -3.37 23.51 -19.64
CA MET A 604 -3.97 22.69 -20.68
C MET A 604 -3.16 21.43 -20.97
N GLY A 605 -2.23 21.06 -20.08
CA GLY A 605 -1.47 19.83 -20.23
C GLY A 605 -0.32 19.90 -21.21
N CYS A 606 0.02 21.09 -21.69
CA CYS A 606 1.03 21.30 -22.72
C CYS A 606 2.29 21.91 -22.11
N LEU A 607 3.44 21.28 -22.35
CA LEU A 607 4.68 21.84 -21.83
C LEU A 607 4.96 23.21 -22.43
N LYS A 608 5.52 24.09 -21.61
CA LYS A 608 5.86 25.44 -22.02
C LYS A 608 7.09 25.86 -21.22
N LYS A 609 8.00 26.56 -21.87
CA LYS A 609 9.14 27.14 -21.19
C LYS A 609 8.78 28.55 -20.76
N TYR A 610 9.11 28.88 -19.51
CA TYR A 610 8.85 30.20 -18.97
C TYR A 610 10.17 30.89 -18.71
N GLU A 611 10.26 32.15 -19.14
CA GLU A 611 11.49 32.91 -19.06
C GLU A 611 11.59 33.70 -17.77
N THR A 612 10.46 34.02 -17.13
CA THR A 612 10.44 34.75 -15.87
C THR A 612 9.47 34.12 -14.88
N VAL A 613 9.77 34.32 -13.59
CA VAL A 613 8.78 34.04 -12.55
C VAL A 613 7.56 34.93 -12.72
N GLN A 614 7.76 36.14 -13.24
CA GLN A 614 6.61 37.02 -13.45
C GLN A 614 5.66 36.42 -14.49
N ASP A 615 6.22 35.78 -15.52
CA ASP A 615 5.38 35.11 -16.52
C ASP A 615 4.56 34.00 -15.89
N ILE A 616 5.17 33.22 -15.00
CA ILE A 616 4.44 32.16 -14.30
C ILE A 616 3.32 32.76 -13.47
N LEU A 617 3.61 33.86 -12.77
CA LEU A 617 2.62 34.45 -11.89
C LEU A 617 1.46 35.06 -12.67
N LYS A 618 1.69 35.54 -13.89
CA LYS A 618 0.60 36.12 -14.66
C LYS A 618 -0.31 35.03 -15.23
N GLU A 619 0.28 33.99 -15.84
CA GLU A 619 -0.55 32.90 -16.35
C GLU A 619 -1.33 32.25 -15.22
N PHE A 620 -0.68 32.05 -14.07
CA PHE A 620 -1.41 31.61 -12.89
C PHE A 620 -2.50 32.59 -12.53
N PHE A 621 -2.15 33.88 -12.44
CA PHE A 621 -3.07 34.88 -11.91
C PHE A 621 -4.36 34.92 -12.72
N ASP A 622 -4.22 34.94 -14.05
CA ASP A 622 -5.41 35.05 -14.90
C ASP A 622 -6.31 33.83 -14.71
N LEU A 623 -5.71 32.64 -14.66
CA LEU A 623 -6.50 31.42 -14.48
C LEU A 623 -7.20 31.41 -13.13
N ARG A 624 -6.46 31.72 -12.06
CA ARG A 624 -7.02 31.67 -10.72
C ARG A 624 -8.13 32.69 -10.55
N LEU A 625 -7.98 33.88 -11.15
CA LEU A 625 -9.04 34.87 -11.08
C LEU A 625 -10.28 34.40 -11.82
N SER A 626 -10.11 33.68 -12.92
CA SER A 626 -11.25 33.06 -13.58
C SER A 626 -11.96 32.11 -12.63
N TYR A 627 -11.18 31.30 -11.91
CA TYR A 627 -11.79 30.30 -11.04
C TYR A 627 -12.44 30.90 -9.80
N TYR A 628 -12.09 32.13 -9.43
CA TYR A 628 -12.85 32.81 -8.38
C TYR A 628 -14.22 33.24 -8.91
N GLY A 629 -14.28 33.66 -10.17
CA GLY A 629 -15.58 33.92 -10.77
C GLY A 629 -16.41 32.65 -10.89
N LEU A 630 -15.77 31.54 -11.27
CA LEU A 630 -16.46 30.26 -11.30
C LEU A 630 -16.94 29.88 -9.90
N ARG A 631 -16.17 30.20 -8.87
CA ARG A 631 -16.57 29.85 -7.51
C ARG A 631 -17.80 30.65 -7.08
N LYS A 632 -17.86 31.95 -7.42
CA LYS A 632 -19.04 32.74 -7.06
C LYS A 632 -20.28 32.21 -7.77
N GLU A 633 -20.16 31.83 -9.03
CA GLU A 633 -21.31 31.28 -9.74
C GLU A 633 -21.78 29.99 -9.07
N TRP A 634 -20.86 29.10 -8.75
CA TRP A 634 -21.25 27.84 -8.11
C TRP A 634 -21.88 28.11 -6.75
N LEU A 635 -21.24 28.96 -5.94
CA LEU A 635 -21.76 29.22 -4.59
C LEU A 635 -23.16 29.82 -4.62
N VAL A 636 -23.40 30.74 -5.56
CA VAL A 636 -24.71 31.40 -5.61
C VAL A 636 -25.82 30.37 -5.86
N GLY A 637 -25.58 29.43 -6.77
CA GLY A 637 -26.57 28.40 -7.01
C GLY A 637 -26.71 27.44 -5.84
N MET A 638 -25.58 26.93 -5.34
CA MET A 638 -25.61 25.99 -4.24
C MET A 638 -26.18 26.64 -2.98
N LEU A 639 -25.77 27.87 -2.69
CA LEU A 639 -26.24 28.56 -1.49
C LEU A 639 -27.74 28.80 -1.58
N GLY A 640 -28.21 29.27 -2.72
CA GLY A 640 -29.65 29.47 -2.91
C GLY A 640 -30.42 28.17 -2.81
N ALA A 641 -29.85 27.08 -3.35
CA ALA A 641 -30.46 25.77 -3.19
C ALA A 641 -30.48 25.37 -1.73
N GLU A 642 -29.34 25.50 -1.06
CA GLU A 642 -29.30 25.22 0.38
C GLU A 642 -30.27 26.11 1.13
N SER A 643 -30.46 27.36 0.68
CA SER A 643 -31.32 28.29 1.40
C SER A 643 -32.79 27.86 1.33
N THR A 644 -33.29 27.55 0.15
CA THR A 644 -34.68 27.11 0.05
C THR A 644 -34.88 25.77 0.74
N LYS A 645 -33.91 24.87 0.61
CA LYS A 645 -33.91 23.62 1.37
C LYS A 645 -34.32 23.84 2.83
N LEU A 646 -33.54 24.65 3.55
CA LEU A 646 -33.82 24.94 4.95
C LEU A 646 -35.17 25.64 5.13
N ASN A 647 -35.52 26.54 4.21
CA ASN A 647 -36.83 27.19 4.30
C ASN A 647 -37.93 26.15 4.42
N ASN A 648 -37.83 25.05 3.64
CA ASN A 648 -38.84 24.01 3.71
C ASN A 648 -38.71 23.21 4.99
N GLN A 649 -37.48 22.85 5.38
CA GLN A 649 -37.26 22.13 6.62
C GLN A 649 -37.82 22.91 7.80
N ALA A 650 -37.45 24.19 7.92
CA ALA A 650 -37.95 25.01 9.01
C ALA A 650 -39.46 25.11 8.96
N ARG A 651 -40.02 25.22 7.75
CA ARG A 651 -41.47 25.34 7.63
C ARG A 651 -42.18 24.10 8.12
N PHE A 652 -41.70 22.91 7.72
CA PHE A 652 -42.32 21.68 8.21
C PHE A 652 -42.26 21.59 9.72
N ILE A 653 -41.06 21.77 10.29
CA ILE A 653 -40.91 21.70 11.74
C ILE A 653 -41.84 22.70 12.42
N LEU A 654 -41.90 23.92 11.90
CA LEU A 654 -42.78 24.93 12.49
C LEU A 654 -44.24 24.53 12.35
N GLU A 655 -44.63 24.03 11.18
CA GLU A 655 -46.03 23.63 10.98
C GLU A 655 -46.39 22.41 11.82
N LYS A 656 -45.42 21.52 12.10
CA LYS A 656 -45.68 20.41 13.00
C LYS A 656 -45.82 20.90 14.44
N ILE A 657 -44.90 21.76 14.88
CA ILE A 657 -44.90 22.22 16.26
C ILE A 657 -46.21 22.91 16.60
N GLN A 658 -46.74 23.69 15.65
CA GLN A 658 -47.94 24.48 15.87
C GLN A 658 -49.21 23.78 15.44
N GLY A 659 -49.12 22.51 15.01
CA GLY A 659 -50.29 21.70 14.78
C GLY A 659 -50.98 21.88 13.45
N LYS A 660 -50.37 22.63 12.52
CA LYS A 660 -50.94 22.79 11.20
C LYS A 660 -50.66 21.60 10.30
N ILE A 661 -49.85 20.65 10.75
CA ILE A 661 -49.52 19.46 9.98
C ILE A 661 -49.54 18.24 10.89
N THR A 662 -49.94 17.09 10.32
CA THR A 662 -49.89 15.80 11.01
C THR A 662 -49.30 14.73 10.12
N ILE A 663 -48.39 13.96 10.71
CA ILE A 663 -47.78 12.80 10.06
C ILE A 663 -48.08 11.52 10.80
N GLU A 664 -48.58 11.61 12.04
CA GLU A 664 -48.78 10.43 12.86
C GLU A 664 -49.79 9.49 12.22
N ASN A 665 -49.38 8.22 12.17
CA ASN A 665 -50.14 7.10 11.64
C ASN A 665 -50.92 7.53 10.39
N ARG A 666 -50.17 8.09 9.43
CA ARG A 666 -50.68 8.50 8.12
C ARG A 666 -49.98 7.71 7.02
N SER A 667 -50.69 7.49 5.91
CA SER A 667 -50.09 6.73 4.83
C SER A 667 -48.95 7.51 4.20
N LYS A 668 -48.03 6.79 3.58
CA LYS A 668 -46.92 7.44 2.90
C LYS A 668 -47.42 8.24 1.71
N LYS A 669 -48.23 7.62 0.86
CA LYS A 669 -48.79 8.32 -0.29
C LYS A 669 -49.68 9.47 0.17
N ASP A 670 -50.47 9.26 1.22
CA ASP A 670 -51.24 10.36 1.80
C ASP A 670 -50.32 11.51 2.19
N LEU A 671 -49.20 11.19 2.85
CA LEU A 671 -48.30 12.23 3.34
C LEU A 671 -47.65 12.99 2.20
N ILE A 672 -47.12 12.28 1.21
CA ILE A 672 -46.49 12.93 0.07
C ILE A 672 -47.49 13.85 -0.62
N GLN A 673 -48.72 13.37 -0.81
CA GLN A 673 -49.76 14.17 -1.45
C GLN A 673 -50.04 15.43 -0.65
N MET A 674 -50.13 15.31 0.68
CA MET A 674 -50.27 16.49 1.53
C MET A 674 -49.17 17.50 1.27
N LEU A 675 -47.92 17.04 1.30
CA LEU A 675 -46.80 17.96 1.18
C LEU A 675 -46.85 18.68 -0.17
N VAL A 676 -47.21 17.94 -1.22
CA VAL A 676 -47.26 18.53 -2.56
C VAL A 676 -48.35 19.59 -2.64
N GLN A 677 -49.55 19.27 -2.17
CA GLN A 677 -50.65 20.22 -2.27
C GLN A 677 -50.52 21.41 -1.32
N ARG A 678 -49.71 21.28 -0.26
CA ARG A 678 -49.36 22.42 0.57
C ARG A 678 -48.18 23.21 0.02
N GLY A 679 -47.59 22.77 -1.09
CA GLY A 679 -46.57 23.52 -1.78
C GLY A 679 -45.15 23.32 -1.32
N TYR A 680 -44.86 22.23 -0.61
CA TYR A 680 -43.47 21.93 -0.31
C TYR A 680 -42.75 21.51 -1.59
N GLU A 681 -41.45 21.73 -1.61
CA GLU A 681 -40.66 21.50 -2.82
C GLU A 681 -39.80 20.25 -2.69
N SER A 682 -39.60 19.58 -3.83
CA SER A 682 -38.68 18.46 -3.88
C SER A 682 -37.28 18.91 -3.52
N ASP A 683 -36.46 17.97 -3.07
CA ASP A 683 -35.13 18.27 -2.54
C ASP A 683 -34.43 19.27 -3.44
N PRO A 684 -34.29 20.52 -3.00
CA PRO A 684 -33.75 21.55 -3.91
C PRO A 684 -32.27 21.40 -4.19
N VAL A 685 -31.46 20.99 -3.19
CA VAL A 685 -30.04 20.77 -3.45
C VAL A 685 -29.86 19.62 -4.43
N LYS A 686 -30.65 18.55 -4.29
CA LYS A 686 -30.59 17.47 -5.26
C LYS A 686 -31.05 17.92 -6.64
N ALA A 687 -32.09 18.76 -6.69
CA ALA A 687 -32.51 19.33 -7.98
C ALA A 687 -31.37 20.13 -8.62
N TRP A 688 -30.76 21.03 -7.84
CA TRP A 688 -29.72 21.88 -8.40
C TRP A 688 -28.52 21.06 -8.86
N LYS A 689 -28.10 20.08 -8.05
CA LYS A 689 -26.98 19.23 -8.45
C LYS A 689 -27.31 18.45 -9.72
N GLU A 690 -28.53 17.92 -9.81
CA GLU A 690 -28.95 17.23 -11.02
C GLU A 690 -28.99 18.17 -12.22
N ALA A 691 -29.48 19.40 -12.01
CA ALA A 691 -29.46 20.38 -13.10
C ALA A 691 -28.05 20.73 -13.52
N GLN A 692 -27.14 20.87 -12.55
CA GLN A 692 -25.75 21.18 -12.87
C GLN A 692 -25.12 20.09 -13.73
N GLU A 693 -25.27 18.83 -13.31
CA GLU A 693 -24.67 17.73 -14.04
C GLU A 693 -25.32 17.51 -15.40
N LYS A 694 -26.53 18.03 -15.62
CA LYS A 694 -27.18 17.90 -16.92
C LYS A 694 -26.38 18.62 -18.00
N ALA A 695 -26.02 19.88 -17.75
CA ALA A 695 -25.28 20.67 -18.73
C ALA A 695 -23.89 20.09 -18.95
N SER A 716 -38.73 8.54 -8.40
CA SER A 716 -38.71 9.25 -9.68
C SER A 716 -39.81 10.31 -9.72
N GLY A 717 -40.34 10.63 -8.53
CA GLY A 717 -41.27 11.72 -8.37
C GLY A 717 -40.70 12.72 -7.39
N PRO A 718 -41.55 13.52 -6.75
CA PRO A 718 -41.04 14.48 -5.77
C PRO A 718 -40.38 13.76 -4.60
N ASP A 719 -39.24 14.30 -4.15
CA ASP A 719 -38.44 13.73 -3.07
C ASP A 719 -38.51 14.63 -1.85
N PHE A 720 -39.12 14.14 -0.78
CA PHE A 720 -39.21 14.86 0.49
C PHE A 720 -38.38 14.21 1.59
N ASN A 721 -37.44 13.33 1.24
CA ASN A 721 -36.67 12.64 2.25
C ASN A 721 -35.91 13.62 3.13
N TYR A 722 -35.44 14.73 2.56
CA TYR A 722 -34.69 15.69 3.35
C TYR A 722 -35.49 16.26 4.51
N ILE A 723 -36.82 16.21 4.42
CA ILE A 723 -37.67 16.66 5.53
C ILE A 723 -37.97 15.51 6.48
N LEU A 724 -38.37 14.35 5.98
CA LEU A 724 -38.88 13.29 6.84
C LEU A 724 -37.78 12.39 7.39
N ASN A 725 -36.54 12.51 6.90
CA ASN A 725 -35.43 11.82 7.53
C ASN A 725 -34.91 12.56 8.75
N MET A 726 -35.40 13.77 9.00
CA MET A 726 -34.99 14.49 10.19
C MET A 726 -35.37 13.70 11.42
N SER A 727 -34.53 13.78 12.44
CA SER A 727 -34.75 13.00 13.64
C SER A 727 -35.95 13.54 14.40
N LEU A 728 -36.56 12.67 15.21
CA LEU A 728 -37.58 13.13 16.15
C LEU A 728 -37.05 14.27 17.00
N TRP A 729 -35.74 14.26 17.32
CA TRP A 729 -35.15 15.35 18.07
C TRP A 729 -35.52 16.70 17.48
N SER A 730 -35.64 16.77 16.15
CA SER A 730 -35.82 18.04 15.45
C SER A 730 -37.10 18.77 15.84
N LEU A 731 -38.00 18.13 16.58
CA LEU A 731 -39.24 18.78 17.02
C LEU A 731 -39.09 19.47 18.37
N THR A 732 -37.94 19.37 19.03
CA THR A 732 -37.76 19.90 20.37
C THR A 732 -37.19 21.31 20.35
N LYS A 733 -37.50 22.07 21.40
CA LYS A 733 -37.21 23.49 21.47
C LYS A 733 -35.81 23.85 20.96
N GLU A 734 -34.77 23.26 21.55
CA GLU A 734 -33.42 23.63 21.19
C GLU A 734 -33.11 23.30 19.73
N LYS A 735 -33.66 22.20 19.21
CA LYS A 735 -33.43 21.86 17.82
C LYS A 735 -34.25 22.73 16.87
N VAL A 736 -35.45 23.14 17.30
CA VAL A 736 -36.23 24.10 16.53
C VAL A 736 -35.49 25.42 16.42
N GLU A 737 -34.97 25.91 17.56
CA GLU A 737 -34.27 27.18 17.56
C GLU A 737 -33.04 27.15 16.66
N GLU A 738 -32.24 26.09 16.72
CA GLU A 738 -31.01 26.07 15.93
C GLU A 738 -31.33 25.98 14.44
N LEU A 739 -32.38 25.23 14.07
CA LEU A 739 -32.72 25.13 12.66
C LEU A 739 -33.09 26.50 12.12
N ILE A 740 -33.88 27.27 12.87
CA ILE A 740 -34.26 28.61 12.44
C ILE A 740 -33.04 29.50 12.31
N LYS A 741 -32.12 29.42 13.28
CA LYS A 741 -30.88 30.18 13.15
C LYS A 741 -30.14 29.79 11.88
N GLN A 742 -30.08 28.49 11.57
CA GLN A 742 -29.43 28.05 10.35
C GLN A 742 -30.13 28.59 9.11
N ARG A 743 -31.47 28.58 9.10
CA ARG A 743 -32.19 29.08 7.93
C ARG A 743 -31.93 30.57 7.73
N ASP A 744 -32.08 31.36 8.79
CA ASP A 744 -31.86 32.80 8.67
C ASP A 744 -30.42 33.10 8.27
N ALA A 745 -29.47 32.33 8.80
CA ALA A 745 -28.07 32.55 8.49
C ALA A 745 -27.78 32.24 7.03
N LYS A 746 -28.33 31.15 6.51
CA LYS A 746 -28.10 30.81 5.10
C LYS A 746 -28.66 31.89 4.19
N GLY A 747 -29.78 32.50 4.56
CA GLY A 747 -30.29 33.63 3.78
C GLY A 747 -29.31 34.78 3.75
N ARG A 748 -28.75 35.13 4.91
CA ARG A 748 -27.74 36.19 4.95
C ARG A 748 -26.53 35.80 4.10
N GLU A 749 -26.09 34.55 4.20
CA GLU A 749 -24.92 34.12 3.42
C GLU A 749 -25.15 34.34 1.93
N VAL A 750 -26.38 34.09 1.45
CA VAL A 750 -26.70 34.34 0.05
C VAL A 750 -26.69 35.83 -0.24
N ASN A 751 -27.29 36.64 0.63
CA ASN A 751 -27.34 38.07 0.42
C ASN A 751 -25.93 38.68 0.42
N ASP A 752 -25.08 38.20 1.33
CA ASP A 752 -23.73 38.74 1.43
C ASP A 752 -22.90 38.42 0.20
N LEU A 753 -23.09 37.23 -0.40
CA LEU A 753 -22.29 36.87 -1.56
C LEU A 753 -22.64 37.71 -2.77
N LYS A 754 -23.90 38.11 -2.92
CA LYS A 754 -24.27 38.96 -4.03
C LYS A 754 -23.49 40.27 -3.99
N ARG A 755 -23.08 40.71 -2.80
CA ARG A 755 -22.35 41.95 -2.62
C ARG A 755 -20.84 41.78 -2.71
N LYS A 756 -20.35 40.58 -3.03
CA LYS A 756 -18.92 40.32 -3.13
C LYS A 756 -18.53 40.03 -4.57
N SER A 757 -17.40 40.58 -4.98
CA SER A 757 -16.81 40.32 -6.28
C SER A 757 -15.90 39.10 -6.20
N PRO A 758 -15.53 38.52 -7.33
CA PRO A 758 -14.52 37.45 -7.28
C PRO A 758 -13.24 37.88 -6.59
N SER A 759 -12.81 39.12 -6.78
CA SER A 759 -11.60 39.61 -6.13
C SER A 759 -11.76 39.65 -4.61
N ASP A 760 -12.92 40.09 -4.12
CA ASP A 760 -13.15 40.13 -2.67
C ASP A 760 -12.96 38.75 -2.06
N LEU A 761 -13.53 37.72 -2.68
CA LEU A 761 -13.35 36.36 -2.18
C LEU A 761 -11.87 36.01 -2.13
N TRP A 762 -11.13 36.33 -3.20
CA TRP A 762 -9.71 36.04 -3.23
C TRP A 762 -8.97 36.77 -2.12
N LYS A 763 -9.27 38.06 -1.94
CA LYS A 763 -8.65 38.81 -0.86
C LYS A 763 -9.03 38.22 0.50
N GLU A 764 -10.28 37.78 0.64
CA GLU A 764 -10.69 37.10 1.87
C GLU A 764 -9.80 35.89 2.14
N ASP A 765 -9.59 35.05 1.13
CA ASP A 765 -8.76 33.86 1.29
C ASP A 765 -7.32 34.24 1.61
N LEU A 766 -6.79 35.27 0.94
CA LEU A 766 -5.42 35.68 1.23
C LEU A 766 -5.26 36.09 2.68
N ALA A 767 -6.23 36.85 3.22
CA ALA A 767 -6.18 37.23 4.62
C ALA A 767 -6.17 36.01 5.52
N ALA A 768 -7.10 35.08 5.29
CA ALA A 768 -7.16 33.88 6.11
C ALA A 768 -5.85 33.10 6.04
N PHE A 769 -5.20 33.10 4.88
CA PHE A 769 -3.95 32.37 4.74
C PHE A 769 -2.82 33.02 5.54
N VAL A 770 -2.62 34.33 5.36
CA VAL A 770 -1.49 34.99 6.00
C VAL A 770 -1.60 34.94 7.52
N GLU A 771 -2.81 35.13 8.05
CA GLU A 771 -2.98 35.07 9.49
C GLU A 771 -2.48 33.74 10.04
N GLU A 772 -2.91 32.63 9.43
CA GLU A 772 -2.46 31.32 9.88
C GLU A 772 -0.97 31.12 9.62
N LEU A 773 -0.46 31.65 8.51
CA LEU A 773 0.97 31.49 8.22
C LEU A 773 1.80 32.13 9.32
N ASP A 774 1.43 33.34 9.74
CA ASP A 774 2.10 33.98 10.87
C ASP A 774 2.04 33.08 12.11
N LYS A 775 0.83 32.63 12.46
CA LYS A 775 0.66 31.85 13.68
C LYS A 775 1.48 30.58 13.64
N VAL A 776 1.42 29.85 12.52
CA VAL A 776 2.13 28.59 12.43
C VAL A 776 3.64 28.82 12.51
N GLU A 777 4.13 29.85 11.83
CA GLU A 777 5.57 30.04 11.74
C GLU A 777 6.16 30.59 13.03
N SER A 778 5.40 31.35 13.82
CA SER A 778 5.89 31.73 15.14
C SER A 778 5.92 30.50 16.06
N GLN A 779 4.91 29.63 15.96
CA GLN A 779 4.96 28.37 16.70
C GLN A 779 6.18 27.55 16.31
N GLU A 780 6.52 27.54 15.01
CA GLU A 780 7.69 26.81 14.56
C GLU A 780 8.95 27.34 15.23
N ARG A 781 9.08 28.66 15.34
CA ARG A 781 10.26 29.25 15.96
C ARG A 781 10.27 28.98 17.47
N GLU A 782 9.12 29.12 18.13
CA GLU A 782 9.03 28.83 19.56
C GLU A 782 9.43 27.38 19.87
N ASP A 783 8.95 26.44 19.06
CA ASP A 783 9.23 25.02 19.30
C ASP A 783 10.64 24.63 18.88
N GLY A 784 11.50 25.61 18.62
CA GLY A 784 12.89 25.36 18.30
C GLY A 784 13.79 25.78 19.45
N SER B 31 43.77 10.26 20.28
CA SER B 31 43.15 11.49 20.73
C SER B 31 42.27 12.12 19.64
N LYS B 32 42.80 12.20 18.42
CA LYS B 32 42.05 12.71 17.27
C LYS B 32 41.88 11.59 16.25
N ILE B 33 40.63 11.30 15.94
CA ILE B 33 40.30 10.25 14.98
C ILE B 33 40.39 10.79 13.57
N LYS B 34 41.15 10.08 12.72
CA LYS B 34 41.28 10.41 11.31
C LYS B 34 40.68 9.29 10.47
N GLY B 35 39.95 9.68 9.43
CA GLY B 35 39.49 8.75 8.42
C GLY B 35 38.15 8.08 8.65
N ILE B 36 37.41 8.46 9.68
CA ILE B 36 36.05 7.98 9.88
C ILE B 36 35.11 9.18 9.83
N PRO B 37 34.46 9.41 8.68
CA PRO B 37 33.71 10.66 8.50
C PRO B 37 32.35 10.67 9.20
N LYS B 38 31.74 9.50 9.36
CA LYS B 38 30.40 9.42 9.93
C LYS B 38 30.40 9.59 11.45
N LEU B 39 31.56 9.71 12.08
CA LEU B 39 31.66 9.81 13.53
C LEU B 39 31.54 11.27 13.98
N ASP B 40 30.70 11.50 14.99
CA ASP B 40 30.69 12.78 15.71
C ASP B 40 31.48 12.59 17.00
N ASP B 41 32.80 12.59 16.86
CA ASP B 41 33.69 12.30 17.97
C ASP B 41 33.57 13.36 19.07
N ALA B 42 33.44 12.90 20.32
CA ALA B 42 33.36 13.81 21.44
C ALA B 42 34.67 14.59 21.60
N ASN B 43 34.55 15.87 21.97
CA ASN B 43 35.72 16.72 22.04
C ASN B 43 36.72 16.19 23.08
N ASP B 44 36.22 15.76 24.23
CA ASP B 44 37.09 15.29 25.30
C ASP B 44 37.49 13.83 25.15
N ALA B 45 37.03 13.15 24.11
CA ALA B 45 37.32 11.73 23.94
C ALA B 45 38.76 11.51 23.49
N GLY B 46 39.34 10.41 23.96
CA GLY B 46 40.69 9.99 23.61
C GLY B 46 41.82 10.70 24.33
N GLY B 47 41.52 11.58 25.28
CA GLY B 47 42.53 12.25 26.07
C GLY B 47 42.24 12.04 27.54
N LYS B 48 42.75 12.97 28.36
CA LYS B 48 42.43 12.91 29.78
C LYS B 48 40.92 13.06 29.92
N HIS B 49 40.34 12.40 30.90
CA HIS B 49 38.89 12.49 31.00
C HIS B 49 38.19 11.61 29.97
N SER B 50 38.95 10.77 29.29
CA SER B 50 38.40 9.74 28.42
C SER B 50 37.43 8.85 29.16
N LEU B 51 37.71 8.57 30.44
CA LEU B 51 36.89 7.65 31.21
C LEU B 51 35.46 8.14 31.35
N GLU B 52 35.26 9.46 31.35
CA GLU B 52 33.94 10.06 31.53
C GLU B 52 33.18 10.25 30.22
N CYS B 53 33.70 9.79 29.09
CA CYS B 53 33.07 9.99 27.80
C CYS B 53 32.28 8.75 27.38
N THR B 54 31.18 8.99 26.66
CA THR B 54 30.28 7.93 26.23
C THR B 54 30.11 7.98 24.72
N LEU B 55 30.29 6.84 24.07
CA LEU B 55 30.04 6.68 22.63
C LEU B 55 28.64 6.10 22.44
N ILE B 56 27.80 6.81 21.69
CA ILE B 56 26.44 6.37 21.39
C ILE B 56 26.45 5.72 20.01
N LEU B 57 26.22 4.41 19.98
CA LEU B 57 26.02 3.71 18.71
C LEU B 57 24.53 3.71 18.41
N THR B 58 24.17 4.20 17.22
CA THR B 58 22.77 4.37 16.86
C THR B 58 22.41 3.46 15.69
N GLU B 59 21.13 3.12 15.62
CA GLU B 59 20.56 2.33 14.53
C GLU B 59 20.34 3.23 13.33
N GLY B 60 21.38 3.38 12.51
CA GLY B 60 21.25 4.12 11.27
C GLY B 60 21.37 5.62 11.45
N ASP B 61 21.16 6.33 10.34
CA ASP B 61 21.33 7.78 10.32
C ASP B 61 20.17 8.50 10.99
N SER B 62 18.95 7.98 10.85
CA SER B 62 17.80 8.65 11.45
C SER B 62 17.95 8.74 12.96
N ALA B 63 18.37 7.65 13.60
CA ALA B 63 18.63 7.68 15.03
C ALA B 63 19.77 8.64 15.36
N LYS B 64 20.82 8.66 14.53
CA LYS B 64 21.93 9.57 14.78
C LYS B 64 21.45 11.02 14.83
N SER B 65 20.61 11.40 13.86
CA SER B 65 20.10 12.77 13.86
C SER B 65 19.31 13.06 15.13
N LEU B 66 18.49 12.10 15.57
CA LEU B 66 17.79 12.26 16.84
C LEU B 66 18.77 12.55 17.97
N ALA B 67 19.84 11.75 18.06
CA ALA B 67 20.84 11.96 19.09
C ALA B 67 21.51 13.32 18.94
N VAL B 68 21.84 13.72 17.71
CA VAL B 68 22.43 15.03 17.48
C VAL B 68 21.50 16.12 17.98
N SER B 69 20.21 16.01 17.64
CA SER B 69 19.24 17.01 18.09
C SER B 69 19.28 17.16 19.60
N GLY B 70 19.35 16.03 20.33
CA GLY B 70 19.34 16.09 21.77
C GLY B 70 20.66 16.60 22.34
N LEU B 71 21.78 16.22 21.73
CA LEU B 71 23.06 16.69 22.22
C LEU B 71 23.23 18.18 22.03
N GLY B 72 22.64 18.76 20.98
CA GLY B 72 22.82 20.17 20.76
C GLY B 72 24.30 20.50 20.64
N VAL B 73 24.68 21.63 21.19
CA VAL B 73 26.09 22.03 21.23
C VAL B 73 26.73 21.67 22.57
N ILE B 74 26.05 21.90 23.69
CA ILE B 74 26.67 21.69 24.99
C ILE B 74 26.91 20.22 25.28
N GLY B 75 26.26 19.31 24.55
CA GLY B 75 26.41 17.89 24.79
C GLY B 75 27.53 17.21 24.05
N ARG B 76 28.21 17.92 23.16
CA ARG B 76 29.26 17.32 22.34
C ARG B 76 30.58 17.12 23.07
N ASP B 77 30.72 17.63 24.28
CA ASP B 77 31.95 17.45 25.04
C ASP B 77 32.10 16.01 25.52
N ARG B 78 31.05 15.47 26.09
CA ARG B 78 31.08 14.20 26.81
C ARG B 78 30.36 13.07 26.08
N TYR B 79 29.86 13.32 24.87
CA TYR B 79 29.16 12.31 24.08
C TYR B 79 29.64 12.34 22.65
N GLY B 80 29.88 11.16 22.08
CA GLY B 80 30.12 11.01 20.65
C GLY B 80 29.07 10.11 20.05
N VAL B 81 28.82 10.28 18.76
CA VAL B 81 27.78 9.53 18.06
C VAL B 81 28.37 8.88 16.81
N PHE B 82 28.01 7.61 16.59
CA PHE B 82 28.44 6.86 15.41
C PHE B 82 27.31 6.00 14.88
N PRO B 83 26.98 6.10 13.59
CA PRO B 83 25.85 5.33 13.04
C PRO B 83 26.26 3.94 12.57
N LEU B 84 25.52 2.91 12.97
CA LEU B 84 25.76 1.56 12.50
C LEU B 84 24.95 1.34 11.22
N ARG B 85 25.63 0.94 10.16
CA ARG B 85 24.95 0.55 8.92
C ARG B 85 24.45 -0.88 9.09
N GLY B 86 23.13 -1.05 9.22
CA GLY B 86 22.57 -2.38 9.36
C GLY B 86 22.91 -2.99 10.71
N LYS B 87 23.30 -4.27 10.68
CA LYS B 87 23.51 -5.07 11.88
C LYS B 87 24.97 -5.51 11.96
N ILE B 88 25.50 -5.56 13.19
CA ILE B 88 26.88 -5.95 13.39
C ILE B 88 27.05 -7.42 13.02
N LEU B 89 28.25 -7.76 12.55
CA LEU B 89 28.53 -9.13 12.14
C LEU B 89 28.57 -10.04 13.37
N ASN B 90 28.01 -11.24 13.23
CA ASN B 90 27.99 -12.23 14.31
C ASN B 90 29.36 -12.90 14.38
N VAL B 91 30.28 -12.23 15.10
CA VAL B 91 31.66 -12.68 15.17
C VAL B 91 31.81 -14.05 15.81
N ARG B 92 30.77 -14.56 16.48
CA ARG B 92 30.89 -15.88 17.09
C ARG B 92 30.76 -17.02 16.10
N GLU B 93 30.27 -16.74 14.89
CA GLU B 93 30.11 -17.77 13.86
C GLU B 93 30.61 -17.25 12.52
N ALA B 94 31.80 -16.66 12.52
CA ALA B 94 32.39 -16.11 11.32
C ALA B 94 33.88 -16.46 11.28
N SER B 95 34.44 -16.49 10.08
CA SER B 95 35.85 -16.80 9.91
C SER B 95 36.72 -15.61 10.28
N HIS B 96 38.00 -15.89 10.54
CA HIS B 96 38.96 -14.84 10.85
C HIS B 96 39.07 -13.84 9.71
N LYS B 97 39.00 -14.31 8.47
CA LYS B 97 39.10 -13.39 7.33
C LYS B 97 37.94 -12.40 7.33
N GLN B 98 36.73 -12.88 7.63
CA GLN B 98 35.57 -12.01 7.69
C GLN B 98 35.69 -10.98 8.81
N ILE B 99 36.21 -11.40 9.97
CA ILE B 99 36.22 -10.52 11.14
C ILE B 99 37.27 -9.41 11.02
N MET B 100 38.48 -9.72 10.54
CA MET B 100 39.47 -8.66 10.43
C MET B 100 39.18 -7.72 9.28
N GLU B 101 38.30 -8.13 8.35
CA GLU B 101 37.97 -7.28 7.21
C GLU B 101 36.78 -6.37 7.48
N ASN B 102 35.74 -6.86 8.16
CA ASN B 102 34.52 -6.09 8.44
C ASN B 102 34.84 -4.67 8.93
N ALA B 103 34.25 -3.65 8.29
CA ALA B 103 34.63 -2.27 8.58
C ALA B 103 33.98 -1.65 9.80
N GLU B 104 32.68 -1.88 9.99
CA GLU B 104 32.07 -1.36 11.18
C GLU B 104 32.81 -1.78 12.42
N ILE B 105 33.12 -3.09 12.55
CA ILE B 105 33.86 -3.57 13.72
C ILE B 105 35.20 -2.83 13.90
N ASN B 106 36.00 -2.78 12.83
CA ASN B 106 37.30 -2.10 12.93
C ASN B 106 37.12 -0.61 13.27
N ASN B 107 36.11 0.02 12.65
CA ASN B 107 35.82 1.41 12.94
C ASN B 107 35.44 1.61 14.40
N ILE B 108 34.54 0.77 14.91
CA ILE B 108 34.16 0.84 16.32
C ILE B 108 35.40 0.68 17.19
N ILE B 109 36.24 -0.31 16.89
CA ILE B 109 37.43 -0.56 17.68
C ILE B 109 38.32 0.69 17.69
N LYS B 110 38.55 1.28 16.52
CA LYS B 110 39.37 2.49 16.45
C LYS B 110 38.72 3.65 17.21
N ILE B 111 37.41 3.86 17.02
CA ILE B 111 36.75 4.99 17.67
C ILE B 111 36.85 4.89 19.17
N VAL B 112 36.65 3.70 19.71
CA VAL B 112 36.52 3.54 21.14
C VAL B 112 37.89 3.38 21.80
N GLY B 113 38.87 2.89 21.05
CA GLY B 113 40.18 2.53 21.58
C GLY B 113 40.38 1.07 21.93
N LEU B 114 39.48 0.18 21.53
CA LEU B 114 39.60 -1.24 21.86
C LEU B 114 40.82 -1.87 21.20
N GLN B 115 41.34 -2.93 21.82
CA GLN B 115 42.44 -3.71 21.27
C GLN B 115 42.22 -5.19 21.53
N TYR B 116 42.39 -6.00 20.48
CA TYR B 116 42.25 -7.44 20.64
C TYR B 116 43.27 -7.98 21.64
N LYS B 117 44.51 -7.47 21.58
CA LYS B 117 45.56 -7.99 22.44
C LYS B 117 45.27 -7.77 23.92
N LYS B 118 44.49 -6.75 24.26
CA LYS B 118 44.13 -6.54 25.65
C LYS B 118 42.94 -7.39 26.04
N SER B 119 42.71 -7.46 27.36
CA SER B 119 41.58 -8.17 27.93
C SER B 119 40.77 -7.32 28.90
N TYR B 120 41.34 -6.23 29.42
CA TYR B 120 40.62 -5.30 30.28
C TYR B 120 40.12 -5.98 31.56
N ASP B 121 40.86 -7.01 32.01
CA ASP B 121 40.50 -7.67 33.27
C ASP B 121 40.57 -6.70 34.44
N ASP B 122 41.62 -5.87 34.49
CA ASP B 122 41.72 -4.87 35.53
C ASP B 122 40.91 -3.66 35.13
N ALA B 123 40.01 -3.23 36.00
CA ALA B 123 39.13 -2.11 35.68
C ALA B 123 39.91 -0.84 35.35
N GLU B 124 41.11 -0.69 35.94
CA GLU B 124 41.91 0.50 35.66
C GLU B 124 42.31 0.60 34.20
N SER B 125 42.26 -0.51 33.46
CA SER B 125 42.64 -0.48 32.06
C SER B 125 41.65 0.31 31.20
N LEU B 126 40.45 0.59 31.71
CA LEU B 126 39.49 1.40 30.95
C LEU B 126 39.98 2.81 30.72
N LYS B 127 41.05 3.23 31.38
CA LYS B 127 41.68 4.51 31.08
C LYS B 127 42.44 4.47 29.76
N THR B 128 42.72 3.29 29.22
CA THR B 128 43.43 3.20 27.95
C THR B 128 42.50 3.46 26.77
N LEU B 129 41.20 3.49 27.01
CA LEU B 129 40.19 3.59 25.97
C LEU B 129 39.78 5.05 25.74
N ARG B 130 39.41 5.34 24.50
CA ARG B 130 38.96 6.68 24.14
C ARG B 130 37.61 7.01 24.74
N TYR B 131 36.80 6.00 25.09
CA TYR B 131 35.51 6.20 25.75
C TYR B 131 35.38 5.22 26.90
N GLY B 132 34.71 5.68 27.96
CA GLY B 132 34.46 4.85 29.12
C GLY B 132 33.19 4.05 29.09
N LYS B 133 32.29 4.34 28.15
CA LYS B 133 31.01 3.64 28.07
C LYS B 133 30.50 3.68 26.64
N ILE B 134 29.79 2.63 26.25
CA ILE B 134 29.12 2.57 24.96
C ILE B 134 27.62 2.48 25.20
N MET B 135 26.88 3.49 24.74
CA MET B 135 25.42 3.51 24.84
C MET B 135 24.85 3.10 23.49
N ILE B 136 24.12 1.98 23.49
CA ILE B 136 23.56 1.44 22.26
C ILE B 136 22.17 2.07 22.11
N MET B 137 21.92 2.71 20.97
CA MET B 137 20.68 3.47 20.76
C MET B 137 19.92 2.90 19.59
N THR B 138 18.85 2.14 19.87
CA THR B 138 18.07 1.48 18.84
C THR B 138 16.59 1.63 19.14
N ASP B 139 15.76 1.23 18.18
CA ASP B 139 14.33 1.14 18.43
C ASP B 139 14.07 0.07 19.47
N GLN B 140 13.00 0.27 20.24
CA GLN B 140 12.53 -0.75 21.17
C GLN B 140 11.62 -1.72 20.40
N ASP B 141 12.26 -2.51 19.55
CA ASP B 141 11.58 -3.48 18.71
C ASP B 141 12.49 -4.68 18.53
N GLN B 142 11.99 -5.68 17.82
CA GLN B 142 12.73 -6.93 17.67
C GLN B 142 14.03 -6.71 16.90
N ASP B 143 13.98 -5.98 15.78
CA ASP B 143 15.20 -5.75 15.02
C ASP B 143 16.20 -4.93 15.81
N GLY B 144 15.71 -3.97 16.60
CA GLY B 144 16.60 -3.24 17.49
C GLY B 144 17.17 -4.13 18.58
N SER B 145 16.33 -4.98 19.17
CA SER B 145 16.84 -5.97 20.11
C SER B 145 17.99 -6.76 19.50
N HIS B 146 17.84 -7.17 18.24
CA HIS B 146 18.90 -7.92 17.59
C HIS B 146 20.17 -7.10 17.49
N ILE B 147 20.06 -5.83 17.12
CA ILE B 147 21.24 -4.97 17.02
C ILE B 147 21.90 -4.84 18.39
N LYS B 148 21.10 -4.58 19.44
CA LYS B 148 21.65 -4.53 20.78
C LYS B 148 22.38 -5.83 21.10
N GLY B 149 21.77 -6.96 20.77
CA GLY B 149 22.37 -8.24 21.08
C GLY B 149 23.70 -8.45 20.36
N LEU B 150 23.75 -8.11 19.06
CA LEU B 150 24.98 -8.33 18.32
C LEU B 150 26.12 -7.45 18.83
N LEU B 151 25.81 -6.26 19.34
CA LEU B 151 26.84 -5.42 19.96
C LEU B 151 27.37 -6.08 21.23
N ILE B 152 26.47 -6.57 22.09
CA ILE B 152 26.89 -7.27 23.30
C ILE B 152 27.68 -8.51 22.93
N ASN B 153 27.18 -9.27 21.96
CA ASN B 153 27.90 -10.44 21.46
C ASN B 153 29.32 -10.08 21.04
N PHE B 154 29.47 -8.97 20.32
CA PHE B 154 30.79 -8.53 19.89
C PHE B 154 31.70 -8.26 21.08
N ILE B 155 31.20 -7.50 22.07
CA ILE B 155 32.03 -7.17 23.22
C ILE B 155 32.29 -8.42 24.06
N HIS B 156 31.27 -9.26 24.26
CA HIS B 156 31.47 -10.44 25.10
C HIS B 156 32.47 -11.42 24.49
N HIS B 157 32.43 -11.59 23.16
CA HIS B 157 33.27 -12.59 22.52
C HIS B 157 34.74 -12.27 22.68
N ASN B 158 35.10 -10.99 22.59
CA ASN B 158 36.51 -10.59 22.56
C ASN B 158 37.02 -10.16 23.92
N TRP B 159 36.22 -9.43 24.70
CA TRP B 159 36.61 -8.92 26.01
C TRP B 159 35.49 -9.18 27.01
N PRO B 160 35.27 -10.45 27.39
CA PRO B 160 34.21 -10.73 28.37
C PRO B 160 34.31 -9.87 29.62
N SER B 161 35.53 -9.51 30.05
CA SER B 161 35.68 -8.71 31.27
C SER B 161 34.97 -7.36 31.18
N LEU B 162 34.82 -6.82 29.98
CA LEU B 162 34.23 -5.48 29.86
C LEU B 162 32.79 -5.45 30.36
N LEU B 163 32.02 -6.48 30.08
CA LEU B 163 30.63 -6.50 30.54
C LEU B 163 30.54 -6.30 32.05
N LYS B 164 31.53 -6.80 32.80
CA LYS B 164 31.50 -6.73 34.25
C LYS B 164 31.78 -5.33 34.79
N HIS B 165 32.44 -4.47 34.01
CA HIS B 165 32.84 -3.15 34.45
C HIS B 165 31.79 -2.07 34.20
N GLY B 166 30.62 -2.42 33.68
CA GLY B 166 29.62 -1.43 33.35
C GLY B 166 29.92 -0.70 32.07
N PHE B 167 30.55 -1.38 31.11
CA PHE B 167 30.98 -0.72 29.88
C PHE B 167 29.81 -0.40 28.95
N LEU B 168 28.71 -1.16 29.06
CA LEU B 168 27.64 -1.11 28.09
C LEU B 168 26.36 -0.60 28.72
N GLU B 169 25.64 0.23 27.99
CA GLU B 169 24.33 0.72 28.40
C GLU B 169 23.52 1.02 27.15
N GLU B 170 22.23 1.28 27.34
CA GLU B 170 21.33 1.55 26.24
C GLU B 170 20.48 2.78 26.57
N PHE B 171 20.13 3.52 25.52
CA PHE B 171 19.29 4.71 25.65
C PHE B 171 17.86 4.32 25.32
N ILE B 172 16.95 4.62 26.25
CA ILE B 172 15.57 4.17 26.15
C ILE B 172 14.65 5.36 26.34
N THR B 173 13.77 5.58 25.36
CA THR B 173 12.76 6.64 25.43
C THR B 173 11.55 6.16 26.23
N PRO B 174 10.69 7.08 26.66
CA PRO B 174 9.39 6.64 27.19
C PRO B 174 8.67 5.83 26.13
N ILE B 175 7.81 4.91 26.58
CA ILE B 175 7.15 4.01 25.66
C ILE B 175 5.74 4.47 25.28
N VAL B 176 5.14 5.35 26.06
CA VAL B 176 3.78 5.82 25.79
C VAL B 176 3.61 7.20 26.43
N LYS B 177 2.88 8.06 25.74
CA LYS B 177 2.54 9.39 26.22
C LYS B 177 1.04 9.60 26.10
N ALA B 178 0.47 10.32 27.06
CA ALA B 178 -0.95 10.63 27.05
C ALA B 178 -1.16 12.01 27.65
N SER B 179 -2.28 12.62 27.28
CA SER B 179 -2.59 13.99 27.70
C SER B 179 -3.85 13.99 28.55
N LYS B 180 -3.80 14.72 29.65
CA LYS B 180 -4.93 14.87 30.57
C LYS B 180 -4.98 16.33 31.00
N ASN B 181 -6.07 17.01 30.64
CA ASN B 181 -6.23 18.44 30.94
C ASN B 181 -5.09 19.27 30.35
N LYS B 182 -4.74 18.99 29.10
CA LYS B 182 -3.77 19.75 28.33
C LYS B 182 -2.34 19.58 28.79
N GLN B 183 -2.07 18.81 29.85
CA GLN B 183 -0.70 18.47 30.22
C GLN B 183 -0.37 17.07 29.76
N GLU B 184 0.76 16.93 29.07
CA GLU B 184 1.17 15.63 28.53
C GLU B 184 2.03 14.92 29.55
N LEU B 185 1.60 13.72 29.91
CA LEU B 185 2.31 12.84 30.81
C LEU B 185 2.98 11.74 29.99
N SER B 186 4.17 11.34 30.42
CA SER B 186 4.95 10.33 29.74
C SER B 186 5.08 9.11 30.63
N PHE B 187 5.08 7.92 30.02
CA PHE B 187 5.13 6.69 30.77
C PHE B 187 6.24 5.79 30.23
N TYR B 188 6.97 5.16 31.15
CA TYR B 188 8.17 4.41 30.81
C TYR B 188 7.97 2.90 30.85
N SER B 189 6.76 2.42 31.11
CA SER B 189 6.42 1.02 30.97
C SER B 189 4.95 0.92 30.60
N ILE B 190 4.59 -0.15 29.90
CA ILE B 190 3.18 -0.43 29.62
C ILE B 190 2.40 -0.56 30.93
N PRO B 191 2.84 -1.38 31.88
CA PRO B 191 2.12 -1.45 33.16
C PRO B 191 1.91 -0.10 33.83
N GLU B 192 2.91 0.79 33.85
CA GLU B 192 2.73 2.09 34.48
C GLU B 192 1.62 2.88 33.79
N PHE B 193 1.59 2.85 32.46
CA PHE B 193 0.48 3.46 31.75
C PHE B 193 -0.83 2.80 32.17
N ASP B 194 -0.82 1.48 32.33
CA ASP B 194 -2.05 0.74 32.55
C ASP B 194 -2.72 1.09 33.91
N GLU B 195 -1.96 1.33 35.00
CA GLU B 195 -2.64 1.74 36.21
C GLU B 195 -3.27 3.10 35.94
N TRP B 196 -2.42 4.05 35.51
CA TRP B 196 -2.80 5.46 35.42
C TRP B 196 -4.08 5.61 34.62
N LYS B 197 -4.28 4.74 33.63
CA LYS B 197 -5.49 4.82 32.81
C LYS B 197 -6.70 4.16 33.46
N LYS B 198 -6.49 3.33 34.49
CA LYS B 198 -7.62 2.67 35.16
C LYS B 198 -8.28 3.57 36.19
N HIS B 199 -7.51 4.41 36.88
CA HIS B 199 -8.08 5.37 37.80
C HIS B 199 -9.03 6.29 37.05
N ILE B 200 -10.18 6.58 37.65
CA ILE B 200 -11.26 7.26 36.93
C ILE B 200 -10.81 8.64 36.46
N GLU B 201 -10.11 9.39 37.30
CA GLU B 201 -9.69 10.73 36.93
C GLU B 201 -8.92 10.76 35.62
N ASN B 202 -8.45 9.61 35.12
CA ASN B 202 -7.52 9.55 34.00
C ASN B 202 -8.08 8.70 32.86
N GLN B 203 -9.40 8.72 32.68
CA GLN B 203 -10.05 7.87 31.69
C GLN B 203 -10.53 8.66 30.48
N LYS B 204 -10.57 9.99 30.57
CA LYS B 204 -10.74 10.83 29.40
C LYS B 204 -9.39 11.15 28.77
N ALA B 205 -8.41 10.28 29.00
CA ALA B 205 -7.07 10.44 28.45
C ALA B 205 -7.13 10.63 26.94
N TRP B 206 -6.43 11.64 26.46
CA TRP B 206 -6.46 12.00 25.06
C TRP B 206 -5.06 11.99 24.47
N LYS B 207 -5.00 11.85 23.15
CA LYS B 207 -3.75 11.88 22.40
C LYS B 207 -2.77 10.82 22.91
N ILE B 208 -3.23 9.57 22.97
CA ILE B 208 -2.36 8.47 23.37
C ILE B 208 -1.48 8.10 22.19
N LYS B 209 -0.16 8.10 22.40
CA LYS B 209 0.79 7.70 21.37
C LYS B 209 1.85 6.78 21.97
N TYR B 210 2.25 5.79 21.20
CA TYR B 210 3.31 4.86 21.61
C TYR B 210 4.61 5.24 20.93
N TYR B 211 5.70 5.19 21.69
CA TYR B 211 7.02 5.66 21.26
C TYR B 211 8.04 4.53 21.23
N LYS B 212 7.64 3.36 20.76
CA LYS B 212 8.60 2.27 20.62
C LYS B 212 9.70 2.63 19.62
N GLY B 213 9.32 3.16 18.46
CA GLY B 213 10.30 3.57 17.48
C GLY B 213 10.90 4.93 17.81
N LEU B 214 12.21 5.05 17.60
CA LEU B 214 12.88 6.33 17.83
C LEU B 214 12.35 7.42 16.91
N GLY B 215 12.16 7.11 15.63
CA GLY B 215 11.72 8.12 14.67
C GLY B 215 10.36 8.71 14.99
N THR B 216 9.62 8.14 15.92
CA THR B 216 8.35 8.73 16.34
C THR B 216 8.55 10.03 17.10
N SER B 217 9.68 10.18 17.79
CA SER B 217 9.95 11.39 18.56
C SER B 217 10.47 12.50 17.65
N THR B 218 10.03 13.73 17.93
CA THR B 218 10.51 14.90 17.23
C THR B 218 11.84 15.38 17.81
N ALA B 219 12.51 16.26 17.07
CA ALA B 219 13.70 16.90 17.62
C ALA B 219 13.39 17.58 18.94
N LYS B 220 12.22 18.20 19.05
CA LYS B 220 11.82 18.85 20.29
C LYS B 220 11.80 17.84 21.44
N GLU B 221 11.14 16.69 21.22
CA GLU B 221 11.09 15.67 22.26
C GLU B 221 12.47 15.08 22.55
N ALA B 222 13.28 14.88 21.50
CA ALA B 222 14.62 14.35 21.71
C ALA B 222 15.44 15.26 22.62
N LYS B 223 15.25 16.58 22.49
CA LYS B 223 15.94 17.50 23.38
C LYS B 223 15.48 17.34 24.82
N GLU B 224 14.20 17.04 25.03
CA GLU B 224 13.69 16.83 26.38
C GLU B 224 14.32 15.60 27.02
N TYR B 225 14.49 14.51 26.25
CA TYR B 225 15.13 13.32 26.80
C TYR B 225 16.56 13.62 27.25
N PHE B 226 17.35 14.22 26.38
CA PHE B 226 18.77 14.37 26.68
C PHE B 226 19.03 15.34 27.82
N ALA B 227 18.06 16.20 28.15
CA ALA B 227 18.16 16.99 29.37
C ALA B 227 18.06 16.10 30.60
N ASP B 228 17.08 15.20 30.63
CA ASP B 228 16.95 14.21 31.70
C ASP B 228 17.59 12.90 31.25
N MET B 229 18.90 12.97 30.98
CA MET B 229 19.59 11.81 30.42
C MET B 229 19.47 10.60 31.33
N GLU B 230 19.48 10.81 32.65
CA GLU B 230 19.54 9.68 33.56
C GLU B 230 18.26 8.86 33.52
N ARG B 231 17.11 9.50 33.25
CA ARG B 231 15.85 8.79 33.17
C ARG B 231 15.73 7.96 31.90
N HIS B 232 16.67 8.10 30.96
CA HIS B 232 16.66 7.35 29.71
C HIS B 232 17.92 6.51 29.54
N ARG B 233 18.75 6.44 30.57
CA ARG B 233 19.99 5.68 30.59
C ARG B 233 19.71 4.38 31.35
N ILE B 234 20.03 3.25 30.72
CA ILE B 234 19.83 1.95 31.35
C ILE B 234 21.12 1.15 31.30
N LEU B 235 21.45 0.53 32.42
CA LEU B 235 22.78 0.00 32.64
C LEU B 235 22.71 -1.51 32.44
N PHE B 236 23.60 -2.05 31.62
CA PHE B 236 23.70 -3.50 31.48
C PHE B 236 24.58 -4.03 32.61
N ARG B 237 23.99 -4.85 33.49
CA ARG B 237 24.69 -5.36 34.66
C ARG B 237 25.02 -6.83 34.43
N TYR B 238 26.31 -7.16 34.55
CA TYR B 238 26.74 -8.55 34.57
C TYR B 238 26.48 -9.14 35.95
N ALA B 239 25.71 -10.23 36.01
CA ALA B 239 25.30 -10.80 37.28
C ALA B 239 25.97 -12.12 37.62
N GLY B 240 26.80 -12.65 36.73
CA GLY B 240 27.51 -13.88 36.99
C GLY B 240 27.60 -14.78 35.77
N PRO B 241 27.99 -16.04 35.98
CA PRO B 241 28.18 -16.95 34.84
C PRO B 241 26.92 -17.18 34.02
N GLU B 242 25.73 -17.01 34.60
CA GLU B 242 24.51 -17.18 33.81
C GLU B 242 24.47 -16.23 32.62
N ASP B 243 25.09 -15.04 32.75
CA ASP B 243 25.07 -14.08 31.66
C ASP B 243 25.93 -14.54 30.49
N ASP B 244 27.09 -15.15 30.77
CA ASP B 244 27.93 -15.66 29.70
C ASP B 244 27.19 -16.74 28.90
N ALA B 245 26.55 -17.66 29.60
CA ALA B 245 25.82 -18.73 28.93
C ALA B 245 24.72 -18.18 28.04
N ALA B 246 23.98 -17.18 28.54
CA ALA B 246 22.87 -16.63 27.76
C ALA B 246 23.37 -15.98 26.49
N ILE B 247 24.41 -15.13 26.58
CA ILE B 247 24.94 -14.48 25.40
C ILE B 247 25.43 -15.53 24.40
N THR B 248 26.10 -16.56 24.91
CA THR B 248 26.56 -17.64 24.04
C THR B 248 25.40 -18.47 23.51
N LEU B 249 24.35 -18.64 24.31
CA LEU B 249 23.18 -19.38 23.83
C LEU B 249 22.54 -18.70 22.63
N ALA B 250 22.42 -17.37 22.67
CA ALA B 250 21.67 -16.67 21.64
C ALA B 250 22.42 -16.63 20.31
N PHE B 251 23.75 -16.72 20.33
CA PHE B 251 24.54 -16.46 19.13
C PHE B 251 25.49 -17.56 18.71
N SER B 252 25.77 -18.56 19.55
CA SER B 252 26.83 -19.51 19.22
C SER B 252 26.41 -20.40 18.05
N LYS B 253 27.36 -20.66 17.14
CA LYS B 253 27.08 -21.53 16.01
C LYS B 253 26.76 -22.95 16.48
N LYS B 254 27.53 -23.46 17.44
CA LYS B 254 27.32 -24.82 17.96
C LYS B 254 26.42 -24.85 19.19
N LYS B 255 25.25 -24.20 19.11
CA LYS B 255 24.23 -24.26 20.15
C LYS B 255 22.86 -24.32 19.51
N ILE B 256 22.77 -25.01 18.37
CA ILE B 256 21.58 -24.98 17.53
C ILE B 256 20.39 -25.57 18.26
N ASP B 257 20.57 -26.78 18.82
CA ASP B 257 19.47 -27.50 19.45
C ASP B 257 19.07 -26.86 20.77
N ASP B 258 20.04 -26.31 21.51
CA ASP B 258 19.69 -25.63 22.75
C ASP B 258 18.78 -24.45 22.47
N ARG B 259 18.98 -23.77 21.34
CA ARG B 259 18.08 -22.70 20.94
C ARG B 259 16.67 -23.23 20.71
N LYS B 260 16.54 -24.40 20.08
CA LYS B 260 15.21 -24.97 19.89
C LYS B 260 14.58 -25.26 21.24
N GLU B 261 15.35 -25.84 22.16
CA GLU B 261 14.88 -26.04 23.53
C GLU B 261 14.57 -24.69 24.17
N TRP B 262 15.44 -23.71 23.94
CA TRP B 262 15.27 -22.38 24.51
C TRP B 262 13.96 -21.75 24.07
N LEU B 263 13.64 -21.83 22.77
CA LEU B 263 12.37 -21.30 22.28
C LEU B 263 11.18 -22.13 22.76
N THR B 264 11.35 -23.45 22.85
CA THR B 264 10.24 -24.29 23.30
C THR B 264 9.78 -23.89 24.69
N ASN B 265 10.74 -23.64 25.59
CA ASN B 265 10.39 -23.26 26.95
C ASN B 265 9.75 -21.87 27.00
N PHE B 266 10.18 -20.96 26.13
CA PHE B 266 9.57 -19.64 26.10
C PHE B 266 8.08 -19.72 25.76
N MET B 267 7.72 -20.62 24.84
CA MET B 267 6.33 -20.71 24.41
C MET B 267 5.45 -21.43 25.43
N GLU B 268 5.99 -22.47 26.09
CA GLU B 268 5.23 -23.12 27.15
C GLU B 268 5.04 -22.20 28.34
N ASP B 269 6.08 -21.47 28.73
CA ASP B 269 5.95 -20.53 29.84
C ASP B 269 4.99 -19.40 29.48
N ARG B 270 5.02 -18.95 28.22
CA ARG B 270 4.03 -17.97 27.76
C ARG B 270 2.63 -18.56 27.81
N ARG B 271 2.50 -19.83 27.42
CA ARG B 271 1.22 -20.52 27.55
C ARG B 271 0.69 -20.46 28.98
N GLN B 272 1.54 -20.85 29.94
CA GLN B 272 1.10 -20.85 31.33
C GLN B 272 0.70 -19.46 31.79
N ARG B 273 1.50 -18.45 31.45
CA ARG B 273 1.20 -17.08 31.86
C ARG B 273 -0.19 -16.66 31.37
N ARG B 274 -0.49 -16.91 30.10
CA ARG B 274 -1.79 -16.52 29.56
C ARG B 274 -2.89 -17.33 30.21
N LEU B 275 -2.65 -18.61 30.46
CA LEU B 275 -3.66 -19.45 31.10
C LEU B 275 -3.94 -19.02 32.53
N HIS B 276 -2.91 -18.62 33.27
CA HIS B 276 -3.07 -18.22 34.66
C HIS B 276 -3.46 -16.75 34.80
N GLY B 277 -3.64 -16.04 33.69
CA GLY B 277 -4.00 -14.65 33.73
C GLY B 277 -2.87 -13.72 34.10
N LEU B 278 -1.64 -14.21 34.14
CA LEU B 278 -0.49 -13.43 34.55
C LEU B 278 0.00 -12.53 33.42
N PRO B 279 0.81 -11.53 33.75
CA PRO B 279 1.36 -10.65 32.71
C PRO B 279 2.45 -11.38 31.94
N GLU B 280 2.94 -10.73 30.90
CA GLU B 280 4.07 -11.26 30.15
C GLU B 280 5.40 -10.74 30.70
N GLN B 281 6.45 -11.50 30.39
CA GLN B 281 7.78 -11.18 30.89
C GLN B 281 8.21 -9.77 30.46
N PHE B 282 8.03 -9.46 29.19
CA PHE B 282 8.62 -8.28 28.58
C PHE B 282 7.61 -7.54 27.72
N LEU B 283 7.59 -6.20 27.84
CA LEU B 283 6.67 -5.39 27.06
C LEU B 283 7.36 -4.15 26.47
N TYR B 284 8.69 -4.16 26.39
CA TYR B 284 9.45 -3.10 25.71
C TYR B 284 9.45 -1.78 26.48
N GLY B 285 9.33 -1.87 27.81
CA GLY B 285 9.48 -0.71 28.66
C GLY B 285 10.63 -0.89 29.64
N THR B 286 11.08 0.20 30.25
CA THR B 286 12.10 0.14 31.29
C THR B 286 11.62 -0.67 32.50
N THR B 288 13.78 -1.28 35.04
CA THR B 288 14.75 -0.98 36.08
C THR B 288 15.81 -0.06 35.53
N LYS B 289 16.58 0.61 36.39
CA LYS B 289 17.72 1.33 35.86
C LYS B 289 18.82 0.34 35.50
N HIS B 290 18.69 -0.91 35.94
CA HIS B 290 19.62 -1.99 35.66
C HIS B 290 18.91 -3.09 34.88
N LEU B 291 19.58 -3.62 33.88
CA LEU B 291 19.10 -4.76 33.12
C LEU B 291 20.23 -5.79 33.02
N THR B 292 19.95 -7.02 33.41
CA THR B 292 20.99 -8.04 33.31
C THR B 292 21.07 -8.56 31.89
N TYR B 293 22.29 -8.93 31.48
CA TYR B 293 22.45 -9.58 30.20
C TYR B 293 21.61 -10.85 30.13
N ASN B 294 21.47 -11.54 31.27
CA ASN B 294 20.63 -12.72 31.36
C ASN B 294 19.18 -12.40 30.97
N ASP B 295 18.58 -11.38 31.61
CA ASP B 295 17.18 -11.08 31.33
C ASP B 295 17.01 -10.50 29.94
N PHE B 296 18.03 -9.80 29.43
CA PHE B 296 17.96 -9.30 28.06
C PHE B 296 17.87 -10.45 27.07
N ILE B 297 18.76 -11.44 27.21
CA ILE B 297 18.79 -12.53 26.25
C ILE B 297 17.52 -13.37 26.32
N ASN B 298 17.00 -13.61 27.53
CA ASN B 298 15.89 -14.53 27.69
C ASN B 298 14.52 -13.85 27.69
N LYS B 299 14.46 -12.53 27.68
CA LYS B 299 13.19 -11.82 27.73
C LYS B 299 12.96 -10.86 26.58
N GLU B 300 14.02 -10.28 26.00
CA GLU B 300 13.90 -9.34 24.90
C GLU B 300 14.37 -9.95 23.58
N LEU B 301 15.61 -10.41 23.51
CA LEU B 301 16.12 -10.95 22.25
C LEU B 301 15.37 -12.21 21.83
N ILE B 302 14.87 -12.98 22.80
CA ILE B 302 14.11 -14.19 22.47
C ILE B 302 12.95 -13.84 21.56
N LEU B 303 12.39 -12.64 21.72
CA LEU B 303 11.24 -12.23 20.92
C LEU B 303 11.60 -12.16 19.44
N PHE B 304 12.79 -11.64 19.14
CA PHE B 304 13.29 -11.71 17.77
C PHE B 304 13.63 -13.15 17.39
N SER B 305 14.32 -13.88 18.28
CA SER B 305 14.75 -15.23 17.96
C SER B 305 13.57 -16.12 17.61
N ASN B 306 12.39 -15.81 18.14
CA ASN B 306 11.17 -16.56 17.88
C ASN B 306 10.29 -15.91 16.82
N SER B 307 10.64 -14.72 16.34
CA SER B 307 9.75 -13.99 15.45
C SER B 307 9.59 -14.71 14.12
N ASP B 308 10.65 -15.35 13.63
CA ASP B 308 10.55 -16.10 12.38
C ASP B 308 9.55 -17.26 12.50
N ASN B 309 9.55 -17.94 13.66
CA ASN B 309 8.57 -18.99 13.89
C ASN B 309 7.15 -18.45 13.83
N GLU B 310 6.88 -17.36 14.56
CA GLU B 310 5.50 -16.88 14.67
C GLU B 310 4.96 -16.42 13.33
N ARG B 311 5.83 -16.04 12.41
CA ARG B 311 5.42 -15.51 11.12
C ARG B 311 5.37 -16.56 10.01
N SER B 312 6.16 -17.63 10.10
CA SER B 312 6.25 -18.62 9.04
C SER B 312 5.36 -19.84 9.23
N ILE B 313 4.73 -20.02 10.39
CA ILE B 313 4.04 -21.27 10.69
C ILE B 313 2.60 -20.99 11.12
N PRO B 314 1.62 -21.68 10.54
CA PRO B 314 0.22 -21.29 10.72
C PRO B 314 -0.32 -21.68 12.08
N SER B 315 -1.44 -21.05 12.43
CA SER B 315 -2.21 -21.46 13.60
C SER B 315 -3.05 -22.68 13.27
N LEU B 316 -3.10 -23.62 14.22
CA LEU B 316 -4.03 -24.75 14.09
C LEU B 316 -5.47 -24.29 14.05
N VAL B 317 -5.80 -23.16 14.67
CA VAL B 317 -7.21 -22.79 14.85
C VAL B 317 -7.84 -22.44 13.51
N ASP B 318 -7.17 -21.62 12.70
CA ASP B 318 -7.76 -21.18 11.43
C ASP B 318 -6.88 -21.45 10.22
N GLY B 319 -5.70 -22.03 10.39
CA GLY B 319 -4.86 -22.37 9.26
C GLY B 319 -4.13 -21.22 8.63
N PHE B 320 -4.12 -20.05 9.26
CA PHE B 320 -3.50 -18.85 8.72
C PHE B 320 -2.16 -18.56 9.40
N LYS B 321 -1.27 -17.96 8.63
CA LYS B 321 -0.22 -17.16 9.22
C LYS B 321 -0.72 -15.74 9.40
N PRO B 322 -0.07 -14.95 10.25
CA PRO B 322 -0.61 -13.60 10.54
C PRO B 322 -0.77 -12.72 9.31
N GLY B 323 0.12 -12.85 8.33
CA GLY B 323 -0.05 -12.07 7.10
C GLY B 323 -1.35 -12.36 6.38
N GLN B 324 -1.69 -13.66 6.24
CA GLN B 324 -2.96 -14.01 5.63
C GLN B 324 -4.13 -13.50 6.45
N ARG B 325 -4.07 -13.70 7.77
CA ARG B 325 -5.14 -13.24 8.66
C ARG B 325 -5.41 -11.75 8.46
N LYS B 326 -4.36 -10.96 8.32
CA LYS B 326 -4.52 -9.53 8.09
C LYS B 326 -5.24 -9.26 6.78
N VAL B 327 -4.89 -9.98 5.71
CA VAL B 327 -5.60 -9.79 4.45
C VAL B 327 -7.07 -10.15 4.62
N LEU B 328 -7.32 -11.30 5.23
CA LEU B 328 -8.69 -11.77 5.34
C LEU B 328 -9.49 -10.82 6.23
N PHE B 329 -8.88 -10.37 7.34
CA PHE B 329 -9.51 -9.40 8.23
C PHE B 329 -9.85 -8.10 7.52
N THR B 330 -8.92 -7.60 6.69
CA THR B 330 -9.24 -6.42 5.89
C THR B 330 -10.48 -6.68 5.03
N CYS B 331 -10.54 -7.86 4.42
CA CYS B 331 -11.67 -8.18 3.56
C CYS B 331 -12.99 -8.18 4.33
N PHE B 332 -13.00 -8.76 5.53
CA PHE B 332 -14.23 -8.79 6.32
C PHE B 332 -14.68 -7.39 6.70
N LYS B 333 -13.72 -6.51 7.02
CA LYS B 333 -14.10 -5.16 7.43
C LYS B 333 -14.64 -4.35 6.27
N ARG B 334 -14.02 -4.46 5.09
CA ARG B 334 -14.57 -3.80 3.92
C ARG B 334 -15.95 -4.36 3.57
N ASN B 335 -16.05 -5.69 3.49
CA ASN B 335 -17.29 -6.38 3.14
C ASN B 335 -17.77 -5.94 1.75
N ASP B 336 -16.88 -6.12 0.77
CA ASP B 336 -17.11 -5.62 -0.58
C ASP B 336 -18.20 -6.42 -1.26
N LYS B 337 -19.35 -5.78 -1.52
CA LYS B 337 -20.39 -6.39 -2.32
C LYS B 337 -20.04 -6.41 -3.81
N ARG B 338 -19.12 -5.55 -4.25
CA ARG B 338 -18.63 -5.54 -5.62
C ARG B 338 -17.14 -5.83 -5.62
N GLU B 339 -16.68 -6.47 -6.69
CA GLU B 339 -15.28 -6.81 -6.84
C GLU B 339 -14.41 -5.56 -6.92
N VAL B 340 -13.15 -5.70 -6.53
CA VAL B 340 -12.20 -4.61 -6.44
C VAL B 340 -10.83 -5.08 -6.92
N LYS B 341 -10.03 -4.14 -7.42
CA LYS B 341 -8.68 -4.46 -7.87
C LYS B 341 -7.82 -4.94 -6.71
N VAL B 342 -6.97 -5.93 -6.97
CA VAL B 342 -6.03 -6.41 -5.96
C VAL B 342 -5.14 -5.27 -5.50
N ALA B 343 -4.65 -4.45 -6.44
CA ALA B 343 -3.81 -3.32 -6.07
C ALA B 343 -4.53 -2.40 -5.09
N GLN B 344 -5.85 -2.25 -5.24
CA GLN B 344 -6.60 -1.42 -4.31
C GLN B 344 -6.81 -2.12 -2.98
N LEU B 345 -7.08 -3.43 -3.01
CA LEU B 345 -7.26 -4.16 -1.76
C LEU B 345 -5.97 -4.18 -0.95
N ALA B 346 -4.83 -4.29 -1.63
CA ALA B 346 -3.55 -4.20 -0.93
C ALA B 346 -3.46 -2.88 -0.18
N GLY B 347 -3.97 -1.80 -0.77
CA GLY B 347 -4.01 -0.53 -0.06
C GLY B 347 -4.82 -0.60 1.22
N SER B 348 -6.00 -1.23 1.15
CA SER B 348 -6.82 -1.37 2.36
C SER B 348 -6.09 -2.18 3.41
N VAL B 349 -5.40 -3.24 3.01
CA VAL B 349 -4.72 -4.09 3.99
C VAL B 349 -3.64 -3.30 4.69
N ALA B 350 -2.82 -2.56 3.92
CA ALA B 350 -1.80 -1.72 4.53
C ALA B 350 -2.44 -0.65 5.41
N GLU B 351 -3.58 -0.11 4.95
CA GLU B 351 -4.26 0.95 5.70
C GLU B 351 -4.89 0.42 6.98
N MET B 352 -5.58 -0.72 6.90
CA MET B 352 -6.44 -1.18 7.98
C MET B 352 -5.76 -2.12 8.98
N SER B 353 -4.78 -2.92 8.56
CA SER B 353 -4.26 -3.98 9.40
C SER B 353 -2.80 -3.82 9.82
N ALA B 354 -2.12 -2.77 9.36
CA ALA B 354 -0.72 -2.55 9.72
C ALA B 354 0.22 -3.61 9.15
N TYR B 355 -0.09 -4.10 7.96
CA TYR B 355 0.78 -5.07 7.29
C TYR B 355 2.16 -4.47 7.05
N HIS B 356 3.20 -5.18 7.46
CA HIS B 356 4.56 -4.64 7.49
C HIS B 356 5.57 -5.38 6.63
N HIS B 357 5.16 -6.38 5.85
CA HIS B 357 6.11 -7.22 5.12
C HIS B 357 6.42 -6.71 3.72
N GLY B 358 5.90 -5.56 3.32
CA GLY B 358 6.20 -4.99 2.02
C GLY B 358 5.21 -5.38 0.94
N GLU B 359 5.16 -4.52 -0.09
CA GLU B 359 4.07 -4.61 -1.08
C GLU B 359 4.09 -5.92 -1.85
N GLN B 360 5.27 -6.40 -2.25
CA GLN B 360 5.32 -7.60 -3.07
C GLN B 360 4.83 -8.82 -2.30
N ALA B 361 5.27 -8.96 -1.05
CA ALA B 361 4.75 -10.02 -0.20
C ALA B 361 3.23 -9.92 -0.05
N LEU B 362 2.72 -8.69 0.10
CA LEU B 362 1.28 -8.49 0.28
C LEU B 362 0.51 -8.93 -0.96
N MET B 363 0.97 -8.55 -2.16
N MET B 363 0.98 -8.55 -2.15
CA MET B 363 0.28 -8.97 -3.37
CA MET B 363 0.31 -8.96 -3.39
C MET B 363 0.29 -10.48 -3.52
C MET B 363 0.30 -10.47 -3.54
N MET B 364 1.41 -11.12 -3.18
CA MET B 364 1.47 -12.58 -3.24
C MET B 364 0.49 -13.20 -2.26
N THR B 365 0.38 -12.64 -1.05
CA THR B 365 -0.57 -13.17 -0.07
C THR B 365 -2.00 -13.10 -0.60
N ILE B 366 -2.37 -11.98 -1.22
CA ILE B 366 -3.72 -11.85 -1.77
C ILE B 366 -3.90 -12.82 -2.92
N VAL B 367 -2.94 -12.87 -3.85
CA VAL B 367 -3.08 -13.74 -5.02
C VAL B 367 -3.18 -15.20 -4.59
N ASN B 368 -2.33 -15.62 -3.66
CA ASN B 368 -2.31 -17.02 -3.27
C ASN B 368 -3.57 -17.42 -2.51
N LEU B 369 -4.19 -16.47 -1.81
CA LEU B 369 -5.46 -16.74 -1.14
C LEU B 369 -6.62 -16.92 -2.11
N ALA B 370 -6.43 -16.62 -3.39
CA ALA B 370 -7.49 -16.68 -4.37
C ALA B 370 -7.30 -17.78 -5.41
N GLN B 371 -6.12 -18.38 -5.49
CA GLN B 371 -5.87 -19.38 -6.52
C GLN B 371 -6.76 -20.60 -6.30
N ASN B 372 -7.19 -21.21 -7.41
CA ASN B 372 -8.10 -22.34 -7.34
C ASN B 372 -7.72 -23.43 -8.33
N PHE B 373 -6.44 -23.51 -8.69
CA PHE B 373 -6.00 -24.53 -9.63
C PHE B 373 -5.57 -25.79 -8.88
N VAL B 374 -5.43 -26.88 -9.63
CA VAL B 374 -5.14 -28.19 -9.03
C VAL B 374 -3.80 -28.13 -8.32
N GLY B 375 -3.81 -28.34 -7.01
CA GLY B 375 -2.61 -28.29 -6.18
C GLY B 375 -2.59 -27.10 -5.25
N SER B 376 -3.50 -26.15 -5.43
CA SER B 376 -3.68 -24.97 -4.61
C SER B 376 -4.85 -25.21 -3.68
N ASN B 377 -5.47 -24.13 -3.21
CA ASN B 377 -6.58 -24.24 -2.26
C ASN B 377 -7.67 -25.18 -2.74
N ASN B 378 -8.20 -25.96 -1.79
CA ASN B 378 -9.43 -26.73 -1.99
C ASN B 378 -10.67 -25.86 -1.80
N ILE B 379 -10.54 -24.76 -1.06
CA ILE B 379 -11.55 -23.72 -0.97
C ILE B 379 -10.84 -22.38 -1.01
N ASN B 380 -10.84 -21.73 -2.16
CA ASN B 380 -10.31 -20.38 -2.23
C ASN B 380 -11.26 -19.44 -1.51
N LEU B 381 -10.78 -18.81 -0.44
CA LEU B 381 -11.58 -17.88 0.32
C LEU B 381 -11.77 -16.54 -0.39
N LEU B 382 -10.97 -16.27 -1.42
CA LEU B 382 -11.08 -15.07 -2.24
C LEU B 382 -11.25 -15.48 -3.70
N GLN B 383 -12.03 -14.71 -4.44
CA GLN B 383 -12.37 -15.07 -5.81
C GLN B 383 -11.28 -14.60 -6.77
N PRO B 384 -10.76 -15.49 -7.64
CA PRO B 384 -9.74 -15.10 -8.64
C PRO B 384 -10.36 -14.57 -9.93
N ILE B 385 -10.80 -13.31 -9.88
CA ILE B 385 -11.51 -12.70 -11.02
C ILE B 385 -10.44 -12.09 -11.92
N GLY B 386 -9.87 -12.94 -12.76
CA GLY B 386 -8.80 -12.58 -13.65
C GLY B 386 -7.74 -13.65 -13.68
N GLN B 387 -6.61 -13.32 -14.29
CA GLN B 387 -5.47 -14.24 -14.38
C GLN B 387 -4.73 -14.25 -13.05
N PHE B 388 -5.11 -15.18 -12.18
CA PHE B 388 -4.45 -15.34 -10.89
C PHE B 388 -3.41 -16.45 -10.90
N GLY B 389 -3.08 -16.99 -12.06
CA GLY B 389 -2.16 -18.10 -12.12
C GLY B 389 -2.88 -19.39 -12.46
N THR B 390 -2.15 -20.31 -13.08
CA THR B 390 -2.71 -21.60 -13.48
C THR B 390 -1.76 -22.73 -13.07
N ARG B 391 -2.22 -23.96 -13.29
CA ARG B 391 -1.39 -25.13 -13.06
C ARG B 391 -0.27 -25.26 -14.08
N LEU B 392 -0.31 -24.47 -15.16
CA LEU B 392 0.76 -24.52 -16.14
C LEU B 392 2.09 -24.10 -15.54
N HIS B 393 2.05 -23.15 -14.60
CA HIS B 393 3.26 -22.58 -14.02
C HIS B 393 3.21 -22.49 -12.50
N GLY B 394 2.22 -23.10 -11.85
CA GLY B 394 2.16 -23.09 -10.40
C GLY B 394 1.75 -21.77 -9.79
N GLY B 395 1.00 -20.95 -10.52
CA GLY B 395 0.55 -19.67 -10.02
C GLY B 395 1.52 -18.54 -10.28
N LYS B 396 2.72 -18.84 -10.77
CA LYS B 396 3.71 -17.81 -11.09
C LYS B 396 3.32 -17.04 -12.34
N ASP B 397 2.31 -17.52 -13.08
CA ASP B 397 1.83 -16.84 -14.28
C ASP B 397 0.65 -15.92 -13.97
N ALA B 398 0.56 -15.40 -12.76
CA ALA B 398 -0.48 -14.44 -12.44
C ALA B 398 -0.22 -13.11 -13.13
N ALA B 399 -1.30 -12.40 -13.42
CA ALA B 399 -1.20 -11.11 -14.08
C ALA B 399 -0.98 -10.01 -13.04
N SER B 400 -1.05 -8.75 -13.47
CA SER B 400 -0.67 -7.68 -12.58
C SER B 400 -1.77 -7.40 -11.56
N PRO B 401 -1.39 -7.07 -10.33
CA PRO B 401 -2.39 -6.61 -9.36
C PRO B 401 -3.11 -5.32 -9.80
N ARG B 402 -2.61 -4.56 -10.78
CA ARG B 402 -3.38 -3.41 -11.21
C ARG B 402 -4.47 -3.78 -12.23
N TYR B 403 -4.54 -5.03 -12.66
CA TYR B 403 -5.54 -5.47 -13.64
C TYR B 403 -6.42 -6.63 -13.21
N ILE B 404 -6.13 -7.29 -12.09
CA ILE B 404 -6.91 -8.44 -11.62
C ILE B 404 -7.73 -8.02 -10.41
N PHE B 405 -8.95 -8.55 -10.33
CA PHE B 405 -9.93 -8.19 -9.32
C PHE B 405 -10.22 -9.38 -8.42
N THR B 406 -10.56 -9.12 -7.16
CA THR B 406 -10.93 -10.17 -6.22
C THR B 406 -11.99 -9.65 -5.27
N MET B 407 -12.47 -10.55 -4.42
CA MET B 407 -13.49 -10.27 -3.44
C MET B 407 -13.68 -11.57 -2.67
N LEU B 408 -14.37 -11.46 -1.54
CA LEU B 408 -14.62 -12.61 -0.71
C LEU B 408 -15.41 -13.67 -1.46
N SER B 409 -14.97 -14.92 -1.32
CA SER B 409 -15.81 -16.03 -1.74
C SER B 409 -17.13 -15.98 -0.98
N THR B 410 -18.19 -16.45 -1.64
CA THR B 410 -19.45 -16.57 -0.92
C THR B 410 -19.37 -17.60 0.20
N LEU B 411 -18.34 -18.45 0.21
CA LEU B 411 -18.14 -19.38 1.30
C LEU B 411 -17.38 -18.78 2.50
N ALA B 412 -16.77 -17.60 2.35
CA ALA B 412 -15.89 -17.09 3.39
C ALA B 412 -16.64 -16.84 4.70
N ARG B 413 -17.77 -16.13 4.64
CA ARG B 413 -18.51 -15.84 5.85
C ARG B 413 -19.32 -17.04 6.32
N LEU B 414 -19.55 -18.02 5.46
CA LEU B 414 -20.17 -19.27 5.90
C LEU B 414 -19.19 -20.11 6.72
N LEU B 415 -17.88 -19.99 6.44
CA LEU B 415 -16.86 -20.68 7.22
C LEU B 415 -16.46 -19.89 8.47
N PHE B 416 -16.47 -18.56 8.40
CA PHE B 416 -16.12 -17.68 9.51
C PHE B 416 -17.30 -16.77 9.76
N PRO B 417 -18.33 -17.26 10.45
CA PRO B 417 -19.56 -16.45 10.59
C PRO B 417 -19.25 -15.12 11.26
N ALA B 418 -19.90 -14.07 10.78
CA ALA B 418 -19.62 -12.73 11.29
C ALA B 418 -19.87 -12.66 12.78
N VAL B 419 -20.94 -13.32 13.24
CA VAL B 419 -21.32 -13.23 14.65
C VAL B 419 -20.19 -13.71 15.56
N ASP B 420 -19.45 -14.74 15.13
CA ASP B 420 -18.36 -15.25 15.94
C ASP B 420 -17.25 -14.22 16.13
N ASP B 421 -17.24 -13.17 15.30
CA ASP B 421 -16.26 -12.11 15.50
C ASP B 421 -16.34 -11.54 16.90
N ASN B 422 -17.54 -11.48 17.46
CA ASN B 422 -17.75 -10.94 18.81
C ASN B 422 -17.03 -11.72 19.89
N LEU B 423 -16.45 -12.88 19.58
CA LEU B 423 -15.81 -13.72 20.58
C LEU B 423 -14.29 -13.72 20.49
N LEU B 424 -13.72 -13.04 19.50
CA LEU B 424 -12.29 -13.12 19.25
C LEU B 424 -11.53 -12.04 20.01
N LYS B 425 -10.22 -12.24 20.12
CA LYS B 425 -9.30 -11.30 20.75
C LYS B 425 -8.58 -10.55 19.64
N PHE B 426 -9.00 -9.31 19.39
CA PHE B 426 -8.39 -8.50 18.35
C PHE B 426 -7.12 -7.84 18.88
N LEU B 427 -6.07 -7.86 18.06
CA LEU B 427 -4.79 -7.33 18.46
C LEU B 427 -4.72 -5.83 18.17
N TYR B 428 -3.61 -5.22 18.54
CA TYR B 428 -3.40 -3.79 18.36
C TYR B 428 -2.01 -3.55 17.79
N ASP B 429 -1.93 -2.65 16.81
CA ASP B 429 -0.64 -2.12 16.36
C ASP B 429 -0.56 -0.67 16.84
N ASP B 430 0.06 -0.53 18.00
CA ASP B 430 0.28 0.66 18.83
C ASP B 430 -1.01 1.26 19.34
N ASN B 431 -1.97 1.53 18.47
CA ASN B 431 -3.18 2.13 18.99
C ASN B 431 -4.29 1.94 17.95
N GLN B 432 -3.96 1.25 16.87
CA GLN B 432 -4.91 0.86 15.84
C GLN B 432 -5.28 -0.60 16.10
N ARG B 433 -6.58 -0.87 16.14
CA ARG B 433 -7.06 -2.23 16.33
C ARG B 433 -7.11 -2.95 14.99
N VAL B 434 -6.62 -4.19 14.97
CA VAL B 434 -6.32 -4.95 13.76
C VAL B 434 -6.90 -6.36 13.87
N GLU B 435 -6.46 -7.26 12.99
CA GLU B 435 -6.91 -8.64 12.97
C GLU B 435 -6.78 -9.35 14.32
N PRO B 436 -7.52 -10.42 14.54
CA PRO B 436 -7.43 -11.17 15.80
C PRO B 436 -6.24 -12.12 15.82
N GLU B 437 -5.95 -12.65 17.01
CA GLU B 437 -4.87 -13.64 17.11
C GLU B 437 -5.22 -14.91 16.33
N TRP B 438 -6.51 -15.21 16.23
CA TRP B 438 -7.07 -16.12 15.25
C TRP B 438 -8.59 -16.00 15.12
N TYR B 439 -9.06 -16.32 13.92
CA TYR B 439 -10.47 -16.58 13.64
C TYR B 439 -10.79 -18.02 14.00
N ILE B 440 -12.08 -18.33 14.10
CA ILE B 440 -12.49 -19.65 14.55
C ILE B 440 -13.50 -20.25 13.57
N PRO B 441 -13.05 -20.82 12.46
CA PRO B 441 -13.99 -21.30 11.45
C PRO B 441 -14.76 -22.52 11.94
N ILE B 442 -15.86 -22.81 11.26
CA ILE B 442 -16.74 -23.92 11.64
C ILE B 442 -16.14 -25.28 11.33
N ILE B 443 -15.07 -25.34 10.54
CA ILE B 443 -14.32 -26.57 10.33
C ILE B 443 -12.83 -26.22 10.25
N PRO B 444 -11.95 -27.22 10.43
CA PRO B 444 -10.52 -26.92 10.49
C PRO B 444 -9.96 -26.53 9.12
N MET B 445 -9.78 -25.23 8.90
CA MET B 445 -9.30 -24.77 7.61
C MET B 445 -7.84 -25.10 7.40
N VAL B 446 -7.08 -25.25 8.49
CA VAL B 446 -5.69 -25.67 8.37
C VAL B 446 -5.59 -26.99 7.62
N LEU B 447 -6.65 -27.79 7.63
CA LEU B 447 -6.63 -29.07 6.93
C LEU B 447 -7.14 -28.98 5.50
N ILE B 448 -7.87 -27.93 5.15
CA ILE B 448 -8.54 -27.89 3.84
C ILE B 448 -7.61 -27.32 2.76
N ASN B 449 -6.97 -26.18 3.00
CA ASN B 449 -6.04 -25.63 2.04
C ASN B 449 -4.60 -25.95 2.41
N GLY B 450 -4.39 -26.83 3.38
CA GLY B 450 -3.06 -27.24 3.75
C GLY B 450 -2.37 -26.20 4.61
N ALA B 451 -1.07 -26.40 4.75
CA ALA B 451 -0.24 -25.54 5.58
C ALA B 451 1.23 -25.82 5.27
N GLU B 452 2.00 -24.77 5.01
CA GLU B 452 3.42 -24.94 4.73
C GLU B 452 4.17 -23.75 5.30
N GLY B 453 5.36 -24.02 5.85
CA GLY B 453 6.21 -22.96 6.36
C GLY B 453 7.47 -23.47 7.02
N ILE B 454 8.61 -22.84 6.75
CA ILE B 454 9.87 -23.16 7.40
C ILE B 454 10.14 -22.11 8.48
N GLY B 455 10.31 -22.56 9.71
CA GLY B 455 10.60 -21.71 10.84
C GLY B 455 12.05 -21.78 11.26
N THR B 456 12.29 -21.52 12.53
CA THR B 456 13.63 -21.52 13.12
C THR B 456 13.73 -22.77 14.02
N GLY B 457 14.20 -23.87 13.43
CA GLY B 457 14.24 -25.14 14.12
C GLY B 457 12.97 -25.95 14.03
N TRP B 458 11.96 -25.45 13.33
CA TRP B 458 10.74 -26.19 13.05
C TRP B 458 10.35 -25.94 11.60
N ALA B 459 9.60 -26.89 11.03
CA ALA B 459 9.04 -26.72 9.70
C ALA B 459 7.66 -27.36 9.66
N CYS B 460 6.80 -26.84 8.78
CA CYS B 460 5.42 -27.31 8.67
C CYS B 460 5.14 -27.78 7.26
N LYS B 461 4.62 -29.01 7.16
CA LYS B 461 4.13 -29.56 5.91
C LYS B 461 2.80 -30.25 6.20
N LEU B 462 1.76 -29.90 5.46
CA LEU B 462 0.46 -30.51 5.72
C LEU B 462 -0.38 -30.53 4.45
N PRO B 463 -0.83 -31.70 4.00
CA PRO B 463 -1.55 -31.82 2.74
C PRO B 463 -2.99 -31.33 2.84
N ASN B 464 -3.68 -31.36 1.70
CA ASN B 464 -5.07 -30.93 1.59
C ASN B 464 -6.00 -32.10 1.87
N TYR B 465 -7.11 -31.82 2.56
CA TYR B 465 -8.11 -32.82 2.88
C TYR B 465 -9.48 -32.37 2.39
N ASP B 466 -10.37 -33.34 2.17
CA ASP B 466 -11.65 -33.04 1.53
C ASP B 466 -12.60 -32.36 2.49
N ALA B 467 -13.18 -31.24 2.04
CA ALA B 467 -14.04 -30.45 2.89
C ALA B 467 -15.26 -31.24 3.37
N ARG B 468 -15.93 -31.92 2.44
CA ARG B 468 -17.15 -32.65 2.82
C ARG B 468 -16.86 -33.77 3.80
N GLU B 469 -15.70 -34.42 3.66
CA GLU B 469 -15.32 -35.46 4.62
C GLU B 469 -15.15 -34.88 6.02
N ILE B 470 -14.53 -33.71 6.12
CA ILE B 470 -14.31 -33.09 7.43
C ILE B 470 -15.62 -32.65 8.05
N VAL B 471 -16.56 -32.16 7.24
CA VAL B 471 -17.88 -31.83 7.77
C VAL B 471 -18.53 -33.06 8.36
N ASN B 472 -18.48 -34.18 7.63
CA ASN B 472 -19.12 -35.40 8.09
C ASN B 472 -18.44 -35.97 9.32
N ASN B 473 -17.12 -35.79 9.44
CA ASN B 473 -16.45 -36.24 10.66
C ASN B 473 -16.79 -35.34 11.84
N VAL B 474 -16.88 -34.03 11.61
CA VAL B 474 -17.35 -33.12 12.66
C VAL B 474 -18.77 -33.48 13.06
N ARG B 475 -19.63 -33.72 12.07
CA ARG B 475 -20.99 -34.16 12.37
C ARG B 475 -20.99 -35.45 13.17
N ARG B 476 -20.05 -36.35 12.85
CA ARG B 476 -19.99 -37.63 13.56
C ARG B 476 -19.58 -37.43 15.01
N MET B 477 -18.53 -36.64 15.23
CA MET B 477 -18.06 -36.32 16.57
C MET B 477 -19.17 -35.65 17.40
N LEU B 478 -20.04 -34.87 16.76
CA LEU B 478 -21.16 -34.26 17.50
C LEU B 478 -22.16 -35.30 17.98
N ASP B 479 -22.30 -36.41 17.24
CA ASP B 479 -23.19 -37.49 17.63
C ASP B 479 -22.48 -38.52 18.49
N GLY B 480 -21.28 -38.20 18.95
CA GLY B 480 -20.49 -39.12 19.75
C GLY B 480 -19.92 -40.28 18.99
N LEU B 481 -19.95 -40.27 17.66
CA LEU B 481 -19.49 -41.45 16.95
C LEU B 481 -17.98 -41.36 16.71
N ASP B 482 -17.46 -42.37 16.04
CA ASP B 482 -16.04 -42.48 15.73
C ASP B 482 -15.72 -41.77 14.42
N PRO B 483 -14.75 -40.86 14.40
CA PRO B 483 -14.38 -40.21 13.15
C PRO B 483 -13.73 -41.18 12.20
N HIS B 484 -14.01 -41.02 10.92
CA HIS B 484 -13.38 -41.83 9.89
C HIS B 484 -11.93 -41.38 9.70
N PRO B 485 -11.06 -42.29 9.26
CA PRO B 485 -9.71 -41.86 8.87
C PRO B 485 -9.78 -40.96 7.66
N MET B 486 -8.85 -40.01 7.59
CA MET B 486 -8.83 -39.01 6.53
C MET B 486 -7.50 -39.07 5.77
N LEU B 487 -7.58 -39.32 4.48
CA LEU B 487 -6.45 -39.32 3.55
C LEU B 487 -6.41 -37.99 2.78
N PRO B 488 -5.23 -37.59 2.30
CA PRO B 488 -5.15 -36.35 1.51
C PRO B 488 -6.04 -36.43 0.28
N ASN B 489 -6.59 -35.27 -0.08
CA ASN B 489 -7.53 -35.19 -1.20
C ASN B 489 -7.45 -33.79 -1.80
N TYR B 490 -7.19 -33.72 -3.11
CA TYR B 490 -6.99 -32.45 -3.79
C TYR B 490 -8.11 -32.23 -4.79
N LYS B 491 -8.78 -31.08 -4.68
CA LYS B 491 -9.93 -30.78 -5.52
C LYS B 491 -9.54 -30.85 -6.99
N ASN B 492 -10.36 -31.53 -7.79
CA ASN B 492 -10.18 -31.69 -9.22
C ASN B 492 -8.95 -32.52 -9.58
N PHE B 493 -8.26 -33.09 -8.61
CA PHE B 493 -7.13 -33.96 -8.91
C PHE B 493 -7.65 -35.33 -9.36
N LYS B 494 -7.13 -35.81 -10.50
CA LYS B 494 -7.65 -37.00 -11.15
C LYS B 494 -6.81 -38.24 -10.90
N GLY B 495 -5.72 -38.13 -10.15
CA GLY B 495 -4.83 -39.24 -9.88
C GLY B 495 -5.15 -39.95 -8.57
N THR B 496 -4.24 -40.83 -8.18
CA THR B 496 -4.40 -41.65 -6.99
C THR B 496 -3.52 -41.13 -5.86
N ILE B 497 -4.05 -41.18 -4.64
CA ILE B 497 -3.31 -40.88 -3.42
C ILE B 497 -3.47 -42.07 -2.50
N GLN B 498 -2.41 -42.84 -2.31
CA GLN B 498 -2.47 -44.09 -1.57
C GLN B 498 -1.52 -44.08 -0.38
N GLU B 499 -1.95 -44.73 0.69
CA GLU B 499 -1.08 -44.91 1.84
C GLU B 499 0.05 -45.88 1.54
N LEU B 500 1.25 -45.43 1.89
CA LEU B 500 2.51 -46.15 1.76
C LEU B 500 3.09 -46.49 3.13
N GLY B 501 2.38 -46.18 4.21
CA GLY B 501 2.74 -46.40 5.61
C GLY B 501 3.49 -45.24 6.22
N GLN B 502 3.29 -45.09 7.55
CA GLN B 502 4.06 -44.14 8.36
C GLN B 502 3.74 -42.68 8.03
N ASN B 503 2.44 -42.37 7.94
CA ASN B 503 1.98 -41.02 7.60
C ASN B 503 2.61 -40.52 6.31
N GLN B 504 2.92 -41.43 5.38
CA GLN B 504 3.44 -41.07 4.08
C GLN B 504 2.52 -41.63 3.01
N TYR B 505 2.34 -40.85 1.94
CA TYR B 505 1.38 -41.17 0.90
C TYR B 505 2.05 -41.07 -0.46
N ALA B 506 1.56 -41.89 -1.40
CA ALA B 506 2.11 -41.96 -2.75
C ALA B 506 1.12 -41.32 -3.72
N VAL B 507 1.53 -40.22 -4.35
CA VAL B 507 0.70 -39.48 -5.28
C VAL B 507 1.13 -39.84 -6.69
N SER B 508 0.17 -40.31 -7.50
CA SER B 508 0.46 -40.74 -8.86
C SER B 508 -0.45 -40.04 -9.87
N GLY B 509 0.13 -39.63 -10.99
CA GLY B 509 -0.61 -39.16 -12.14
C GLY B 509 -1.21 -40.30 -12.93
N GLU B 510 -1.59 -40.00 -14.17
CA GLU B 510 -2.30 -40.94 -15.03
C GLU B 510 -1.54 -41.12 -16.34
N ILE B 511 -1.33 -42.36 -16.74
CA ILE B 511 -0.66 -42.71 -18.00
C ILE B 511 -1.30 -43.97 -18.55
N PHE B 512 -1.50 -43.99 -19.87
CA PHE B 512 -2.22 -45.09 -20.51
C PHE B 512 -1.61 -45.45 -21.85
N VAL B 513 -1.57 -46.74 -22.14
CA VAL B 513 -1.17 -47.23 -23.45
C VAL B 513 -2.40 -47.25 -24.35
N VAL B 514 -2.30 -46.62 -25.51
CA VAL B 514 -3.42 -46.52 -26.43
C VAL B 514 -3.21 -47.36 -27.69
N ASP B 515 -1.98 -47.51 -28.15
CA ASP B 515 -1.65 -48.42 -29.24
C ASP B 515 -0.22 -48.89 -29.06
N ARG B 516 0.32 -49.55 -30.08
CA ARG B 516 1.62 -50.18 -29.97
C ARG B 516 2.76 -49.18 -29.87
N ASN B 517 2.49 -47.88 -30.12
CA ASN B 517 3.51 -46.84 -30.07
C ASN B 517 3.16 -45.63 -29.21
N THR B 518 1.98 -45.59 -28.60
CA THR B 518 1.53 -44.34 -28.00
C THR B 518 1.04 -44.55 -26.57
N VAL B 519 1.48 -43.67 -25.69
CA VAL B 519 0.94 -43.55 -24.34
C VAL B 519 0.43 -42.13 -24.20
N GLU B 520 -0.56 -41.96 -23.33
CA GLU B 520 -1.17 -40.65 -23.11
C GLU B 520 -1.07 -40.32 -21.64
N ILE B 521 -0.64 -39.11 -21.33
CA ILE B 521 -0.53 -38.62 -19.97
C ILE B 521 -1.63 -37.59 -19.79
N THR B 522 -2.62 -37.93 -18.97
CA THR B 522 -3.78 -37.07 -18.76
C THR B 522 -3.84 -36.48 -17.37
N GLU B 523 -2.89 -36.83 -16.50
CA GLU B 523 -2.84 -36.24 -15.18
C GLU B 523 -1.39 -36.30 -14.69
N LEU B 524 -0.98 -35.24 -14.00
CA LEU B 524 0.31 -35.15 -13.36
C LEU B 524 0.16 -35.18 -11.86
N PRO B 525 1.20 -35.61 -11.14
CA PRO B 525 1.12 -35.63 -9.68
C PRO B 525 0.83 -34.24 -9.14
N VAL B 526 0.09 -34.19 -8.02
CA VAL B 526 -0.25 -32.92 -7.42
C VAL B 526 1.01 -32.09 -7.23
N ARG B 527 0.90 -30.79 -7.54
CA ARG B 527 1.98 -29.80 -7.47
C ARG B 527 3.02 -29.94 -8.58
N THR B 528 2.87 -30.87 -9.51
CA THR B 528 3.77 -30.96 -10.66
C THR B 528 3.16 -30.13 -11.78
N TRP B 529 3.85 -29.05 -12.16
CA TRP B 529 3.32 -28.06 -13.08
C TRP B 529 3.66 -28.42 -14.52
N THR B 530 2.73 -28.08 -15.43
CA THR B 530 2.81 -28.59 -16.80
C THR B 530 4.11 -28.15 -17.48
N GLN B 531 4.48 -26.88 -17.34
CA GLN B 531 5.70 -26.40 -17.98
C GLN B 531 6.94 -27.04 -17.34
N VAL B 532 6.94 -27.18 -16.02
CA VAL B 532 8.08 -27.79 -15.34
C VAL B 532 8.24 -29.24 -15.78
N TYR B 533 7.12 -29.97 -15.86
CA TYR B 533 7.19 -31.36 -16.31
C TYR B 533 7.72 -31.44 -17.73
N LYS B 534 7.23 -30.55 -18.61
CA LYS B 534 7.70 -30.52 -19.99
C LYS B 534 9.20 -30.27 -20.05
N GLU B 535 9.68 -29.23 -19.36
CA GLU B 535 11.09 -28.88 -19.43
C GLU B 535 11.97 -29.94 -18.79
N GLN B 536 11.56 -30.47 -17.64
CA GLN B 536 12.45 -31.27 -16.82
C GLN B 536 12.28 -32.77 -17.00
N VAL B 537 11.14 -33.25 -17.49
CA VAL B 537 10.88 -34.67 -17.67
C VAL B 537 10.81 -35.06 -19.14
N LEU B 538 9.84 -34.49 -19.88
CA LEU B 538 9.63 -34.93 -21.25
C LEU B 538 10.78 -34.53 -22.16
N GLU B 539 11.19 -33.26 -22.11
CA GLU B 539 12.19 -32.77 -23.05
C GLU B 539 13.50 -33.53 -22.96
N PRO B 540 14.09 -33.73 -21.78
CA PRO B 540 15.30 -34.57 -21.72
C PRO B 540 15.08 -35.99 -22.21
N MET B 541 13.90 -36.57 -22.01
CA MET B 541 13.63 -37.90 -22.58
C MET B 541 13.63 -37.92 -24.09
N LEU B 542 13.55 -36.77 -24.76
CA LEU B 542 13.56 -36.79 -26.22
C LEU B 542 14.97 -36.64 -26.79
N ASN B 543 15.97 -36.38 -25.96
CA ASN B 543 17.33 -36.17 -26.44
C ASN B 543 18.35 -36.92 -25.58
N ALA B 550 17.94 -41.47 -25.26
CA ALA B 550 16.63 -40.93 -25.58
C ALA B 550 15.59 -42.04 -25.54
N LEU B 551 14.46 -41.78 -24.88
CA LEU B 551 13.48 -42.83 -24.66
C LEU B 551 12.33 -42.75 -25.65
N ILE B 552 11.88 -41.53 -25.93
CA ILE B 552 10.70 -41.28 -26.76
C ILE B 552 11.19 -40.69 -28.07
N SER B 553 10.36 -40.86 -29.10
CA SER B 553 10.69 -40.34 -30.43
C SER B 553 9.88 -39.10 -30.79
N ASP B 554 8.88 -38.73 -30.00
CA ASP B 554 8.09 -37.52 -30.26
C ASP B 554 7.05 -37.38 -29.16
N TYR B 555 6.52 -36.17 -29.03
CA TYR B 555 5.35 -35.95 -28.17
C TYR B 555 4.67 -34.66 -28.58
N LYS B 556 3.34 -34.66 -28.49
CA LYS B 556 2.50 -33.49 -28.76
C LYS B 556 1.72 -33.11 -27.51
N GLU B 557 1.28 -31.86 -27.47
CA GLU B 557 0.59 -31.30 -26.33
C GLU B 557 -0.86 -30.95 -26.69
N TYR B 558 -1.77 -31.26 -25.77
CA TYR B 558 -3.19 -30.97 -25.95
C TYR B 558 -3.79 -30.46 -24.65
N HIS B 559 -3.01 -29.65 -23.93
CA HIS B 559 -3.45 -29.12 -22.65
C HIS B 559 -4.53 -28.06 -22.83
N THR B 560 -5.28 -27.84 -21.78
CA THR B 560 -6.02 -26.62 -21.54
C THR B 560 -5.36 -25.92 -20.35
N ASP B 561 -5.95 -24.81 -19.90
CA ASP B 561 -5.38 -24.14 -18.74
C ASP B 561 -5.55 -24.94 -17.47
N THR B 562 -6.44 -25.94 -17.45
CA THR B 562 -6.76 -26.68 -16.24
C THR B 562 -6.61 -28.19 -16.37
N THR B 563 -6.17 -28.71 -17.52
CA THR B 563 -6.06 -30.14 -17.71
C THR B 563 -4.76 -30.44 -18.45
N VAL B 564 -4.29 -31.68 -18.32
CA VAL B 564 -3.04 -32.11 -18.91
C VAL B 564 -3.34 -33.19 -19.94
N LYS B 565 -2.66 -33.13 -21.08
CA LYS B 565 -2.71 -34.22 -22.05
C LYS B 565 -1.46 -34.17 -22.92
N PHE B 566 -0.59 -35.15 -22.72
CA PHE B 566 0.54 -35.40 -23.60
C PHE B 566 0.25 -36.69 -24.36
N VAL B 567 0.48 -36.67 -25.67
CA VAL B 567 0.51 -37.89 -26.47
C VAL B 567 1.97 -38.13 -26.81
N VAL B 568 2.51 -39.22 -26.30
CA VAL B 568 3.93 -39.54 -26.41
C VAL B 568 4.09 -40.77 -27.30
N LYS B 569 5.01 -40.68 -28.25
CA LYS B 569 5.26 -41.74 -29.22
C LYS B 569 6.61 -42.39 -28.92
N MET B 570 6.65 -43.72 -29.05
CA MET B 570 7.84 -44.50 -28.75
C MET B 570 7.98 -45.64 -29.76
N THR B 571 9.21 -46.11 -29.94
CA THR B 571 9.40 -47.36 -30.64
C THR B 571 8.83 -48.50 -29.81
N GLU B 572 8.37 -49.56 -30.49
CA GLU B 572 7.68 -50.64 -29.79
C GLU B 572 8.54 -51.22 -28.67
N GLU B 573 9.84 -51.41 -28.93
CA GLU B 573 10.71 -51.98 -27.91
C GLU B 573 10.88 -51.03 -26.73
N LYS B 574 11.03 -49.73 -27.01
CA LYS B 574 11.17 -48.77 -25.92
C LYS B 574 9.93 -48.75 -25.05
N LEU B 575 8.75 -48.78 -25.68
CA LEU B 575 7.51 -48.85 -24.92
C LEU B 575 7.44 -50.14 -24.10
N ALA B 576 7.84 -51.27 -24.69
CA ALA B 576 7.79 -52.53 -23.98
C ALA B 576 8.68 -52.49 -22.75
N GLN B 577 9.90 -51.96 -22.91
CA GLN B 577 10.77 -51.75 -21.75
C GLN B 577 10.07 -50.88 -20.71
N ALA B 578 9.49 -49.75 -21.15
CA ALA B 578 8.84 -48.86 -20.20
C ALA B 578 7.68 -49.55 -19.50
N GLU B 579 6.91 -50.34 -20.24
CA GLU B 579 5.82 -51.10 -19.62
C GLU B 579 6.34 -52.03 -18.54
N ALA B 580 7.58 -52.50 -18.68
CA ALA B 580 8.13 -53.46 -17.72
C ALA B 580 8.79 -52.79 -16.53
N ALA B 581 9.29 -51.56 -16.69
CA ALA B 581 9.81 -50.83 -15.53
C ALA B 581 8.73 -50.12 -14.73
N GLY B 582 7.52 -49.96 -15.30
CA GLY B 582 6.49 -49.20 -14.62
C GLY B 582 6.34 -47.84 -15.27
N LEU B 583 5.25 -47.63 -16.02
CA LEU B 583 5.09 -46.39 -16.78
C LEU B 583 5.18 -45.17 -15.88
N HIS B 584 4.55 -45.21 -14.71
CA HIS B 584 4.60 -44.06 -13.81
C HIS B 584 6.03 -43.76 -13.38
N LYS B 585 6.82 -44.79 -13.10
CA LYS B 585 8.22 -44.56 -12.72
C LYS B 585 9.00 -43.97 -13.89
N VAL B 586 8.88 -44.56 -15.07
CA VAL B 586 9.69 -44.12 -16.21
C VAL B 586 9.40 -42.66 -16.53
N PHE B 587 8.13 -42.28 -16.47
CA PHE B 587 7.73 -40.92 -16.83
C PHE B 587 7.63 -40.00 -15.62
N LYS B 588 8.11 -40.45 -14.46
CA LYS B 588 8.23 -39.59 -13.28
C LYS B 588 6.91 -38.90 -12.95
N LEU B 589 5.85 -39.72 -12.88
CA LEU B 589 4.52 -39.31 -12.44
C LEU B 589 4.24 -39.77 -11.01
N GLN B 590 5.28 -39.97 -10.22
CA GLN B 590 5.19 -40.44 -8.84
C GLN B 590 5.80 -39.40 -7.91
N THR B 591 5.04 -38.96 -6.92
CA THR B 591 5.57 -38.14 -5.84
C THR B 591 4.91 -38.53 -4.53
N THR B 592 5.61 -38.26 -3.42
CA THR B 592 5.19 -38.68 -2.10
C THR B 592 4.89 -37.48 -1.21
N LEU B 593 3.82 -37.61 -0.43
CA LEU B 593 3.42 -36.62 0.57
C LEU B 593 3.70 -37.17 1.96
N THR B 594 4.05 -36.28 2.89
CA THR B 594 4.41 -36.66 4.24
C THR B 594 3.49 -36.00 5.26
N CYS B 595 3.23 -36.72 6.36
CA CYS B 595 2.55 -36.19 7.53
C CYS B 595 3.45 -36.22 8.76
N ASN B 596 4.76 -36.24 8.56
CA ASN B 596 5.71 -36.39 9.65
C ASN B 596 6.22 -35.06 10.19
N SER B 597 5.78 -33.94 9.63
CA SER B 597 6.18 -32.62 10.09
C SER B 597 4.97 -31.68 10.16
N MET B 598 3.87 -32.14 10.76
CA MET B 598 2.69 -31.29 10.93
C MET B 598 2.85 -30.50 12.23
N VAL B 599 3.58 -29.40 12.12
CA VAL B 599 3.82 -28.49 13.24
C VAL B 599 2.90 -27.30 13.09
N LEU B 600 2.27 -26.91 14.20
CA LEU B 600 1.31 -25.82 14.18
C LEU B 600 1.24 -25.18 15.55
N PHE B 601 0.73 -23.95 15.57
CA PHE B 601 0.47 -23.25 16.81
C PHE B 601 -0.89 -23.68 17.36
N ASP B 602 -0.90 -24.12 18.61
CA ASP B 602 -2.18 -24.36 19.27
C ASP B 602 -2.84 -23.03 19.61
N HIS B 603 -4.09 -23.09 20.07
CA HIS B 603 -4.85 -21.87 20.31
C HIS B 603 -4.17 -20.94 21.31
N MET B 604 -3.09 -21.38 21.95
CA MET B 604 -2.40 -20.57 22.95
C MET B 604 -1.03 -20.08 22.46
N GLY B 605 -0.78 -20.13 21.15
CA GLY B 605 0.43 -19.59 20.59
C GLY B 605 1.67 -20.44 20.77
N CYS B 606 1.52 -21.69 21.21
CA CYS B 606 2.64 -22.55 21.53
C CYS B 606 2.80 -23.59 20.43
N LEU B 607 4.01 -23.67 19.87
CA LEU B 607 4.27 -24.64 18.82
C LEU B 607 4.11 -26.06 19.35
N LYS B 608 3.57 -26.93 18.51
CA LYS B 608 3.31 -28.32 18.86
C LYS B 608 3.40 -29.17 17.61
N LYS B 609 3.93 -30.39 17.75
CA LYS B 609 3.90 -31.35 16.66
C LYS B 609 2.67 -32.22 16.79
N TYR B 610 1.98 -32.44 15.68
CA TYR B 610 0.78 -33.24 15.64
C TYR B 610 1.06 -34.51 14.86
N GLU B 611 0.60 -35.66 15.40
CA GLU B 611 0.99 -36.94 14.83
C GLU B 611 0.03 -37.43 13.75
N THR B 612 -1.25 -37.11 13.85
CA THR B 612 -2.22 -37.44 12.81
C THR B 612 -3.14 -36.25 12.64
N VAL B 613 -3.75 -36.14 11.45
CA VAL B 613 -4.77 -35.11 11.26
C VAL B 613 -5.93 -35.30 12.23
N GLN B 614 -6.19 -36.54 12.66
CA GLN B 614 -7.24 -36.76 13.64
C GLN B 614 -6.94 -36.03 14.94
N ASP B 615 -5.66 -35.98 15.33
CA ASP B 615 -5.27 -35.19 16.50
C ASP B 615 -5.55 -33.71 16.27
N ILE B 616 -5.26 -33.21 15.06
CA ILE B 616 -5.56 -31.82 14.75
C ILE B 616 -7.06 -31.57 14.81
N LEU B 617 -7.84 -32.49 14.23
CA LEU B 617 -9.28 -32.29 14.18
C LEU B 617 -9.91 -32.31 15.57
N LYS B 618 -9.33 -33.09 16.48
CA LYS B 618 -9.89 -33.17 17.83
C LYS B 618 -9.57 -31.91 18.63
N GLU B 619 -8.31 -31.47 18.61
CA GLU B 619 -7.95 -30.26 19.33
C GLU B 619 -8.75 -29.07 18.82
N PHE B 620 -8.89 -28.97 17.49
CA PHE B 620 -9.78 -27.97 16.93
C PHE B 620 -11.22 -28.18 17.41
N PHE B 621 -11.71 -29.42 17.32
CA PHE B 621 -13.12 -29.68 17.56
C PHE B 621 -13.53 -29.25 18.96
N ASP B 622 -12.72 -29.57 19.97
CA ASP B 622 -13.10 -29.21 21.34
C ASP B 622 -13.14 -27.70 21.49
N LEU B 623 -12.14 -27.00 20.94
CA LEU B 623 -12.11 -25.55 21.04
C LEU B 623 -13.30 -24.93 20.32
N ARG B 624 -13.59 -25.39 19.10
CA ARG B 624 -14.67 -24.83 18.31
C ARG B 624 -16.01 -25.05 18.98
N LEU B 625 -16.22 -26.24 19.57
CA LEU B 625 -17.46 -26.50 20.29
C LEU B 625 -17.59 -25.59 21.50
N SER B 626 -16.47 -25.29 22.16
CA SER B 626 -16.50 -24.32 23.26
C SER B 626 -16.98 -22.96 22.77
N TYR B 627 -16.48 -22.51 21.62
CA TYR B 627 -16.86 -21.19 21.14
C TYR B 627 -18.29 -21.14 20.63
N TYR B 628 -18.89 -22.30 20.32
CA TYR B 628 -20.32 -22.29 20.03
C TYR B 628 -21.12 -22.02 21.30
N GLY B 629 -20.65 -22.52 22.44
CA GLY B 629 -21.26 -22.12 23.70
C GLY B 629 -21.07 -20.66 24.01
N LEU B 630 -19.86 -20.14 23.76
CA LEU B 630 -19.63 -18.70 23.92
C LEU B 630 -20.52 -17.90 23.00
N ARG B 631 -20.76 -18.40 21.78
CA ARG B 631 -21.63 -17.67 20.85
C ARG B 631 -23.07 -17.66 21.34
N LYS B 632 -23.56 -18.79 21.88
CA LYS B 632 -24.94 -18.79 22.37
C LYS B 632 -25.11 -17.85 23.56
N GLU B 633 -24.14 -17.84 24.48
CA GLU B 633 -24.23 -16.92 25.60
C GLU B 633 -24.24 -15.48 25.11
N TRP B 634 -23.36 -15.17 24.15
CA TRP B 634 -23.35 -13.82 23.60
C TRP B 634 -24.69 -13.47 22.97
N LEU B 635 -25.22 -14.38 22.15
CA LEU B 635 -26.48 -14.12 21.47
C LEU B 635 -27.62 -13.92 22.47
N VAL B 636 -27.66 -14.72 23.54
CA VAL B 636 -28.75 -14.58 24.50
C VAL B 636 -28.75 -13.19 25.10
N GLY B 637 -27.58 -12.67 25.44
CA GLY B 637 -27.52 -11.33 26.00
C GLY B 637 -27.83 -10.26 24.97
N MET B 638 -27.17 -10.32 23.81
CA MET B 638 -27.39 -9.32 22.78
C MET B 638 -28.82 -9.36 22.24
N LEU B 639 -29.34 -10.57 22.00
CA LEU B 639 -30.70 -10.68 21.47
C LEU B 639 -31.71 -10.16 22.48
N GLY B 640 -31.54 -10.53 23.76
CA GLY B 640 -32.42 -9.99 24.78
C GLY B 640 -32.32 -8.48 24.90
N ALA B 641 -31.10 -7.95 24.75
CA ALA B 641 -30.90 -6.50 24.73
C ALA B 641 -31.59 -5.87 23.53
N GLU B 642 -31.36 -6.42 22.32
CA GLU B 642 -32.01 -5.88 21.15
C GLU B 642 -33.53 -5.93 21.30
N SER B 643 -34.05 -6.96 21.98
CA SER B 643 -35.48 -7.09 22.15
C SER B 643 -36.03 -5.95 23.01
N THR B 644 -35.36 -5.63 24.12
CA THR B 644 -35.81 -4.54 24.96
C THR B 644 -35.71 -3.20 24.22
N LYS B 645 -34.61 -2.99 23.50
CA LYS B 645 -34.47 -1.82 22.63
C LYS B 645 -35.73 -1.62 21.78
N LEU B 646 -36.08 -2.64 20.98
CA LEU B 646 -37.24 -2.53 20.11
C LEU B 646 -38.53 -2.34 20.92
N ASN B 647 -38.65 -3.04 22.05
CA ASN B 647 -39.84 -2.87 22.90
C ASN B 647 -40.06 -1.40 23.23
N ASN B 648 -39.00 -0.70 23.61
CA ASN B 648 -39.12 0.70 23.97
C ASN B 648 -39.31 1.59 22.74
N GLN B 649 -38.58 1.29 21.67
CA GLN B 649 -38.76 2.06 20.44
C GLN B 649 -40.20 2.00 19.97
N ALA B 650 -40.74 0.78 19.81
CA ALA B 650 -42.12 0.63 19.37
C ALA B 650 -43.08 1.27 20.36
N ARG B 651 -42.79 1.14 21.65
CA ARG B 651 -43.69 1.71 22.66
C ARG B 651 -43.78 3.22 22.50
N PHE B 652 -42.63 3.88 22.29
CA PHE B 652 -42.64 5.33 22.08
C PHE B 652 -43.46 5.71 20.85
N ILE B 653 -43.18 5.09 19.71
CA ILE B 653 -43.91 5.43 18.49
C ILE B 653 -45.41 5.30 18.74
N LEU B 654 -45.80 4.21 19.41
CA LEU B 654 -47.22 3.98 19.69
C LEU B 654 -47.78 5.07 20.61
N GLU B 655 -47.04 5.42 21.67
CA GLU B 655 -47.56 6.46 22.56
C GLU B 655 -47.62 7.80 21.84
N LYS B 656 -46.72 8.02 20.88
CA LYS B 656 -46.73 9.26 20.11
C LYS B 656 -47.91 9.32 19.15
N ILE B 657 -48.11 8.28 18.36
CA ILE B 657 -49.22 8.30 17.38
C ILE B 657 -50.55 8.44 18.10
N GLN B 658 -50.67 7.88 19.31
CA GLN B 658 -51.93 7.93 20.03
C GLN B 658 -52.05 9.12 20.96
N GLY B 659 -51.03 9.99 21.02
CA GLY B 659 -51.16 11.23 21.74
C GLY B 659 -50.94 11.14 23.24
N LYS B 660 -50.44 10.01 23.75
CA LYS B 660 -50.21 9.88 25.18
C LYS B 660 -48.91 10.55 25.61
N ILE B 661 -48.07 10.94 24.66
CA ILE B 661 -46.81 11.64 24.92
C ILE B 661 -46.68 12.72 23.85
N THR B 662 -46.05 13.84 24.18
CA THR B 662 -45.83 14.84 23.16
C THR B 662 -44.37 15.29 23.18
N ILE B 663 -43.84 15.54 21.99
CA ILE B 663 -42.46 15.93 21.78
C ILE B 663 -42.32 17.39 21.34
N GLU B 664 -43.34 17.96 20.72
CA GLU B 664 -43.25 19.28 20.13
C GLU B 664 -43.07 20.39 21.18
N ASN B 665 -42.19 21.33 20.86
CA ASN B 665 -41.86 22.46 21.75
C ASN B 665 -41.69 22.03 23.20
N ARG B 666 -40.84 21.03 23.39
CA ARG B 666 -40.42 20.67 24.74
C ARG B 666 -38.90 20.69 24.77
N SER B 667 -38.36 21.10 25.92
CA SER B 667 -36.91 21.15 26.07
C SER B 667 -36.34 19.74 26.13
N LYS B 668 -35.04 19.63 25.84
CA LYS B 668 -34.40 18.32 25.93
C LYS B 668 -34.41 17.81 27.36
N LYS B 669 -34.20 18.71 28.33
N LYS B 669 -34.19 18.71 28.33
CA LYS B 669 -34.28 18.30 29.73
CA LYS B 669 -34.29 18.33 29.73
C LYS B 669 -35.71 17.89 30.10
C LYS B 669 -35.71 17.88 30.08
N ASP B 670 -36.71 18.63 29.61
CA ASP B 670 -38.10 18.25 29.85
C ASP B 670 -38.39 16.88 29.23
N LEU B 671 -37.96 16.69 28.00
CA LEU B 671 -38.27 15.46 27.28
C LEU B 671 -37.63 14.26 27.97
N ILE B 672 -36.36 14.39 28.36
CA ILE B 672 -35.69 13.28 29.03
C ILE B 672 -36.42 12.92 30.33
N GLN B 673 -36.81 13.90 31.17
CA GLN B 673 -37.49 13.48 32.39
C GLN B 673 -38.82 12.82 32.09
N MET B 674 -39.51 13.25 31.04
N MET B 674 -39.51 13.26 31.04
CA MET B 674 -40.79 12.62 30.73
CA MET B 674 -40.79 12.62 30.72
C MET B 674 -40.61 11.14 30.41
C MET B 674 -40.60 11.15 30.42
N LEU B 675 -39.57 10.82 29.64
CA LEU B 675 -39.29 9.42 29.35
C LEU B 675 -38.99 8.64 30.64
N VAL B 676 -38.27 9.28 31.57
CA VAL B 676 -37.94 8.62 32.83
C VAL B 676 -39.21 8.36 33.64
N GLN B 677 -40.09 9.36 33.78
CA GLN B 677 -41.30 9.10 34.55
C GLN B 677 -42.29 8.21 33.80
N ARG B 678 -42.20 8.11 32.47
CA ARG B 678 -43.00 7.10 31.79
C ARG B 678 -42.32 5.74 31.78
N GLY B 679 -41.12 5.64 32.35
CA GLY B 679 -40.51 4.34 32.57
C GLY B 679 -39.80 3.75 31.38
N TYR B 680 -39.44 4.56 30.40
CA TYR B 680 -38.65 4.07 29.28
C TYR B 680 -37.24 3.74 29.75
N GLU B 681 -36.59 2.82 29.05
CA GLU B 681 -35.30 2.32 29.48
C GLU B 681 -34.20 2.98 28.67
N SER B 682 -33.07 3.22 29.34
CA SER B 682 -31.90 3.71 28.64
C SER B 682 -31.42 2.66 27.64
N ASP B 683 -30.70 3.12 26.62
CA ASP B 683 -30.34 2.26 25.49
C ASP B 683 -29.86 0.91 26.00
N PRO B 684 -30.65 -0.14 25.83
CA PRO B 684 -30.28 -1.43 26.41
C PRO B 684 -29.10 -2.09 25.72
N VAL B 685 -29.01 -1.95 24.39
CA VAL B 685 -27.86 -2.51 23.68
C VAL B 685 -26.57 -1.82 24.13
N LYS B 686 -26.61 -0.50 24.28
CA LYS B 686 -25.44 0.21 24.76
C LYS B 686 -25.11 -0.20 26.20
N ALA B 687 -26.13 -0.37 27.03
CA ALA B 687 -25.91 -0.87 28.38
C ALA B 687 -25.27 -2.24 28.36
N TRP B 688 -25.81 -3.16 27.57
CA TRP B 688 -25.28 -4.52 27.55
C TRP B 688 -23.83 -4.55 27.07
N LYS B 689 -23.51 -3.78 26.03
CA LYS B 689 -22.14 -3.76 25.54
C LYS B 689 -21.20 -3.23 26.61
N GLU B 690 -21.63 -2.21 27.36
CA GLU B 690 -20.81 -1.71 28.46
C GLU B 690 -20.62 -2.77 29.54
N ALA B 691 -21.68 -3.53 29.85
CA ALA B 691 -21.55 -4.61 30.82
C ALA B 691 -20.57 -5.68 30.34
N GLN B 692 -20.63 -6.03 29.06
CA GLN B 692 -19.68 -7.00 28.53
C GLN B 692 -18.25 -6.48 28.63
N GLU B 693 -18.02 -5.24 28.20
CA GLU B 693 -16.67 -4.69 28.20
C GLU B 693 -16.13 -4.45 29.60
N LYS B 694 -17.00 -4.29 30.60
CA LYS B 694 -16.53 -4.15 31.97
C LYS B 694 -15.87 -5.43 32.47
N ALA B 695 -16.56 -6.54 32.33
CA ALA B 695 -16.05 -7.83 32.80
C ALA B 695 -14.84 -8.27 31.99
N SER B 716 -22.97 9.97 31.39
CA SER B 716 -23.76 11.11 31.82
C SER B 716 -25.04 10.67 32.54
N GLY B 717 -26.16 10.79 31.84
CA GLY B 717 -27.44 10.32 32.34
C GLY B 717 -28.07 9.30 31.41
N PRO B 718 -29.40 9.20 31.47
CA PRO B 718 -30.10 8.23 30.62
C PRO B 718 -29.89 8.54 29.14
N ASP B 719 -29.74 7.50 28.33
CA ASP B 719 -29.51 7.62 26.90
C ASP B 719 -30.77 7.18 26.16
N PHE B 720 -31.45 8.13 25.54
CA PHE B 720 -32.64 7.87 24.74
C PHE B 720 -32.44 8.17 23.26
N ASN B 721 -31.20 8.35 22.82
CA ASN B 721 -30.97 8.68 21.41
C ASN B 721 -31.52 7.59 20.50
N TYR B 722 -31.47 6.34 20.95
CA TYR B 722 -31.99 5.24 20.13
C TYR B 722 -33.48 5.41 19.83
N ILE B 723 -34.20 6.18 20.64
CA ILE B 723 -35.60 6.47 20.35
C ILE B 723 -35.75 7.74 19.52
N LEU B 724 -35.09 8.82 19.92
CA LEU B 724 -35.32 10.12 19.33
C LEU B 724 -34.49 10.39 18.09
N ASN B 725 -33.51 9.53 17.79
CA ASN B 725 -32.79 9.64 16.53
C ASN B 725 -33.58 9.03 15.38
N MET B 726 -34.68 8.35 15.68
CA MET B 726 -35.52 7.78 14.63
C MET B 726 -36.07 8.90 13.75
N SER B 727 -36.20 8.61 12.46
CA SER B 727 -36.65 9.62 11.52
C SER B 727 -38.11 9.96 11.77
N LEU B 728 -38.51 11.16 11.33
CA LEU B 728 -39.92 11.49 11.31
C LEU B 728 -40.71 10.44 10.53
N TRP B 729 -40.10 9.85 9.50
CA TRP B 729 -40.77 8.80 8.72
C TRP B 729 -41.35 7.73 9.63
N SER B 730 -40.64 7.38 10.70
CA SER B 730 -41.02 6.25 11.54
C SER B 730 -42.37 6.46 12.22
N LEU B 731 -42.96 7.65 12.13
CA LEU B 731 -44.29 7.90 12.64
C LEU B 731 -45.39 7.62 11.62
N THR B 732 -45.04 7.21 10.41
CA THR B 732 -46.00 7.01 9.34
C THR B 732 -46.44 5.55 9.29
N LYS B 733 -47.69 5.35 8.81
CA LYS B 733 -48.37 4.06 8.90
C LYS B 733 -47.49 2.87 8.54
N GLU B 734 -46.93 2.85 7.33
CA GLU B 734 -46.18 1.67 6.90
C GLU B 734 -44.96 1.43 7.79
N LYS B 735 -44.35 2.50 8.30
CA LYS B 735 -43.20 2.33 9.18
C LYS B 735 -43.61 1.88 10.58
N VAL B 736 -44.78 2.32 11.07
CA VAL B 736 -45.28 1.79 12.34
C VAL B 736 -45.49 0.30 12.22
N GLU B 737 -46.16 -0.14 11.14
CA GLU B 737 -46.37 -1.56 10.94
C GLU B 737 -45.04 -2.29 10.83
N GLU B 738 -44.08 -1.72 10.11
CA GLU B 738 -42.80 -2.39 9.93
C GLU B 738 -42.04 -2.51 11.25
N LEU B 739 -42.11 -1.47 12.08
CA LEU B 739 -41.42 -1.51 13.37
C LEU B 739 -42.02 -2.59 14.28
N ILE B 740 -43.36 -2.64 14.35
CA ILE B 740 -44.01 -3.63 15.22
C ILE B 740 -43.62 -5.05 14.81
N LYS B 741 -43.61 -5.32 13.50
CA LYS B 741 -43.16 -6.62 13.02
C LYS B 741 -41.72 -6.89 13.44
N GLN B 742 -40.86 -5.87 13.36
CA GLN B 742 -39.47 -6.05 13.80
C GLN B 742 -39.40 -6.43 15.27
N ARG B 743 -40.22 -5.79 16.11
CA ARG B 743 -40.21 -6.08 17.53
C ARG B 743 -40.68 -7.50 17.80
N ASP B 744 -41.81 -7.89 17.21
CA ASP B 744 -42.34 -9.22 17.44
C ASP B 744 -41.38 -10.30 16.94
N ALA B 745 -40.66 -10.04 15.85
CA ALA B 745 -39.71 -11.02 15.34
C ALA B 745 -38.55 -11.21 16.31
N LYS B 746 -38.02 -10.11 16.87
CA LYS B 746 -36.93 -10.23 17.82
C LYS B 746 -37.36 -11.00 19.06
N GLY B 747 -38.61 -10.83 19.49
CA GLY B 747 -39.12 -11.64 20.58
C GLY B 747 -39.08 -13.12 20.26
N ARG B 748 -39.51 -13.49 19.06
CA ARG B 748 -39.42 -14.87 18.62
C ARG B 748 -37.97 -15.34 18.56
N GLU B 749 -37.09 -14.51 17.98
CA GLU B 749 -35.70 -14.92 17.79
C GLU B 749 -35.06 -15.30 19.12
N VAL B 750 -35.43 -14.64 20.20
CA VAL B 750 -34.88 -14.98 21.52
C VAL B 750 -35.36 -16.37 21.96
N ASN B 751 -36.67 -16.62 21.85
CA ASN B 751 -37.23 -17.91 22.27
C ASN B 751 -36.69 -19.05 21.42
N ASP B 752 -36.55 -18.79 20.13
CA ASP B 752 -36.04 -19.77 19.17
C ASP B 752 -34.62 -20.19 19.53
N LEU B 753 -33.80 -19.24 19.95
CA LEU B 753 -32.42 -19.58 20.29
C LEU B 753 -32.32 -20.30 21.64
N LYS B 754 -33.16 -19.93 22.61
CA LYS B 754 -33.10 -20.55 23.92
C LYS B 754 -33.34 -22.06 23.85
N ARG B 755 -34.08 -22.54 22.85
CA ARG B 755 -34.39 -23.96 22.73
C ARG B 755 -33.36 -24.74 21.92
N LYS B 756 -32.25 -24.10 21.54
CA LYS B 756 -31.20 -24.71 20.73
C LYS B 756 -29.93 -24.89 21.57
N SER B 757 -29.23 -26.01 21.33
CA SER B 757 -27.95 -26.27 21.96
C SER B 757 -26.81 -25.66 21.17
N PRO B 758 -25.62 -25.53 21.78
CA PRO B 758 -24.46 -25.12 20.98
C PRO B 758 -24.21 -26.03 19.80
N SER B 759 -24.46 -27.34 19.96
CA SER B 759 -24.31 -28.26 18.85
C SER B 759 -25.34 -27.97 17.75
N ASP B 760 -26.58 -27.65 18.13
CA ASP B 760 -27.59 -27.32 17.13
C ASP B 760 -27.14 -26.14 16.28
N LEU B 761 -26.60 -25.10 16.92
CA LEU B 761 -26.07 -23.96 16.18
C LEU B 761 -24.96 -24.40 15.24
N TRP B 762 -24.05 -25.25 15.72
CA TRP B 762 -22.97 -25.73 14.88
C TRP B 762 -23.49 -26.51 13.68
N LYS B 763 -24.43 -27.43 13.91
CA LYS B 763 -25.01 -28.18 12.80
C LYS B 763 -25.71 -27.25 11.82
N GLU B 764 -26.37 -26.20 12.32
CA GLU B 764 -26.99 -25.22 11.44
C GLU B 764 -25.98 -24.64 10.45
N ASP B 765 -24.83 -24.17 10.96
CA ASP B 765 -23.83 -23.57 10.09
C ASP B 765 -23.28 -24.58 9.09
N LEU B 766 -23.04 -25.81 9.53
CA LEU B 766 -22.50 -26.82 8.61
C LEU B 766 -23.45 -27.04 7.42
N ALA B 767 -24.76 -27.10 7.68
CA ALA B 767 -25.72 -27.26 6.60
C ALA B 767 -25.65 -26.08 5.64
N ALA B 768 -25.70 -24.85 6.16
CA ALA B 768 -25.63 -23.67 5.31
C ALA B 768 -24.35 -23.65 4.48
N PHE B 769 -23.25 -24.14 5.06
CA PHE B 769 -21.99 -24.16 4.33
C PHE B 769 -22.05 -25.14 3.17
N VAL B 770 -22.48 -26.37 3.44
CA VAL B 770 -22.46 -27.41 2.41
C VAL B 770 -23.37 -27.02 1.26
N GLU B 771 -24.54 -26.43 1.56
CA GLU B 771 -25.47 -26.07 0.49
C GLU B 771 -24.80 -25.13 -0.48
N GLU B 772 -24.19 -24.06 0.03
CA GLU B 772 -23.48 -23.09 -0.81
C GLU B 772 -22.25 -23.74 -1.45
N LEU B 773 -21.58 -24.63 -0.73
CA LEU B 773 -20.44 -25.32 -1.33
C LEU B 773 -20.89 -26.13 -2.53
N ASP B 774 -22.00 -26.85 -2.39
CA ASP B 774 -22.57 -27.57 -3.54
C ASP B 774 -22.84 -26.62 -4.69
N LYS B 775 -23.56 -25.53 -4.41
CA LYS B 775 -23.95 -24.59 -5.44
C LYS B 775 -22.75 -23.97 -6.13
N VAL B 776 -21.79 -23.48 -5.33
CA VAL B 776 -20.62 -22.81 -5.90
C VAL B 776 -19.77 -23.78 -6.72
N GLU B 777 -19.58 -24.99 -6.21
CA GLU B 777 -18.63 -25.90 -6.86
C GLU B 777 -19.16 -26.48 -8.16
N SER B 778 -20.48 -26.69 -8.25
CA SER B 778 -21.05 -27.06 -9.54
C SER B 778 -21.05 -25.87 -10.49
N GLN B 779 -21.26 -24.67 -9.97
CA GLN B 779 -21.17 -23.47 -10.79
C GLN B 779 -19.80 -23.39 -11.46
N GLU B 780 -18.75 -23.74 -10.73
CA GLU B 780 -17.41 -23.75 -11.31
C GLU B 780 -17.30 -24.77 -12.44
N ARG B 781 -17.87 -25.96 -12.26
CA ARG B 781 -17.74 -26.99 -13.27
C ARG B 781 -18.49 -26.61 -14.55
N GLU B 782 -19.68 -26.04 -14.43
CA GLU B 782 -20.38 -25.54 -15.61
C GLU B 782 -19.54 -24.53 -16.38
N ASP B 783 -18.88 -23.62 -15.67
CA ASP B 783 -18.10 -22.55 -16.29
C ASP B 783 -16.76 -23.02 -16.83
N GLY B 784 -16.52 -24.33 -16.92
CA GLY B 784 -15.25 -24.82 -17.44
C GLY B 784 -15.29 -25.41 -18.83
N ALA B 785 -16.46 -25.82 -19.29
CA ALA B 785 -16.60 -26.35 -20.64
C ALA B 785 -17.99 -26.08 -21.18
#